data_6IV8
#
_entry.id   6IV8
#
_cell.length_a   65.164
_cell.length_b   145.733
_cell.length_c   249.383
_cell.angle_alpha   90.000
_cell.angle_beta   90.000
_cell.angle_gamma   90.000
#
_symmetry.space_group_name_H-M   'P 21 21 21'
#
loop_
_entity.id
_entity.type
_entity.pdbx_description
1 polymer 'The selenomethionine (SeMet)-labeled Cas13d'
2 polymer 'RNA (51-MER)'
3 polymer 'RNA (53-MER)'
4 non-polymer 'MAGNESIUM ION'
5 water water
#
loop_
_entity_poly.entity_id
_entity_poly.type
_entity_poly.pdbx_seq_one_letter_code
_entity_poly.pdbx_strand_id
1 'polypeptide(L)'
;(MSE)AKKNK(MSE)KPRELREAQKKARQLKAAEINNNAAPAIAA(MSE)PAAEVIAPVAEKKKSSVKAAG(MSE)KSIL
VSENK(MSE)YITSFGKGNSAVLEYEVDNNDYNKTQLSSKDNSNIELGDVNEVNITFSSKHGFGSGVEINTSNPTHRSGE
SSPVRGD(MSE)LGLKSELEKRFFGKTFDDNIHIQLIYNILDIEKILAVYVTNIVYALNN(MSE)LGIKDSESYDDF
(MSE)GYLSARNTYEVFTHPDKSNLSDKVKGNIKKSLSKFNDLLKTKRLGYFGLEEPKTKDTRASEAYKKRVYH(MSE)L
AIVGQIAQCVFHDKSGAKRFDLYSFINNIDPEYRDTLDYLVEERLKSINKDFIEGNKVNISLLID(MSE)(MSE)KGYEA
DDIIRLYYDFIVLKSQKNLGFSIKKLREK(MSE)LEEYGFRFKDKQYDSVRSK(MSE)YKL(MSE)DFLLFCNYYRNDVA
AGEALVRKLRFS(MSE)TDDEKEGIYADEAAKLWGKFRNDFENIADH(MSE)NGDVIKELGKAD(MSE)DFDEKILDSEK
KNASDLLYFSK(MSE)IY(MSE)LTYFLDGKEINDLLTTLISKFDNIKEFLKI(MSE)KSSAVDVECELTAGYKLFNDSQ
RITNELFIVKNIAS(MSE)RKPAASAKLT(MSE)FRDALTILGIDDNITDDRISEILKLKEKGKGIHGLRNFITNNVIES
SRFVYLIKYANAQKIREVAKNEKVV(MSE)FVLGGIPDTQIERYYKSCVEFPD(MSE)NSSLEAKRSELAR(MSE)IKNI
SFDDFKNVKQQAKGRENVAKERAKAVIGLYLTV(MSE)YLLVKNLVNVNARYVIAIHCLERDFGLYKEIIPELASKNLKN
DYRILSQTLCELCDDRNESSNLFLKKNKRLRKCVEVDINNADSS(MSE)TRKYANCIAHLTVVRELKEYIGDIRTVDSYF
SIYHYV(MSE)QRCITKRGDDTKQEEKIKYEDDLLKNHGYTKDFVKALNSPFGYNIPRFKNLSIEQLFDRNEYLTEKLEH
HHHHH
;
A,C
2 'polyribonucleotide' CACUGGUGCAAAUUUGCACUAGUCUAAAACUCCUCGAUUACAUACACAAAG B
3 'polyribonucleotide' CACUGGUGCAAAUUUGCACUAGUCUAAAACUCCUCGAUUACAUACACAAAGCA D
#
loop_
_chem_comp.id
_chem_comp.type
_chem_comp.name
_chem_comp.formula
A RNA linking ADENOSINE-5'-MONOPHOSPHATE 'C10 H14 N5 O7 P'
C RNA linking CYTIDINE-5'-MONOPHOSPHATE 'C9 H14 N3 O8 P'
G RNA linking GUANOSINE-5'-MONOPHOSPHATE 'C10 H14 N5 O8 P'
MG non-polymer 'MAGNESIUM ION' 'Mg 2'
U RNA linking URIDINE-5'-MONOPHOSPHATE 'C9 H13 N2 O9 P'
#
# COMPACT_ATOMS: atom_id res chain seq x y z
N GLU A 49 -23.57 9.48 10.88
CA GLU A 49 -22.56 9.91 11.89
C GLU A 49 -23.05 11.19 12.55
N LYS A 50 -22.12 11.93 13.14
CA LYS A 50 -22.47 13.24 13.70
C LYS A 50 -22.79 14.12 12.50
N LYS A 51 -23.90 14.85 12.52
CA LYS A 51 -24.15 15.76 11.39
C LYS A 51 -24.03 17.20 11.87
N LYS A 52 -23.40 18.03 11.05
CA LYS A 52 -23.23 19.48 11.26
C LYS A 52 -24.59 20.16 11.12
N SER A 53 -24.71 21.34 11.71
CA SER A 53 -25.91 22.17 11.51
C SER A 53 -26.01 22.51 10.02
N SER A 54 -27.16 22.24 9.42
CA SER A 54 -27.40 22.59 8.00
C SER A 54 -27.46 24.12 7.86
N VAL A 55 -27.85 24.82 8.91
CA VAL A 55 -27.91 26.30 8.89
C VAL A 55 -26.50 26.86 8.68
N LYS A 56 -25.55 26.34 9.46
CA LYS A 56 -24.13 26.76 9.35
C LYS A 56 -23.57 26.34 7.99
N ALA A 57 -23.82 25.10 7.57
CA ALA A 57 -23.31 24.56 6.31
C ALA A 57 -23.85 25.38 5.13
N ALA A 58 -25.12 25.74 5.14
CA ALA A 58 -25.78 26.53 4.07
C ALA A 58 -25.22 27.95 3.98
N GLY A 59 -24.63 28.46 5.06
CA GLY A 59 -23.99 29.79 5.02
C GLY A 59 -24.48 30.79 6.02
N MSE A 60 -25.40 30.47 6.92
CA MSE A 60 -25.83 31.44 7.89
C MSE A 60 -24.94 31.43 9.12
O MSE A 60 -24.87 30.47 9.80
CB MSE A 60 -27.28 31.23 8.23
CG MSE A 60 -27.77 32.33 9.13
SE MSE A 60 -29.71 32.30 9.45
CE MSE A 60 -30.34 32.65 7.65
N LYS A 61 -24.18 32.50 9.29
CA LYS A 61 -23.21 32.71 10.40
C LYS A 61 -23.91 33.02 11.73
N SER A 62 -24.73 34.04 11.76
CA SER A 62 -25.50 34.38 12.97
C SER A 62 -26.73 35.27 12.70
N ILE A 63 -27.65 35.24 13.63
CA ILE A 63 -28.82 36.15 13.61
C ILE A 63 -28.63 37.06 14.82
N LEU A 64 -28.19 38.27 14.57
CA LEU A 64 -28.00 39.28 15.65
C LEU A 64 -29.37 39.88 15.97
N VAL A 65 -29.69 40.04 17.23
CA VAL A 65 -31.04 40.54 17.61
C VAL A 65 -30.92 41.87 18.36
N SER A 66 -31.61 42.87 17.85
CA SER A 66 -31.74 44.22 18.46
C SER A 66 -33.16 44.37 19.01
N GLU A 67 -33.50 45.54 19.52
CA GLU A 67 -34.85 45.64 20.10
C GLU A 67 -35.91 45.44 19.02
N ASN A 68 -35.77 46.11 17.89
CA ASN A 68 -36.85 45.97 16.87
C ASN A 68 -36.34 45.29 15.60
N LYS A 69 -35.05 44.98 15.51
CA LYS A 69 -34.46 44.46 14.25
C LYS A 69 -33.64 43.20 14.47
N MSE A 70 -33.48 42.45 13.40
CA MSE A 70 -32.68 41.29 13.37
C MSE A 70 -31.75 41.49 12.25
O MSE A 70 -32.13 41.96 11.19
CB MSE A 70 -33.41 40.01 13.08
CG MSE A 70 -34.17 39.51 14.27
SE MSE A 70 -34.88 37.74 13.94
CE MSE A 70 -34.23 37.43 12.13
N TYR A 71 -30.50 41.16 12.47
CA TYR A 71 -29.49 41.28 11.40
C TYR A 71 -28.98 39.88 11.09
N ILE A 72 -29.03 39.53 9.83
CA ILE A 72 -28.58 38.17 9.46
C ILE A 72 -27.25 38.29 8.74
N THR A 73 -26.31 37.44 9.14
CA THR A 73 -24.97 37.45 8.51
C THR A 73 -24.65 36.08 7.93
N SER A 74 -23.79 36.08 6.94
CA SER A 74 -23.28 34.84 6.31
C SER A 74 -21.76 34.79 6.48
N PHE A 75 -21.18 33.66 6.14
CA PHE A 75 -19.74 33.46 6.31
C PHE A 75 -18.98 34.10 5.15
N GLY A 76 -18.11 35.04 5.50
CA GLY A 76 -17.11 35.59 4.59
C GLY A 76 -15.84 34.77 4.73
N LYS A 77 -14.70 35.31 4.31
CA LYS A 77 -13.42 34.60 4.45
C LYS A 77 -13.08 34.47 5.94
N GLY A 78 -12.69 33.28 6.36
CA GLY A 78 -12.31 33.02 7.75
C GLY A 78 -13.43 33.37 8.70
N ASN A 79 -13.14 34.28 9.60
CA ASN A 79 -14.13 34.69 10.63
C ASN A 79 -14.91 35.93 10.20
N SER A 80 -14.74 36.42 8.99
CA SER A 80 -15.47 37.63 8.55
C SER A 80 -16.97 37.39 8.43
N ALA A 81 -17.76 38.34 8.88
CA ALA A 81 -19.23 38.31 8.78
C ALA A 81 -19.68 39.15 7.58
N VAL A 82 -20.58 38.62 6.76
CA VAL A 82 -21.12 39.43 5.66
C VAL A 82 -22.54 39.81 6.09
N LEU A 83 -22.80 41.10 6.27
CA LEU A 83 -24.17 41.48 6.64
C LEU A 83 -25.05 41.18 5.44
N GLU A 84 -26.05 40.35 5.62
CA GLU A 84 -26.92 39.97 4.50
C GLU A 84 -28.25 40.70 4.55
N TYR A 85 -28.97 40.63 5.66
CA TYR A 85 -30.30 41.25 5.74
C TYR A 85 -30.59 41.86 7.10
N GLU A 86 -31.48 42.84 7.07
CA GLU A 86 -32.07 43.49 8.25
C GLU A 86 -33.54 43.06 8.20
N VAL A 87 -34.06 42.52 9.28
CA VAL A 87 -35.47 42.08 9.29
C VAL A 87 -36.17 42.79 10.45
N ASP A 88 -37.32 43.39 10.21
CA ASP A 88 -38.08 44.06 11.29
C ASP A 88 -38.79 42.99 12.10
N ASN A 89 -38.65 43.02 13.42
CA ASN A 89 -39.22 41.99 14.31
C ASN A 89 -40.75 42.08 14.43
N ASN A 90 -41.35 43.17 13.93
CA ASN A 90 -42.82 43.35 14.05
C ASN A 90 -43.58 42.98 12.78
N ASP A 91 -43.29 43.60 11.65
CA ASP A 91 -44.05 43.24 10.42
C ASP A 91 -43.27 42.24 9.57
N TYR A 92 -42.07 41.89 10.00
CA TYR A 92 -41.17 40.92 9.33
C TYR A 92 -40.73 41.45 7.96
N ASN A 93 -40.78 42.74 7.73
CA ASN A 93 -40.30 43.25 6.43
C ASN A 93 -38.78 43.04 6.35
N LYS A 94 -38.26 42.76 5.17
CA LYS A 94 -36.82 42.49 5.01
C LYS A 94 -36.15 43.49 4.09
N THR A 95 -34.89 43.81 4.37
CA THR A 95 -34.07 44.68 3.52
C THR A 95 -32.73 43.97 3.26
N GLN A 96 -32.32 43.89 2.01
CA GLN A 96 -31.02 43.25 1.74
C GLN A 96 -29.92 44.28 1.99
N LEU A 97 -28.93 43.92 2.79
CA LEU A 97 -27.80 44.83 3.04
C LEU A 97 -26.63 44.44 2.16
N SER A 98 -26.54 43.17 1.83
CA SER A 98 -25.43 42.68 0.98
C SER A 98 -25.63 43.09 -0.48
N SER A 99 -24.52 43.24 -1.19
CA SER A 99 -24.53 43.48 -2.64
C SER A 99 -24.88 42.17 -3.36
N LYS A 100 -25.22 42.25 -4.63
CA LYS A 100 -25.58 41.00 -5.36
C LYS A 100 -24.38 40.07 -5.41
N ASP A 101 -23.18 40.60 -5.65
CA ASP A 101 -21.95 39.78 -5.74
C ASP A 101 -21.55 39.16 -4.39
N ASN A 102 -21.64 39.94 -3.32
CA ASN A 102 -21.23 39.52 -1.95
C ASN A 102 -22.21 38.53 -1.31
N SER A 103 -23.48 38.57 -1.69
CA SER A 103 -24.50 37.77 -1.00
C SER A 103 -24.24 36.26 -1.07
N ASN A 104 -24.41 35.58 0.05
CA ASN A 104 -24.17 34.12 0.04
C ASN A 104 -25.48 33.39 0.29
N ILE A 105 -26.50 34.09 0.76
CA ILE A 105 -27.78 33.41 1.09
C ILE A 105 -28.94 34.24 0.60
N GLU A 106 -30.04 33.58 0.26
CA GLU A 106 -31.27 34.25 -0.17
C GLU A 106 -32.32 34.03 0.90
N LEU A 107 -32.87 35.10 1.43
CA LEU A 107 -33.87 34.99 2.50
C LEU A 107 -35.25 34.70 1.90
N GLY A 108 -35.94 33.72 2.44
CA GLY A 108 -37.29 33.35 2.03
C GLY A 108 -38.27 33.97 3.01
N ASP A 109 -39.35 33.28 3.33
CA ASP A 109 -40.35 33.87 4.23
C ASP A 109 -39.80 33.98 5.65
N VAL A 110 -40.21 35.03 6.34
CA VAL A 110 -39.82 35.21 7.77
C VAL A 110 -41.10 35.46 8.56
N ASN A 111 -41.31 34.71 9.62
CA ASN A 111 -42.50 34.94 10.48
C ASN A 111 -42.06 34.85 11.94
N GLU A 112 -43.04 34.90 12.84
CA GLU A 112 -42.80 34.88 14.31
C GLU A 112 -42.07 33.61 14.70
N VAL A 113 -42.31 32.50 14.03
CA VAL A 113 -41.74 31.22 14.50
C VAL A 113 -40.53 30.81 13.66
N ASN A 114 -40.50 31.18 12.39
CA ASN A 114 -39.46 30.61 11.54
C ASN A 114 -38.86 31.59 10.55
N ILE A 115 -37.70 31.20 10.06
CA ILE A 115 -36.92 31.92 9.04
C ILE A 115 -36.57 30.87 7.99
N THR A 116 -36.87 31.16 6.74
CA THR A 116 -36.55 30.22 5.64
C THR A 116 -35.51 30.89 4.76
N PHE A 117 -34.50 30.16 4.36
CA PHE A 117 -33.47 30.75 3.47
C PHE A 117 -32.82 29.64 2.67
N SER A 118 -32.06 30.03 1.66
CA SER A 118 -31.29 29.02 0.90
C SER A 118 -29.94 29.61 0.48
N SER A 119 -29.01 28.73 0.17
CA SER A 119 -27.68 29.17 -0.27
C SER A 119 -27.79 29.70 -1.70
N LYS A 120 -27.00 30.71 -2.04
CA LYS A 120 -26.92 31.23 -3.42
C LYS A 120 -25.78 30.49 -4.13
N HIS A 121 -25.10 29.58 -3.44
CA HIS A 121 -23.88 28.92 -3.98
C HIS A 121 -24.02 27.42 -4.18
N GLY A 122 -25.25 26.91 -4.20
CA GLY A 122 -25.45 25.49 -4.50
C GLY A 122 -25.58 24.53 -3.32
N PHE A 123 -25.69 25.02 -2.08
CA PHE A 123 -25.86 24.06 -0.96
C PHE A 123 -27.20 23.35 -1.14
N GLY A 124 -27.15 22.04 -1.25
CA GLY A 124 -28.33 21.19 -1.48
C GLY A 124 -29.06 21.58 -2.76
N SER A 125 -28.33 22.10 -3.74
CA SER A 125 -28.91 22.55 -5.02
C SER A 125 -30.03 23.58 -4.77
N GLY A 126 -29.82 24.49 -3.83
CA GLY A 126 -30.78 25.55 -3.52
C GLY A 126 -31.92 25.14 -2.62
N VAL A 127 -31.75 24.11 -1.81
CA VAL A 127 -32.82 23.64 -0.90
C VAL A 127 -33.19 24.72 0.12
N GLU A 128 -34.47 24.79 0.47
CA GLU A 128 -34.94 25.71 1.51
C GLU A 128 -34.50 25.17 2.87
N ILE A 129 -33.83 26.00 3.64
CA ILE A 129 -33.48 25.62 5.05
C ILE A 129 -34.46 26.34 5.99
N ASN A 130 -34.93 25.64 7.03
CA ASN A 130 -35.87 26.23 8.01
C ASN A 130 -35.20 26.34 9.37
N THR A 131 -35.06 27.56 9.89
CA THR A 131 -34.43 27.80 11.22
C THR A 131 -35.41 28.58 12.11
N SER A 132 -35.28 28.43 13.43
CA SER A 132 -36.18 29.12 14.39
C SER A 132 -35.91 30.62 14.36
N ASN A 133 -36.97 31.41 14.46
CA ASN A 133 -36.79 32.87 14.66
C ASN A 133 -36.30 32.95 16.10
N PRO A 134 -35.11 33.53 16.37
CA PRO A 134 -34.53 33.58 17.71
C PRO A 134 -35.35 34.39 18.73
N THR A 135 -36.18 35.30 18.25
CA THR A 135 -37.05 36.12 19.12
C THR A 135 -38.23 35.31 19.67
N HIS A 136 -38.47 34.10 19.17
CA HIS A 136 -39.64 33.28 19.60
C HIS A 136 -39.27 32.34 20.75
N ARG A 137 -39.53 32.76 21.99
CA ARG A 137 -39.22 31.90 23.16
C ARG A 137 -40.40 31.89 24.13
N SER A 138 -40.79 30.71 24.62
CA SER A 138 -41.92 30.62 25.57
C SER A 138 -41.48 31.18 26.93
N GLY A 139 -42.36 31.94 27.56
CA GLY A 139 -42.08 32.53 28.89
C GLY A 139 -41.14 33.71 28.82
N GLU A 140 -40.83 34.20 27.62
CA GLU A 140 -39.90 35.35 27.53
C GLU A 140 -40.58 36.49 26.77
N SER A 141 -40.86 37.59 27.45
CA SER A 141 -41.48 38.74 26.76
C SER A 141 -40.51 39.31 25.73
N SER A 142 -39.25 39.51 26.12
CA SER A 142 -38.25 40.16 25.24
C SER A 142 -37.86 39.31 24.04
N PRO A 143 -37.66 39.94 22.86
CA PRO A 143 -37.13 39.27 21.69
C PRO A 143 -35.66 38.94 21.97
N VAL A 144 -35.04 39.68 22.89
CA VAL A 144 -33.59 39.46 23.20
C VAL A 144 -33.42 38.43 24.32
N ARG A 145 -32.80 37.32 23.98
CA ARG A 145 -32.45 36.18 24.86
C ARG A 145 -31.43 36.65 25.91
N GLY A 146 -31.53 36.13 27.13
CA GLY A 146 -30.54 36.41 28.18
C GLY A 146 -29.51 35.29 28.26
N ASP A 147 -28.43 35.44 29.03
CA ASP A 147 -27.47 34.32 29.18
C ASP A 147 -28.03 33.35 30.23
N MSE A 148 -27.55 32.12 30.24
CA MSE A 148 -27.99 31.11 31.17
C MSE A 148 -27.74 31.52 32.60
O MSE A 148 -28.52 31.22 33.45
CB MSE A 148 -27.29 29.81 30.86
CG MSE A 148 -27.68 29.19 29.54
SE MSE A 148 -29.60 28.89 29.36
CE MSE A 148 -29.88 27.50 30.68
N LEU A 149 -26.62 32.18 32.85
CA LEU A 149 -26.25 32.65 34.20
C LEU A 149 -27.16 33.80 34.67
N GLY A 150 -27.76 34.58 33.76
CA GLY A 150 -28.54 35.76 34.16
C GLY A 150 -27.63 36.94 34.48
N LEU A 151 -26.41 36.92 33.99
CA LEU A 151 -25.43 37.99 34.30
C LEU A 151 -25.26 38.95 33.13
N LYS A 152 -26.12 38.87 32.12
CA LYS A 152 -25.90 39.69 30.91
C LYS A 152 -25.86 41.19 31.23
N SER A 153 -26.82 41.67 32.01
CA SER A 153 -26.86 43.11 32.35
C SER A 153 -25.63 43.52 33.16
N GLU A 154 -25.27 42.76 34.18
CA GLU A 154 -24.06 43.11 34.98
C GLU A 154 -22.81 43.05 34.11
N LEU A 155 -22.71 42.06 33.24
CA LEU A 155 -21.53 41.95 32.36
C LEU A 155 -21.47 43.15 31.41
N GLU A 156 -22.60 43.59 30.87
CA GLU A 156 -22.65 44.72 29.93
C GLU A 156 -22.15 45.99 30.64
N LYS A 157 -22.55 46.18 31.89
CA LYS A 157 -22.11 47.33 32.69
C LYS A 157 -20.60 47.28 32.92
N ARG A 158 -20.07 46.11 33.23
CA ARG A 158 -18.62 46.02 33.49
C ARG A 158 -17.82 46.41 32.25
N PHE A 159 -18.26 46.01 31.07
CA PHE A 159 -17.48 46.24 29.82
C PHE A 159 -17.88 47.50 29.07
N PHE A 160 -19.14 47.89 29.09
CA PHE A 160 -19.61 49.07 28.32
C PHE A 160 -20.20 50.19 29.18
N GLY A 161 -20.37 49.98 30.48
CA GLY A 161 -20.85 51.04 31.37
C GLY A 161 -22.36 51.20 31.36
N LYS A 162 -23.07 50.39 30.59
CA LYS A 162 -24.55 50.44 30.52
C LYS A 162 -25.08 49.14 29.92
N THR A 163 -26.38 48.89 30.05
CA THR A 163 -27.04 47.68 29.50
C THR A 163 -27.50 47.91 28.06
N PHE A 164 -27.73 46.83 27.33
CA PHE A 164 -28.18 46.99 25.93
C PHE A 164 -29.33 46.02 25.69
N ASP A 165 -30.32 46.49 24.91
CA ASP A 165 -31.44 45.64 24.45
C ASP A 165 -31.02 45.00 23.13
N ASP A 166 -29.92 44.28 23.16
CA ASP A 166 -29.40 43.51 22.01
C ASP A 166 -28.62 42.30 22.55
N ASN A 167 -28.39 41.31 21.70
CA ASN A 167 -27.62 40.10 22.07
C ASN A 167 -26.21 40.21 21.48
N ILE A 168 -25.84 41.35 20.95
CA ILE A 168 -24.50 41.46 20.31
C ILE A 168 -23.38 41.69 21.31
N HIS A 169 -23.55 42.65 22.21
CA HIS A 169 -22.50 43.02 23.18
C HIS A 169 -22.12 41.81 24.03
N ILE A 170 -23.12 41.04 24.45
CA ILE A 170 -22.91 39.88 25.34
C ILE A 170 -22.04 38.84 24.64
N GLN A 171 -22.23 38.63 23.35
CA GLN A 171 -21.47 37.62 22.57
C GLN A 171 -20.01 38.04 22.56
N LEU A 172 -19.76 39.33 22.38
CA LEU A 172 -18.39 39.86 22.44
C LEU A 172 -17.82 39.63 23.85
N ILE A 173 -18.62 39.92 24.88
CA ILE A 173 -18.17 39.77 26.30
C ILE A 173 -17.81 38.32 26.61
N TYR A 174 -18.61 37.36 26.14
CA TYR A 174 -18.35 35.92 26.39
C TYR A 174 -17.00 35.52 25.76
N ASN A 175 -16.63 36.13 24.65
CA ASN A 175 -15.31 35.89 24.02
C ASN A 175 -14.20 36.35 24.96
N ILE A 176 -14.37 37.53 25.56
CA ILE A 176 -13.40 38.09 26.55
C ILE A 176 -13.32 37.16 27.77
N LEU A 177 -14.46 36.63 28.21
CA LEU A 177 -14.51 35.68 29.36
C LEU A 177 -13.68 34.44 28.99
N ASP A 178 -13.74 34.04 27.72
CA ASP A 178 -12.96 32.89 27.21
C ASP A 178 -11.46 33.20 27.35
N ILE A 179 -11.04 34.42 27.04
CA ILE A 179 -9.61 34.78 27.14
C ILE A 179 -9.14 34.61 28.59
N GLU A 180 -9.93 35.10 29.51
CA GLU A 180 -9.60 35.01 30.95
C GLU A 180 -9.56 33.55 31.43
N LYS A 181 -10.45 32.71 30.94
CA LYS A 181 -10.48 31.29 31.34
C LYS A 181 -9.16 30.65 30.92
N ILE A 182 -8.72 30.86 29.69
CA ILE A 182 -7.46 30.25 29.21
C ILE A 182 -6.25 30.81 29.97
N LEU A 183 -6.23 32.11 30.23
CA LEU A 183 -5.13 32.76 30.99
C LEU A 183 -5.10 32.19 32.40
N ALA A 184 -6.26 31.94 33.01
CA ALA A 184 -6.34 31.38 34.36
C ALA A 184 -5.64 30.01 34.37
N VAL A 185 -5.86 29.19 33.34
CA VAL A 185 -5.21 27.86 33.27
C VAL A 185 -3.69 28.02 33.20
N TYR A 186 -3.21 28.85 32.28
CA TYR A 186 -1.76 29.02 32.04
C TYR A 186 -1.00 29.67 33.21
N VAL A 187 -1.57 30.70 33.82
CA VAL A 187 -0.87 31.32 34.98
C VAL A 187 -0.84 30.32 36.13
N THR A 188 -1.89 29.55 36.32
CA THR A 188 -1.88 28.55 37.40
C THR A 188 -0.72 27.57 37.14
N ASN A 189 -0.58 27.10 35.90
CA ASN A 189 0.50 26.16 35.56
C ASN A 189 1.89 26.80 35.73
N ILE A 190 2.06 28.03 35.25
CA ILE A 190 3.38 28.74 35.32
C ILE A 190 3.77 28.95 36.78
N VAL A 191 2.85 29.42 37.61
CA VAL A 191 3.12 29.66 39.05
C VAL A 191 3.49 28.34 39.71
N TYR A 192 2.78 27.28 39.38
CA TYR A 192 3.12 25.97 39.98
C TYR A 192 4.53 25.54 39.56
N ALA A 193 4.85 25.71 38.29
CA ALA A 193 6.15 25.31 37.73
C ALA A 193 7.25 26.09 38.44
N LEU A 194 7.03 27.38 38.67
CA LEU A 194 8.03 28.20 39.38
C LEU A 194 8.20 27.70 40.83
N ASN A 195 7.11 27.39 41.51
CA ASN A 195 7.14 26.83 42.89
C ASN A 195 7.82 25.47 42.91
N ASN A 196 7.55 24.62 41.92
CA ASN A 196 8.14 23.27 41.79
C ASN A 196 9.67 23.40 41.66
N MSE A 197 10.13 24.40 40.93
CA MSE A 197 11.53 24.67 40.72
C MSE A 197 12.30 24.97 41.98
O MSE A 197 13.42 24.60 42.12
CB MSE A 197 11.61 25.84 39.82
CG MSE A 197 12.67 25.53 38.85
SE MSE A 197 12.83 26.95 37.55
CE MSE A 197 11.71 26.00 36.26
N LEU A 198 11.63 25.64 42.91
CA LEU A 198 12.21 26.00 44.21
C LEU A 198 12.30 24.75 45.08
N GLY A 199 11.76 23.65 44.60
CA GLY A 199 11.74 22.44 45.45
C GLY A 199 10.97 22.79 46.70
N ILE A 200 9.81 23.41 46.50
CA ILE A 200 8.99 23.95 47.63
C ILE A 200 8.58 22.80 48.54
N LYS A 201 8.33 23.12 49.81
CA LYS A 201 7.92 22.07 50.77
C LYS A 201 6.46 22.24 51.13
N ASP A 202 5.71 22.92 50.27
CA ASP A 202 4.25 23.05 50.44
C ASP A 202 3.90 23.50 51.86
N SER A 203 4.63 24.48 52.37
CA SER A 203 4.36 25.00 53.73
C SER A 203 3.22 26.01 53.61
N GLU A 204 3.04 26.88 54.61
CA GLU A 204 1.91 27.82 54.50
C GLU A 204 2.11 28.68 53.23
N SER A 205 3.39 28.90 52.90
CA SER A 205 3.83 29.86 51.86
C SER A 205 3.79 29.37 50.40
N TYR A 206 2.68 28.84 49.90
CA TYR A 206 2.72 28.58 48.44
C TYR A 206 2.73 29.95 47.74
N ASP A 207 1.83 30.84 48.18
CA ASP A 207 1.59 32.16 47.57
C ASP A 207 2.67 33.18 47.91
N ASP A 208 3.59 32.90 48.81
CA ASP A 208 4.52 33.98 49.20
C ASP A 208 5.33 34.51 48.02
N PHE A 209 6.00 33.65 47.25
CA PHE A 209 6.89 34.15 46.19
C PHE A 209 6.15 34.92 45.09
N MSE A 210 5.33 34.26 44.30
CA MSE A 210 4.57 34.94 43.29
C MSE A 210 3.56 35.93 43.79
O MSE A 210 3.39 36.98 43.21
CB MSE A 210 4.04 33.98 42.27
CG MSE A 210 4.55 34.57 40.95
SE MSE A 210 6.35 33.89 40.68
CE MSE A 210 5.88 34.15 38.83
N GLY A 211 2.92 35.62 44.90
CA GLY A 211 1.87 36.45 45.51
C GLY A 211 2.33 37.82 45.95
N TYR A 212 3.56 37.96 46.42
CA TYR A 212 4.01 39.28 46.94
C TYR A 212 4.67 40.14 45.84
N LEU A 213 4.81 39.64 44.62
CA LEU A 213 5.36 40.46 43.52
C LEU A 213 4.32 41.49 43.10
N SER A 214 4.78 42.66 42.70
CA SER A 214 3.90 43.69 42.15
C SER A 214 4.55 44.24 40.89
N ALA A 215 3.81 44.32 39.80
CA ALA A 215 4.27 44.91 38.54
C ALA A 215 4.41 46.43 38.74
N ARG A 216 3.83 46.96 39.81
CA ARG A 216 3.91 48.39 40.12
C ARG A 216 5.26 48.71 40.76
N ASN A 217 6.03 47.71 41.11
CA ASN A 217 7.37 47.98 41.68
C ASN A 217 8.41 47.73 40.61
N THR A 218 9.32 48.68 40.47
CA THR A 218 10.48 48.56 39.56
C THR A 218 11.46 47.56 40.16
N TYR A 219 12.46 47.18 39.38
CA TYR A 219 13.50 46.23 39.82
C TYR A 219 14.24 46.82 41.02
N GLU A 220 14.48 48.13 40.99
CA GLU A 220 15.20 48.85 42.06
C GLU A 220 14.44 48.75 43.39
N VAL A 221 13.14 49.01 43.41
CA VAL A 221 12.34 48.87 44.65
C VAL A 221 12.32 47.41 45.12
N PHE A 222 12.14 46.46 44.21
CA PHE A 222 12.09 45.03 44.55
C PHE A 222 13.41 44.58 45.18
N THR A 223 14.54 45.01 44.62
CA THR A 223 15.88 44.61 45.11
C THR A 223 16.33 45.38 46.37
N HIS A 224 15.82 46.58 46.58
CA HIS A 224 16.18 47.42 47.75
C HIS A 224 14.91 47.97 48.39
N PRO A 225 14.04 47.12 48.95
CA PRO A 225 12.80 47.56 49.54
C PRO A 225 12.98 48.53 50.71
N ASP A 226 14.06 48.38 51.49
CA ASP A 226 14.37 49.22 52.68
C ASP A 226 14.58 50.67 52.26
N LYS A 227 15.05 50.90 51.05
CA LYS A 227 15.30 52.27 50.55
C LYS A 227 14.02 52.88 50.01
N SER A 228 12.94 52.12 49.98
CA SER A 228 11.65 52.63 49.47
C SER A 228 10.88 53.38 50.55
N ASN A 229 9.82 54.08 50.13
CA ASN A 229 8.90 54.84 51.02
C ASN A 229 7.65 53.99 51.27
N LEU A 230 7.76 52.71 50.97
CA LEU A 230 6.68 51.72 51.14
C LEU A 230 6.50 51.45 52.64
N SER A 231 5.35 50.88 53.00
CA SER A 231 4.98 50.57 54.39
C SER A 231 5.89 49.47 54.94
N ASP A 232 6.01 49.37 56.26
CA ASP A 232 6.92 48.35 56.85
C ASP A 232 6.42 46.95 56.50
N LYS A 233 5.11 46.72 56.52
CA LYS A 233 4.58 45.37 56.20
C LYS A 233 4.87 45.03 54.74
N VAL A 234 4.67 45.99 53.84
CA VAL A 234 4.88 45.78 52.40
C VAL A 234 6.36 45.48 52.17
N LYS A 235 7.25 46.23 52.82
CA LYS A 235 8.70 45.99 52.70
C LYS A 235 9.00 44.58 53.18
N GLY A 236 8.33 44.14 54.26
CA GLY A 236 8.54 42.78 54.77
C GLY A 236 8.08 41.75 53.77
N ASN A 237 6.93 41.98 53.16
CA ASN A 237 6.37 41.06 52.15
C ASN A 237 7.30 41.05 50.94
N ILE A 238 7.84 42.20 50.56
CA ILE A 238 8.74 42.23 49.37
C ILE A 238 9.95 41.35 49.65
N LYS A 239 10.48 41.41 50.87
CA LYS A 239 11.67 40.63 51.25
C LYS A 239 11.38 39.14 51.13
N LYS A 240 10.18 38.70 51.49
CA LYS A 240 9.89 37.25 51.35
C LYS A 240 9.95 36.87 49.86
N SER A 241 9.37 37.69 49.00
CA SER A 241 9.44 37.42 47.54
C SER A 241 10.88 37.56 47.01
N LEU A 242 11.63 38.54 47.51
CA LEU A 242 13.03 38.76 47.06
C LEU A 242 13.86 37.53 47.42
N SER A 243 13.64 37.00 48.62
CA SER A 243 14.36 35.80 49.12
C SER A 243 14.07 34.59 48.23
N LYS A 244 12.81 34.39 47.87
CA LYS A 244 12.42 33.30 46.94
C LYS A 244 13.01 33.54 45.55
N PHE A 245 13.04 34.78 45.10
CA PHE A 245 13.61 35.12 43.78
C PHE A 245 15.10 34.72 43.76
N ASN A 246 15.82 35.08 44.81
CA ASN A 246 17.24 34.70 44.93
C ASN A 246 17.36 33.17 44.98
N ASP A 247 16.45 32.49 45.68
CA ASP A 247 16.44 31.01 45.72
C ASP A 247 16.24 30.46 44.31
N LEU A 248 15.35 31.06 43.53
CA LEU A 248 15.08 30.59 42.14
C LEU A 248 16.34 30.75 41.29
N LEU A 249 17.03 31.87 41.38
CA LEU A 249 18.28 32.09 40.62
C LEU A 249 19.35 31.08 41.03
N LYS A 250 19.41 30.74 42.32
CA LYS A 250 20.39 29.79 42.89
C LYS A 250 20.22 28.38 42.34
N THR A 251 18.99 27.97 42.07
CA THR A 251 18.72 26.59 41.61
C THR A 251 19.44 26.33 40.29
N LYS A 252 19.55 27.38 39.48
CA LYS A 252 20.05 27.28 38.10
C LYS A 252 19.07 26.43 37.28
N ARG A 253 17.81 26.37 37.65
CA ARG A 253 16.80 25.58 36.91
C ARG A 253 16.09 26.42 35.83
N LEU A 254 16.31 27.74 35.83
CA LEU A 254 15.65 28.67 34.88
C LEU A 254 16.03 28.38 33.42
N GLY A 255 17.13 27.67 33.19
CA GLY A 255 17.60 27.22 31.87
C GLY A 255 16.56 26.32 31.22
N TYR A 256 15.73 25.69 32.04
CA TYR A 256 14.62 24.85 31.55
C TYR A 256 13.59 25.72 30.83
N PHE A 257 13.50 26.99 31.19
CA PHE A 257 12.56 27.93 30.54
C PHE A 257 13.29 28.71 29.45
N GLY A 258 14.52 28.32 29.15
CA GLY A 258 15.32 29.09 28.18
C GLY A 258 15.79 30.40 28.79
N LEU A 259 15.74 30.52 30.10
CA LEU A 259 16.26 31.72 30.80
C LEU A 259 17.59 31.37 31.47
N GLU A 260 18.57 31.06 30.66
CA GLU A 260 19.93 30.73 31.13
C GLU A 260 20.58 32.01 31.64
N GLU A 261 21.24 31.94 32.80
CA GLU A 261 21.99 33.10 33.35
C GLU A 261 23.21 33.35 32.44
N PRO A 262 23.73 34.58 32.34
CA PRO A 262 24.90 34.82 31.52
C PRO A 262 26.16 34.05 31.96
N LYS A 263 26.93 33.64 30.97
CA LYS A 263 28.17 32.85 31.19
C LYS A 263 29.15 33.69 32.01
N THR A 264 29.31 34.94 31.64
CA THR A 264 30.22 35.87 32.36
C THR A 264 29.58 36.31 33.66
N LYS A 265 30.40 36.60 34.66
CA LYS A 265 29.78 36.97 35.95
C LYS A 265 29.80 38.48 36.14
N ASP A 266 30.02 39.25 35.07
CA ASP A 266 30.02 40.71 35.27
C ASP A 266 28.66 41.13 35.82
N THR A 267 28.69 42.07 36.75
CA THR A 267 27.50 42.58 37.47
C THR A 267 26.52 43.21 36.48
N ARG A 268 27.03 43.94 35.49
CA ARG A 268 26.13 44.64 34.54
C ARG A 268 25.27 43.64 33.78
N ALA A 269 25.88 42.62 33.18
CA ALA A 269 25.13 41.58 32.46
C ALA A 269 24.28 40.77 33.43
N SER A 270 24.84 40.42 34.57
CA SER A 270 24.05 39.65 35.56
C SER A 270 22.86 40.47 36.03
N GLU A 271 23.06 41.74 36.35
CA GLU A 271 21.93 42.58 36.82
C GLU A 271 20.90 42.72 35.70
N ALA A 272 21.32 42.88 34.45
CA ALA A 272 20.37 42.99 33.33
C ALA A 272 19.55 41.70 33.21
N TYR A 273 20.21 40.56 33.35
CA TYR A 273 19.52 39.26 33.28
C TYR A 273 18.51 39.12 34.43
N LYS A 274 18.92 39.45 35.65
CA LYS A 274 18.03 39.31 36.82
C LYS A 274 16.81 40.21 36.67
N LYS A 275 17.04 41.41 36.12
CA LYS A 275 15.99 42.43 35.93
C LYS A 275 14.93 41.90 34.96
N ARG A 276 15.37 41.30 33.86
CA ARG A 276 14.47 40.67 32.86
C ARG A 276 13.65 39.57 33.53
N VAL A 277 14.29 38.72 34.32
CA VAL A 277 13.58 37.61 35.00
C VAL A 277 12.55 38.19 35.98
N TYR A 278 12.93 39.23 36.70
CA TYR A 278 11.99 39.85 37.65
C TYR A 278 10.78 40.42 36.91
N HIS A 279 10.99 41.06 35.77
CA HIS A 279 9.87 41.63 34.98
C HIS A 279 8.92 40.53 34.53
N MSE A 280 9.44 39.42 34.03
CA MSE A 280 8.61 38.33 33.59
C MSE A 280 7.80 37.73 34.70
O MSE A 280 6.62 37.56 34.54
CB MSE A 280 9.45 37.23 32.95
CG MSE A 280 10.18 37.63 31.68
SE MSE A 280 11.64 36.42 31.20
CE MSE A 280 10.49 35.23 30.18
N LEU A 281 8.42 37.46 35.84
CA LEU A 281 7.72 36.91 37.01
C LEU A 281 6.68 37.90 37.54
N ALA A 282 7.00 39.20 37.58
CA ALA A 282 6.04 40.21 38.08
C ALA A 282 4.83 40.28 37.15
N ILE A 283 5.05 40.16 35.85
CA ILE A 283 3.93 40.19 34.88
C ILE A 283 3.03 38.97 35.09
N VAL A 284 3.63 37.80 35.28
CA VAL A 284 2.86 36.56 35.52
C VAL A 284 2.04 36.73 36.81
N GLY A 285 2.66 37.28 37.86
CA GLY A 285 1.96 37.54 39.12
C GLY A 285 0.83 38.52 38.93
N GLN A 286 1.06 39.54 38.11
CA GLN A 286 0.04 40.55 37.80
C GLN A 286 -1.15 39.89 37.10
N ILE A 287 -0.87 39.02 36.14
CA ILE A 287 -1.97 38.31 35.40
C ILE A 287 -2.77 37.44 36.36
N ALA A 288 -2.11 36.72 37.26
CA ALA A 288 -2.79 35.86 38.25
C ALA A 288 -3.72 36.70 39.13
N GLN A 289 -3.30 37.91 39.49
CA GLN A 289 -4.08 38.86 40.32
C GLN A 289 -5.36 39.29 39.57
N CYS A 290 -5.27 39.40 38.26
CA CYS A 290 -6.42 39.75 37.39
C CYS A 290 -7.43 38.62 37.18
N VAL A 291 -7.00 37.37 37.17
CA VAL A 291 -7.94 36.27 36.86
C VAL A 291 -8.33 35.47 38.11
N PHE A 292 -7.68 35.74 39.22
CA PHE A 292 -8.02 35.09 40.50
C PHE A 292 -8.16 36.14 41.60
N HIS A 293 -9.05 35.87 42.54
CA HIS A 293 -9.32 36.78 43.67
C HIS A 293 -8.43 36.47 44.87
N ASP A 294 -8.25 37.46 45.73
CA ASP A 294 -7.50 37.32 47.00
C ASP A 294 -8.45 36.82 48.09
N LYS A 295 -7.98 36.76 49.34
CA LYS A 295 -8.74 36.24 50.50
C LYS A 295 -10.01 37.04 50.71
N SER A 296 -9.92 38.35 50.48
CA SER A 296 -11.07 39.28 50.66
C SER A 296 -12.05 39.17 49.50
N GLY A 297 -11.72 38.42 48.46
CA GLY A 297 -12.57 38.38 47.27
C GLY A 297 -12.31 39.54 46.33
N ALA A 298 -11.12 40.14 46.38
CA ALA A 298 -10.83 41.25 45.47
C ALA A 298 -9.87 40.82 44.36
N LYS A 299 -9.97 41.46 43.20
CA LYS A 299 -9.09 41.18 42.05
C LYS A 299 -8.80 42.47 41.29
N ARG A 300 -7.71 42.48 40.52
CA ARG A 300 -7.32 43.66 39.73
C ARG A 300 -8.14 43.71 38.43
N PHE A 301 -8.45 44.91 37.97
CA PHE A 301 -9.23 45.12 36.72
C PHE A 301 -8.35 45.67 35.60
N ASP A 302 -7.05 45.69 35.79
CA ASP A 302 -6.13 46.30 34.79
C ASP A 302 -5.42 45.24 33.93
N LEU A 303 -6.01 44.08 33.72
CA LEU A 303 -5.33 43.02 32.95
C LEU A 303 -4.96 43.52 31.54
N TYR A 304 -5.87 44.22 30.88
CA TYR A 304 -5.68 44.70 29.49
C TYR A 304 -4.98 46.07 29.43
N SER A 305 -4.88 46.78 30.55
CA SER A 305 -4.27 48.13 30.48
C SER A 305 -2.88 48.22 31.12
N PHE A 306 -2.57 47.37 32.07
CA PHE A 306 -1.37 47.48 32.92
C PHE A 306 -0.05 47.48 32.14
N ILE A 307 0.08 46.71 31.06
CA ILE A 307 1.37 46.63 30.35
C ILE A 307 1.80 48.00 29.83
N ASN A 308 0.86 48.85 29.45
CA ASN A 308 1.14 50.18 28.88
C ASN A 308 1.15 51.26 29.98
N ASN A 309 0.78 50.94 31.21
CA ASN A 309 0.71 51.93 32.30
C ASN A 309 1.86 51.76 33.30
N ILE A 310 2.46 50.58 33.38
CA ILE A 310 3.56 50.35 34.35
C ILE A 310 4.86 50.99 33.86
N ASP A 311 5.89 50.88 34.65
CA ASP A 311 7.18 51.52 34.31
C ASP A 311 7.67 51.01 32.97
N PRO A 312 8.28 51.89 32.15
CA PRO A 312 8.82 51.56 30.85
C PRO A 312 9.90 50.48 30.87
N GLU A 313 10.54 50.24 32.01
CA GLU A 313 11.57 49.18 32.11
C GLU A 313 10.92 47.81 31.80
N TYR A 314 9.66 47.63 32.16
CA TYR A 314 8.93 46.37 31.87
C TYR A 314 8.81 46.20 30.35
N ARG A 315 8.44 47.25 29.66
CA ARG A 315 8.29 47.26 28.19
C ARG A 315 9.66 47.00 27.55
N ASP A 316 10.72 47.51 28.13
CA ASP A 316 12.07 47.26 27.58
C ASP A 316 12.36 45.75 27.62
N THR A 317 11.99 45.08 28.71
CA THR A 317 12.21 43.63 28.80
C THR A 317 11.41 42.90 27.73
N LEU A 318 10.15 43.27 27.54
CA LEU A 318 9.31 42.62 26.52
C LEU A 318 9.94 42.82 25.14
N ASP A 319 10.45 44.03 24.87
CA ASP A 319 11.12 44.33 23.58
C ASP A 319 12.38 43.48 23.41
N TYR A 320 13.16 43.35 24.46
CA TYR A 320 14.42 42.56 24.38
C TYR A 320 14.11 41.10 24.03
N LEU A 321 13.12 40.49 24.68
CA LEU A 321 12.84 39.07 24.40
C LEU A 321 12.39 38.88 22.95
N VAL A 322 11.48 39.70 22.49
CA VAL A 322 10.93 39.62 21.11
C VAL A 322 12.04 39.93 20.09
N GLU A 323 12.83 40.97 20.35
CA GLU A 323 13.89 41.44 19.44
C GLU A 323 14.94 40.34 19.28
N GLU A 324 15.27 39.66 20.35
CA GLU A 324 16.30 38.60 20.27
C GLU A 324 15.82 37.52 19.30
N ARG A 325 14.57 37.13 19.41
CA ARG A 325 13.97 36.09 18.57
C ARG A 325 13.87 36.58 17.11
N LEU A 326 13.29 37.74 16.89
CA LEU A 326 13.08 38.32 15.54
C LEU A 326 14.43 38.61 14.85
N LYS A 327 15.40 39.14 15.58
CA LYS A 327 16.70 39.48 14.96
C LYS A 327 17.37 38.22 14.43
N SER A 328 17.35 37.13 15.18
CA SER A 328 17.99 35.90 14.68
C SER A 328 17.25 35.39 13.44
N ILE A 329 15.93 35.42 13.43
CA ILE A 329 15.21 34.97 12.22
C ILE A 329 15.54 35.93 11.07
N ASN A 330 15.48 37.22 11.32
CA ASN A 330 15.67 38.31 10.33
C ASN A 330 17.10 38.44 9.79
N LYS A 331 18.12 38.14 10.57
CA LYS A 331 19.51 38.35 10.12
C LYS A 331 19.92 37.30 9.09
N ASP A 332 20.19 37.74 7.87
CA ASP A 332 20.64 36.83 6.78
C ASP A 332 19.65 35.68 6.62
N PHE A 333 18.38 36.01 6.52
CA PHE A 333 17.32 34.99 6.34
C PHE A 333 17.58 34.23 5.05
N ILE A 334 17.93 34.94 3.98
CA ILE A 334 18.14 34.24 2.68
C ILE A 334 19.30 33.24 2.80
N GLU A 335 20.41 33.67 3.37
CA GLU A 335 21.60 32.79 3.54
C GLU A 335 21.23 31.61 4.46
N GLY A 336 20.48 31.88 5.51
CA GLY A 336 20.01 30.87 6.48
C GLY A 336 18.99 29.89 5.89
N ASN A 337 18.37 30.23 4.77
CA ASN A 337 17.37 29.36 4.12
C ASN A 337 17.80 29.07 2.66
N LYS A 338 19.08 29.20 2.38
CA LYS A 338 19.56 29.11 0.99
C LYS A 338 19.28 27.76 0.34
N VAL A 339 19.31 26.68 1.10
CA VAL A 339 19.10 25.36 0.47
C VAL A 339 17.69 25.29 -0.13
N ASN A 340 16.67 25.55 0.67
CA ASN A 340 15.27 25.51 0.18
C ASN A 340 15.02 26.59 -0.89
N ILE A 341 15.51 27.81 -0.66
CA ILE A 341 15.30 28.92 -1.65
C ILE A 341 15.99 28.54 -2.97
N SER A 342 17.19 27.99 -2.90
CA SER A 342 17.87 27.62 -4.17
C SER A 342 17.06 26.55 -4.90
N LEU A 343 16.61 25.52 -4.20
CA LEU A 343 15.83 24.46 -4.86
C LEU A 343 14.53 25.03 -5.42
N LEU A 344 13.83 25.86 -4.67
CA LEU A 344 12.54 26.41 -5.11
C LEU A 344 12.71 27.27 -6.37
N ILE A 345 13.74 28.09 -6.41
CA ILE A 345 13.99 28.98 -7.57
C ILE A 345 14.23 28.13 -8.81
N ASP A 346 15.00 27.07 -8.70
CA ASP A 346 15.27 26.18 -9.85
C ASP A 346 13.98 25.52 -10.33
N MSE A 347 13.17 25.02 -9.43
CA MSE A 347 11.89 24.43 -9.72
C MSE A 347 10.71 25.26 -10.14
O MSE A 347 9.95 24.79 -10.96
CB MSE A 347 11.60 23.72 -8.42
CG MSE A 347 10.32 22.93 -8.35
SE MSE A 347 10.66 21.51 -7.05
CE MSE A 347 11.19 22.55 -5.54
N MSE A 348 10.51 26.44 -9.55
CA MSE A 348 9.33 27.27 -9.84
C MSE A 348 9.58 28.17 -10.96
O MSE A 348 9.84 29.34 -10.79
CB MSE A 348 8.88 28.03 -8.64
CG MSE A 348 8.57 26.99 -7.60
SE MSE A 348 8.12 27.79 -5.88
CE MSE A 348 6.40 28.55 -6.36
N LYS A 349 9.42 27.60 -12.15
CA LYS A 349 9.73 28.25 -13.44
C LYS A 349 8.90 29.50 -13.70
N GLY A 350 7.65 29.55 -13.25
CA GLY A 350 6.79 30.68 -13.57
C GLY A 350 6.91 31.85 -12.62
N TYR A 351 7.86 31.81 -11.69
CA TYR A 351 7.98 32.87 -10.66
C TYR A 351 9.36 33.52 -10.69
N GLU A 352 9.43 34.81 -10.39
CA GLU A 352 10.71 35.53 -10.26
C GLU A 352 11.33 35.11 -8.92
N ALA A 353 12.65 35.12 -8.82
CA ALA A 353 13.39 34.71 -7.62
C ALA A 353 13.06 35.61 -6.42
N ASP A 354 12.99 36.91 -6.62
CA ASP A 354 12.67 37.82 -5.50
C ASP A 354 11.27 37.52 -4.97
N ASP A 355 10.36 37.19 -5.87
CA ASP A 355 8.98 36.85 -5.47
C ASP A 355 9.01 35.58 -4.62
N ILE A 356 9.77 34.58 -5.04
CA ILE A 356 9.85 33.30 -4.29
C ILE A 356 10.40 33.59 -2.90
N ILE A 357 11.43 34.41 -2.82
CA ILE A 357 12.09 34.72 -1.53
C ILE A 357 11.09 35.41 -0.59
N ARG A 358 10.34 36.37 -1.09
CA ARG A 358 9.32 37.05 -0.26
C ARG A 358 8.25 36.06 0.18
N LEU A 359 7.80 35.18 -0.71
CA LEU A 359 6.79 34.15 -0.37
C LEU A 359 7.38 33.19 0.67
N TYR A 360 8.64 32.81 0.52
CA TYR A 360 9.31 31.90 1.47
C TYR A 360 9.40 32.53 2.87
N TYR A 361 9.74 33.80 2.95
CA TYR A 361 9.77 34.47 4.27
C TYR A 361 8.36 34.41 4.87
N ASP A 362 7.36 34.66 4.04
CA ASP A 362 5.97 34.59 4.52
C ASP A 362 5.70 33.15 4.98
N PHE A 363 6.09 32.17 4.20
CA PHE A 363 5.83 30.76 4.56
C PHE A 363 6.45 30.40 5.92
N ILE A 364 7.69 30.80 6.20
CA ILE A 364 8.36 30.53 7.51
C ILE A 364 7.82 31.38 8.68
N VAL A 365 7.80 32.69 8.52
CA VAL A 365 7.50 33.63 9.63
C VAL A 365 6.02 33.97 9.80
N LEU A 366 5.35 34.42 8.75
CA LEU A 366 3.90 34.76 8.71
C LEU A 366 3.01 33.50 8.68
N LYS A 367 3.45 32.45 8.03
CA LYS A 367 2.68 31.20 7.87
C LYS A 367 1.30 31.49 7.28
N SER A 368 1.27 32.19 6.14
CA SER A 368 0.05 32.55 5.37
C SER A 368 -0.67 31.29 4.87
N GLN A 369 0.06 30.18 4.77
CA GLN A 369 -0.46 28.86 4.35
C GLN A 369 -1.43 28.31 5.40
N LYS A 370 -1.37 28.83 6.62
CA LYS A 370 -2.22 28.40 7.75
C LYS A 370 -3.42 29.34 7.89
N ASN A 371 -3.61 30.20 6.90
CA ASN A 371 -4.76 31.14 6.87
C ASN A 371 -5.57 30.99 5.58
N LEU A 372 -5.42 29.87 4.89
CA LEU A 372 -6.09 29.57 3.61
C LEU A 372 -7.55 29.13 3.78
N GLY A 373 -7.94 28.65 4.96
CA GLY A 373 -9.27 28.08 5.13
C GLY A 373 -9.29 26.57 4.92
N PHE A 374 -8.13 25.96 4.78
CA PHE A 374 -8.04 24.48 4.63
C PHE A 374 -6.63 24.04 5.03
N SER A 375 -6.47 22.78 5.37
CA SER A 375 -5.15 22.34 5.84
C SER A 375 -4.27 21.87 4.68
N ILE A 376 -3.20 22.61 4.43
CA ILE A 376 -2.17 22.24 3.42
C ILE A 376 -1.52 20.94 3.90
N LYS A 377 -1.30 20.83 5.19
CA LYS A 377 -0.66 19.63 5.76
C LYS A 377 -1.54 18.42 5.45
N LYS A 378 -2.85 18.54 5.64
CA LYS A 378 -3.76 17.41 5.40
C LYS A 378 -3.71 16.98 3.91
N LEU A 379 -3.72 17.94 2.99
CA LEU A 379 -3.66 17.66 1.54
C LEU A 379 -2.34 16.95 1.23
N ARG A 380 -1.23 17.46 1.75
CA ARG A 380 0.08 16.84 1.48
C ARG A 380 0.07 15.42 2.06
N GLU A 381 -0.48 15.24 3.24
CA GLU A 381 -0.52 13.91 3.90
C GLU A 381 -1.32 12.92 3.06
N LYS A 382 -2.45 13.35 2.53
CA LYS A 382 -3.30 12.49 1.68
C LYS A 382 -2.55 12.09 0.40
N MSE A 383 -1.84 13.03 -0.22
CA MSE A 383 -1.13 12.76 -1.44
C MSE A 383 -0.10 11.72 -1.18
O MSE A 383 0.05 10.84 -1.99
CB MSE A 383 -0.44 13.98 -1.99
CG MSE A 383 -1.37 15.09 -2.39
SE MSE A 383 -0.54 16.84 -2.62
CE MSE A 383 0.55 16.34 -4.14
N LEU A 384 0.63 11.84 -0.10
CA LEU A 384 1.67 10.85 0.23
C LEU A 384 1.05 9.50 0.57
N GLU A 385 -0.06 9.48 1.29
CA GLU A 385 -0.72 8.24 1.73
C GLU A 385 -1.15 7.43 0.52
N GLU A 386 -1.76 8.08 -0.47
CA GLU A 386 -2.26 7.36 -1.65
C GLU A 386 -1.23 7.15 -2.76
N TYR A 387 -0.56 8.21 -3.21
CA TYR A 387 0.33 8.14 -4.38
C TYR A 387 1.82 8.26 -4.08
N GLY A 388 2.20 8.86 -2.97
CA GLY A 388 3.61 9.11 -2.67
C GLY A 388 4.15 8.24 -1.56
N PHE A 389 3.76 6.97 -1.51
CA PHE A 389 4.17 6.08 -0.41
C PHE A 389 5.69 5.96 -0.35
N ARG A 390 6.38 6.08 -1.48
CA ARG A 390 7.86 5.98 -1.55
C ARG A 390 8.49 7.07 -0.69
N PHE A 391 7.85 8.24 -0.63
CA PHE A 391 8.33 9.41 0.15
C PHE A 391 8.25 9.14 1.65
N LYS A 392 7.41 8.21 2.05
CA LYS A 392 7.27 7.87 3.48
C LYS A 392 8.34 6.85 3.90
N ASP A 393 9.18 6.41 2.97
CA ASP A 393 10.23 5.42 3.25
C ASP A 393 11.17 6.01 4.28
N LYS A 394 11.76 5.13 5.09
CA LYS A 394 12.65 5.48 6.22
C LYS A 394 13.93 6.13 5.73
N GLN A 395 14.25 5.99 4.46
CA GLN A 395 15.48 6.61 3.89
C GLN A 395 15.34 8.14 3.92
N TYR A 396 14.13 8.65 3.98
CA TYR A 396 13.88 10.11 3.97
C TYR A 396 13.68 10.64 5.39
N ASP A 397 13.86 9.81 6.39
CA ASP A 397 13.55 10.27 7.77
C ASP A 397 14.43 11.45 8.18
N SER A 398 15.70 11.41 7.87
CA SER A 398 16.64 12.49 8.25
C SER A 398 16.34 13.80 7.51
N VAL A 399 15.72 13.75 6.35
CA VAL A 399 15.45 15.02 5.60
C VAL A 399 13.94 15.31 5.53
N ARG A 400 13.14 14.64 6.33
CA ARG A 400 11.67 14.74 6.20
C ARG A 400 11.13 16.15 6.42
N SER A 401 11.58 16.84 7.46
CA SER A 401 11.06 18.22 7.70
C SER A 401 11.38 19.12 6.51
N LYS A 402 12.58 19.02 5.96
CA LYS A 402 12.97 19.84 4.79
C LYS A 402 12.11 19.47 3.58
N MSE A 403 11.96 18.18 3.32
CA MSE A 403 11.18 17.72 2.21
C MSE A 403 9.75 18.19 2.33
O MSE A 403 9.18 18.60 1.36
CB MSE A 403 11.27 16.22 2.10
CG MSE A 403 10.51 15.62 0.93
SE MSE A 403 10.93 13.70 0.83
CE MSE A 403 9.78 13.11 2.26
N TYR A 404 9.18 18.11 3.53
CA TYR A 404 7.78 18.54 3.74
C TYR A 404 7.63 20.06 3.52
N LYS A 405 8.62 20.83 3.93
CA LYS A 405 8.59 22.30 3.75
C LYS A 405 8.52 22.60 2.25
N LEU A 406 9.33 21.91 1.46
CA LEU A 406 9.31 22.13 0.01
C LEU A 406 7.96 21.73 -0.58
N MSE A 407 7.41 20.57 -0.23
CA MSE A 407 6.15 20.15 -0.75
C MSE A 407 5.03 21.09 -0.37
O MSE A 407 4.30 21.51 -1.20
CB MSE A 407 5.81 18.80 -0.24
CG MSE A 407 6.69 17.71 -0.84
SE MSE A 407 6.46 15.96 -0.03
CE MSE A 407 7.57 15.03 -1.33
N ASP A 408 4.96 21.42 0.91
CA ASP A 408 3.94 22.34 1.47
C ASP A 408 4.08 23.72 0.82
N PHE A 409 5.30 24.18 0.56
CA PHE A 409 5.49 25.50 -0.08
C PHE A 409 4.87 25.52 -1.47
N LEU A 410 5.06 24.45 -2.25
CA LEU A 410 4.47 24.36 -3.60
C LEU A 410 2.94 24.42 -3.48
N LEU A 411 2.35 23.69 -2.55
CA LEU A 411 0.88 23.72 -2.39
C LEU A 411 0.42 25.12 -1.97
N PHE A 412 1.18 25.76 -1.11
CA PHE A 412 0.84 27.11 -0.63
C PHE A 412 0.83 28.11 -1.79
N CYS A 413 1.86 28.14 -2.61
CA CYS A 413 1.90 29.07 -3.77
C CYS A 413 0.76 28.74 -4.73
N ASN A 414 0.45 27.47 -4.89
CA ASN A 414 -0.65 27.09 -5.80
C ASN A 414 -1.97 27.73 -5.37
N TYR A 415 -2.29 27.71 -4.09
CA TYR A 415 -3.58 28.26 -3.62
C TYR A 415 -3.51 29.75 -3.30
N TYR A 416 -2.39 30.19 -2.76
CA TYR A 416 -2.18 31.60 -2.40
C TYR A 416 -1.98 32.50 -3.63
N ARG A 417 -1.35 31.98 -4.67
CA ARG A 417 -1.01 32.85 -5.82
C ARG A 417 -1.57 32.33 -7.15
N ASN A 418 -1.18 31.15 -7.59
CA ASN A 418 -1.55 30.58 -8.90
C ASN A 418 -3.05 30.31 -9.08
N ASP A 419 -3.72 29.69 -8.12
CA ASP A 419 -5.15 29.31 -8.24
C ASP A 419 -5.94 29.68 -6.98
N VAL A 420 -6.16 30.96 -6.76
CA VAL A 420 -6.90 31.47 -5.58
C VAL A 420 -8.35 30.95 -5.61
N ALA A 421 -8.94 30.89 -6.80
CA ALA A 421 -10.32 30.42 -6.99
C ALA A 421 -10.44 28.97 -6.57
N ALA A 422 -9.43 28.14 -6.82
CA ALA A 422 -9.47 26.73 -6.41
C ALA A 422 -9.56 26.65 -4.89
N GLY A 423 -8.81 27.50 -4.20
CA GLY A 423 -8.84 27.54 -2.73
C GLY A 423 -10.20 27.96 -2.24
N GLU A 424 -10.79 28.97 -2.84
CA GLU A 424 -12.13 29.45 -2.42
C GLU A 424 -13.16 28.33 -2.65
N ALA A 425 -13.05 27.60 -3.75
CA ALA A 425 -13.97 26.50 -4.05
C ALA A 425 -13.82 25.40 -3.00
N LEU A 426 -12.58 25.10 -2.63
CA LEU A 426 -12.29 24.07 -1.61
C LEU A 426 -12.90 24.48 -0.27
N VAL A 427 -12.76 25.73 0.11
CA VAL A 427 -13.36 26.20 1.39
C VAL A 427 -14.89 26.02 1.33
N ARG A 428 -15.49 26.40 0.21
CA ARG A 428 -16.96 26.28 0.07
C ARG A 428 -17.39 24.82 0.19
N LYS A 429 -16.69 23.89 -0.44
CA LYS A 429 -17.04 22.45 -0.33
C LYS A 429 -16.90 22.01 1.12
N LEU A 430 -15.85 22.43 1.79
CA LEU A 430 -15.66 22.06 3.20
C LEU A 430 -16.78 22.65 4.08
N ARG A 431 -17.18 23.90 3.84
CA ARG A 431 -18.28 24.51 4.63
C ARG A 431 -19.60 23.77 4.39
N PHE A 432 -19.85 23.40 3.14
CA PHE A 432 -21.06 22.68 2.68
C PHE A 432 -21.11 21.25 3.26
N SER A 433 -19.96 20.65 3.53
CA SER A 433 -19.86 19.25 4.00
C SER A 433 -20.62 19.05 5.31
N MSE A 434 -21.34 17.95 5.41
CA MSE A 434 -22.13 17.66 6.56
C MSE A 434 -21.58 16.68 7.53
O MSE A 434 -22.13 16.62 8.60
CB MSE A 434 -23.50 17.25 6.08
CG MSE A 434 -24.20 18.34 5.33
SE MSE A 434 -24.90 19.72 6.53
CE MSE A 434 -26.32 18.80 7.47
N THR A 435 -20.53 15.94 7.19
CA THR A 435 -19.94 14.92 8.11
C THR A 435 -18.41 14.87 7.96
N ASP A 436 -17.73 14.27 8.93
CA ASP A 436 -16.25 14.13 8.89
C ASP A 436 -15.87 13.29 7.67
N ASP A 437 -16.64 12.25 7.38
CA ASP A 437 -16.34 11.38 6.24
C ASP A 437 -16.43 12.20 4.95
N GLU A 438 -17.43 13.07 4.84
CA GLU A 438 -17.57 13.93 3.65
C GLU A 438 -16.32 14.82 3.53
N LYS A 439 -15.87 15.39 4.64
CA LYS A 439 -14.70 16.30 4.67
C LYS A 439 -13.44 15.56 4.25
N GLU A 440 -13.27 14.34 4.76
CA GLU A 440 -12.12 13.49 4.40
C GLU A 440 -12.20 13.21 2.90
N GLY A 441 -13.40 12.99 2.38
CA GLY A 441 -13.59 12.74 0.95
C GLY A 441 -13.19 13.94 0.11
N ILE A 442 -13.54 15.12 0.56
CA ILE A 442 -13.18 16.38 -0.16
C ILE A 442 -11.66 16.54 -0.19
N TYR A 443 -10.99 16.28 0.92
CA TYR A 443 -9.52 16.37 0.97
C TYR A 443 -8.90 15.33 0.01
N ALA A 444 -9.45 14.13 0.02
CA ALA A 444 -8.94 13.03 -0.82
C ALA A 444 -9.11 13.37 -2.31
N ASP A 445 -10.24 13.92 -2.70
CA ASP A 445 -10.50 14.28 -4.11
C ASP A 445 -9.53 15.38 -4.55
N GLU A 446 -9.35 16.39 -3.71
CA GLU A 446 -8.41 17.50 -4.03
C GLU A 446 -6.99 16.94 -4.13
N ALA A 447 -6.63 16.01 -3.28
CA ALA A 447 -5.30 15.41 -3.31
C ALA A 447 -5.07 14.72 -4.65
N ALA A 448 -6.08 14.04 -5.18
CA ALA A 448 -5.94 13.35 -6.48
C ALA A 448 -5.64 14.39 -7.55
N LYS A 449 -6.34 15.52 -7.51
CA LYS A 449 -6.07 16.61 -8.49
C LYS A 449 -4.67 17.19 -8.29
N LEU A 450 -4.22 17.38 -7.06
CA LEU A 450 -2.87 17.94 -6.80
C LEU A 450 -1.77 16.99 -7.28
N TRP A 451 -1.98 15.70 -7.08
CA TRP A 451 -0.98 14.68 -7.49
C TRP A 451 -0.79 14.75 -9.01
N GLY A 452 -1.86 14.94 -9.75
CA GLY A 452 -1.70 15.04 -11.21
C GLY A 452 -0.86 16.25 -11.54
N LYS A 453 -1.11 17.37 -10.86
CA LYS A 453 -0.37 18.63 -11.10
C LYS A 453 1.08 18.60 -10.60
N PHE A 454 1.32 18.03 -9.43
CA PHE A 454 2.62 18.15 -8.74
C PHE A 454 3.46 16.88 -8.64
N ARG A 455 3.05 15.79 -9.29
CA ARG A 455 3.81 14.54 -9.13
C ARG A 455 5.26 14.74 -9.58
N ASN A 456 5.48 15.40 -10.70
CA ASN A 456 6.87 15.60 -11.18
C ASN A 456 7.67 16.45 -10.19
N ASP A 457 7.08 17.53 -9.66
CA ASP A 457 7.75 18.41 -8.67
C ASP A 457 8.07 17.62 -7.39
N PHE A 458 7.13 16.82 -6.92
CA PHE A 458 7.34 16.05 -5.67
C PHE A 458 8.50 15.07 -5.89
N GLU A 459 8.54 14.43 -7.05
CA GLU A 459 9.63 13.50 -7.41
C GLU A 459 10.95 14.26 -7.50
N ASN A 460 10.92 15.46 -8.08
CA ASN A 460 12.15 16.29 -8.21
C ASN A 460 12.65 16.65 -6.80
N ILE A 461 11.73 16.98 -5.90
CA ILE A 461 12.11 17.34 -4.51
C ILE A 461 12.79 16.14 -3.84
N ALA A 462 12.20 14.96 -3.99
CA ALA A 462 12.70 13.72 -3.36
C ALA A 462 14.10 13.39 -3.88
N ASP A 463 14.32 13.64 -5.16
CA ASP A 463 15.61 13.40 -5.84
C ASP A 463 16.70 14.25 -5.21
N HIS A 464 16.33 15.43 -4.73
CA HIS A 464 17.30 16.36 -4.11
C HIS A 464 17.40 16.14 -2.62
N MSE A 465 16.50 15.35 -2.03
CA MSE A 465 16.48 15.17 -0.62
C MSE A 465 17.46 14.14 -0.16
O MSE A 465 17.07 13.09 0.32
CB MSE A 465 15.09 14.81 -0.15
CG MSE A 465 14.09 15.97 -0.13
SE MSE A 465 14.70 17.50 0.92
CE MSE A 465 15.55 18.49 -0.51
N ASN A 466 18.73 14.46 -0.28
CA ASN A 466 19.82 13.55 0.15
C ASN A 466 21.00 14.38 0.64
N GLY A 467 21.89 13.78 1.41
CA GLY A 467 23.01 14.52 2.00
C GLY A 467 23.94 15.17 1.00
N ASP A 468 24.27 14.48 -0.09
CA ASP A 468 25.24 15.03 -1.06
C ASP A 468 24.71 16.31 -1.70
N VAL A 469 23.46 16.28 -2.14
CA VAL A 469 22.85 17.48 -2.77
C VAL A 469 22.71 18.61 -1.76
N ILE A 470 22.21 18.30 -0.56
CA ILE A 470 22.00 19.35 0.47
C ILE A 470 23.34 19.95 0.88
N LYS A 471 24.36 19.11 1.00
CA LYS A 471 25.70 19.59 1.39
C LYS A 471 26.22 20.55 0.32
N GLU A 472 26.09 20.18 -0.93
CA GLU A 472 26.57 21.03 -2.04
C GLU A 472 25.81 22.36 -2.06
N LEU A 473 24.48 22.34 -1.95
CA LEU A 473 23.66 23.57 -1.96
C LEU A 473 24.07 24.43 -0.77
N GLY A 474 24.44 23.81 0.33
CA GLY A 474 24.89 24.50 1.55
C GLY A 474 26.15 25.33 1.34
N LYS A 475 27.06 24.82 0.51
CA LYS A 475 28.37 25.45 0.20
C LYS A 475 28.26 26.51 -0.88
N ALA A 476 27.17 26.51 -1.65
CA ALA A 476 27.03 27.42 -2.79
C ALA A 476 26.94 28.88 -2.34
N ASP A 477 27.52 29.76 -3.14
CA ASP A 477 27.48 31.22 -2.87
C ASP A 477 26.13 31.66 -3.45
N MSE A 478 25.27 32.25 -2.63
CA MSE A 478 23.98 32.66 -3.11
C MSE A 478 24.10 34.12 -3.39
O MSE A 478 24.50 34.91 -2.54
CB MSE A 478 22.92 32.32 -2.07
CG MSE A 478 22.02 31.20 -2.57
SE MSE A 478 20.15 31.69 -2.27
CE MSE A 478 19.62 30.82 -3.93
N ASP A 479 23.81 34.47 -4.63
CA ASP A 479 23.90 35.89 -5.06
C ASP A 479 22.53 36.58 -4.93
N PHE A 480 21.90 36.51 -3.77
CA PHE A 480 20.61 37.21 -3.57
C PHE A 480 20.78 38.21 -2.44
N ASP A 481 20.33 39.43 -2.66
CA ASP A 481 20.51 40.48 -1.64
C ASP A 481 19.45 40.33 -0.55
N GLU A 482 19.88 40.46 0.69
CA GLU A 482 19.06 40.38 1.91
C GLU A 482 18.04 41.53 1.93
N LYS A 483 18.35 42.61 1.21
CA LYS A 483 17.55 43.87 1.08
C LYS A 483 16.23 43.59 0.39
N ILE A 484 16.16 42.45 -0.28
CA ILE A 484 14.92 41.97 -0.95
C ILE A 484 13.81 41.86 0.11
N LEU A 485 14.15 41.55 1.36
CA LEU A 485 13.13 41.30 2.41
C LEU A 485 12.88 42.54 3.28
N ASP A 486 13.42 43.69 2.86
CA ASP A 486 13.34 44.92 3.68
C ASP A 486 11.88 45.30 3.95
N SER A 487 10.99 45.15 2.99
CA SER A 487 9.57 45.52 3.14
C SER A 487 8.73 44.39 3.73
N GLU A 488 9.30 43.21 3.92
CA GLU A 488 8.52 42.05 4.39
C GLU A 488 8.80 41.70 5.86
N LYS A 489 9.97 42.05 6.37
CA LYS A 489 10.39 41.62 7.72
C LYS A 489 9.51 42.20 8.82
N LYS A 490 9.22 41.36 9.80
CA LYS A 490 8.46 41.80 10.99
C LYS A 490 9.48 42.11 12.07
N ASN A 491 9.30 43.21 12.76
CA ASN A 491 10.20 43.65 13.84
C ASN A 491 9.40 43.82 15.13
N ALA A 492 10.09 43.94 16.25
CA ALA A 492 9.49 44.05 17.59
C ALA A 492 8.60 45.29 17.69
N SER A 493 9.03 46.38 17.05
CA SER A 493 8.32 47.68 17.02
C SER A 493 6.97 47.55 16.29
N ASP A 494 6.84 46.53 15.45
CA ASP A 494 5.59 46.27 14.68
C ASP A 494 4.50 45.65 15.57
N LEU A 495 4.83 45.21 16.79
CA LEU A 495 3.84 44.50 17.64
C LEU A 495 3.41 45.34 18.84
N LEU A 496 2.17 45.14 19.29
CA LEU A 496 1.68 45.82 20.51
C LEU A 496 2.31 45.15 21.72
N TYR A 497 2.32 45.87 22.84
CA TYR A 497 2.89 45.37 24.11
C TYR A 497 2.11 44.14 24.58
N PHE A 498 0.80 44.12 24.37
CA PHE A 498 0.01 42.95 24.79
C PHE A 498 0.50 41.71 24.04
N SER A 499 0.73 41.83 22.74
CA SER A 499 1.22 40.71 21.91
C SER A 499 2.59 40.28 22.42
N LYS A 500 3.42 41.26 22.75
CA LYS A 500 4.77 40.98 23.27
C LYS A 500 4.70 40.27 24.63
N MSE A 501 3.72 40.61 25.47
CA MSE A 501 3.52 39.98 26.73
C MSE A 501 3.18 38.52 26.55
O MSE A 501 3.65 37.74 27.29
CB MSE A 501 2.47 40.70 27.51
CG MSE A 501 2.18 40.13 28.86
SE MSE A 501 0.82 41.19 29.78
CE MSE A 501 -0.76 40.71 28.78
N ILE A 502 2.33 38.21 25.59
CA ILE A 502 1.94 36.80 25.27
C ILE A 502 3.20 36.07 24.80
N TYR A 503 4.06 36.73 24.02
CA TYR A 503 5.28 36.06 23.56
C TYR A 503 6.15 35.66 24.77
N MSE A 504 6.24 36.58 25.72
CA MSE A 504 7.04 36.40 26.91
C MSE A 504 6.59 35.22 27.71
O MSE A 504 7.40 34.44 28.11
CB MSE A 504 6.99 37.66 27.72
CG MSE A 504 7.76 37.48 29.01
SE MSE A 504 6.77 36.68 30.48
CE MSE A 504 5.62 38.19 30.86
N LEU A 505 5.27 35.06 27.81
CA LEU A 505 4.60 33.96 28.53
C LEU A 505 5.02 32.61 27.94
N THR A 506 5.30 32.55 26.64
CA THR A 506 5.67 31.32 25.91
C THR A 506 6.98 30.71 26.40
N TYR A 507 7.80 31.49 27.09
CA TYR A 507 9.09 30.98 27.65
C TYR A 507 8.81 29.86 28.66
N PHE A 508 7.69 29.95 29.35
CA PHE A 508 7.32 29.00 30.41
C PHE A 508 6.55 27.79 29.87
N LEU A 509 6.31 27.74 28.57
CA LEU A 509 5.42 26.72 28.02
C LEU A 509 6.07 25.79 26.99
N ASP A 510 5.54 24.58 26.93
CA ASP A 510 5.96 23.63 25.88
C ASP A 510 5.18 23.93 24.58
N GLY A 511 5.51 23.25 23.49
CA GLY A 511 4.86 23.51 22.19
C GLY A 511 3.35 23.31 22.20
N LYS A 512 2.84 22.27 22.84
CA LYS A 512 1.39 22.04 22.88
C LYS A 512 0.69 23.16 23.66
N GLU A 513 1.30 23.61 24.76
CA GLU A 513 0.75 24.69 25.61
C GLU A 513 0.71 26.00 24.82
N ILE A 514 1.75 26.26 24.05
CA ILE A 514 1.81 27.49 23.22
C ILE A 514 0.68 27.42 22.19
N ASN A 515 0.53 26.28 21.54
CA ASN A 515 -0.53 26.11 20.53
C ASN A 515 -1.90 26.27 21.17
N ASP A 516 -2.13 25.67 22.33
CA ASP A 516 -3.43 25.78 22.99
C ASP A 516 -3.74 27.21 23.47
N LEU A 517 -2.82 27.86 24.15
CA LEU A 517 -3.05 29.26 24.57
C LEU A 517 -3.17 30.20 23.36
N LEU A 518 -2.26 30.15 22.39
CA LEU A 518 -2.28 31.09 21.23
C LEU A 518 -3.52 30.90 20.33
N THR A 519 -3.85 29.66 19.95
CA THR A 519 -5.03 29.39 19.09
C THR A 519 -6.29 29.87 19.83
N THR A 520 -6.38 29.63 21.13
CA THR A 520 -7.58 30.12 21.85
C THR A 520 -7.61 31.66 21.81
N LEU A 521 -6.50 32.31 22.11
CA LEU A 521 -6.47 33.79 22.11
C LEU A 521 -6.76 34.36 20.71
N ILE A 522 -6.17 33.78 19.66
CA ILE A 522 -6.34 34.30 18.28
C ILE A 522 -7.82 34.21 17.90
N SER A 523 -8.43 33.08 18.19
CA SER A 523 -9.85 32.84 17.88
C SER A 523 -10.74 33.85 18.62
N LYS A 524 -10.52 34.09 19.91
CA LYS A 524 -11.36 35.06 20.65
C LYS A 524 -11.20 36.49 20.13
N PHE A 525 -9.97 36.90 19.86
CA PHE A 525 -9.69 38.24 19.31
C PHE A 525 -10.36 38.35 17.94
N ASP A 526 -10.31 37.28 17.15
CA ASP A 526 -10.91 37.28 15.80
C ASP A 526 -12.42 37.53 15.94
N ASN A 527 -13.04 36.83 16.90
CA ASN A 527 -14.48 37.00 17.16
C ASN A 527 -14.81 38.40 17.67
N ILE A 528 -14.02 38.92 18.60
CA ILE A 528 -14.32 40.25 19.21
C ILE A 528 -14.24 41.33 18.14
N LYS A 529 -13.21 41.28 17.30
CA LYS A 529 -13.07 42.27 16.22
C LYS A 529 -14.26 42.18 15.27
N GLU A 530 -14.73 40.98 14.96
CA GLU A 530 -15.90 40.86 14.08
C GLU A 530 -17.13 41.49 14.73
N PHE A 531 -17.39 41.23 16.00
CA PHE A 531 -18.57 41.82 16.69
C PHE A 531 -18.47 43.35 16.70
N LEU A 532 -17.29 43.88 16.98
CA LEU A 532 -17.10 45.34 17.03
C LEU A 532 -17.36 45.92 15.64
N LYS A 533 -16.82 45.31 14.61
CA LYS A 533 -16.99 45.79 13.22
C LYS A 533 -18.47 45.78 12.86
N ILE A 534 -19.19 44.72 13.20
CA ILE A 534 -20.63 44.61 12.90
C ILE A 534 -21.38 45.72 13.62
N MSE A 535 -21.09 45.93 14.89
CA MSE A 535 -21.74 46.92 15.67
C MSE A 535 -21.50 48.30 15.18
O MSE A 535 -22.39 49.08 15.28
CB MSE A 535 -21.40 46.82 17.14
CG MSE A 535 -22.25 45.76 17.80
SE MSE A 535 -21.99 45.62 19.72
CE MSE A 535 -20.10 45.15 19.73
N LYS A 536 -20.32 48.57 14.65
CA LYS A 536 -19.93 49.92 14.20
C LYS A 536 -20.35 50.17 12.75
N SER A 537 -20.92 49.18 12.07
CA SER A 537 -21.33 49.34 10.66
C SER A 537 -22.54 50.28 10.55
N SER A 538 -22.73 50.87 9.37
CA SER A 538 -23.83 51.81 9.09
C SER A 538 -25.18 51.11 9.24
N ALA A 539 -25.28 49.87 8.77
CA ALA A 539 -26.57 49.14 8.85
C ALA A 539 -27.01 48.88 10.29
N VAL A 540 -26.08 48.53 11.17
CA VAL A 540 -26.44 48.21 12.58
C VAL A 540 -26.35 49.46 13.44
N ASP A 541 -25.18 50.07 13.53
CA ASP A 541 -24.98 51.35 14.26
C ASP A 541 -25.38 51.29 15.74
N VAL A 542 -24.90 50.32 16.52
CA VAL A 542 -25.19 50.31 17.98
C VAL A 542 -23.96 50.89 18.67
N GLU A 543 -24.13 51.56 19.80
CA GLU A 543 -23.07 52.36 20.46
C GLU A 543 -21.78 51.59 20.81
N CYS A 544 -21.81 50.55 21.62
CA CYS A 544 -20.57 49.73 21.85
C CYS A 544 -19.28 50.50 22.20
N GLU A 545 -19.30 51.42 23.15
CA GLU A 545 -18.02 52.06 23.55
C GLU A 545 -17.48 51.30 24.76
N LEU A 546 -16.36 50.63 24.58
CA LEU A 546 -15.77 49.86 25.69
C LEU A 546 -15.32 50.82 26.77
N THR A 547 -15.41 50.42 28.02
CA THR A 547 -14.91 51.22 29.17
C THR A 547 -13.38 51.24 29.12
N ALA A 548 -12.78 52.08 29.95
CA ALA A 548 -11.35 52.44 29.94
C ALA A 548 -10.43 51.22 30.05
N GLY A 549 -10.74 50.28 30.91
CA GLY A 549 -9.88 49.10 31.07
C GLY A 549 -9.89 48.16 29.88
N TYR A 550 -10.86 48.32 28.97
CA TYR A 550 -11.05 47.40 27.83
C TYR A 550 -10.81 48.05 26.48
N LYS A 551 -10.18 49.21 26.46
CA LYS A 551 -9.90 49.97 25.22
C LYS A 551 -8.96 49.17 24.32
N LEU A 552 -8.24 48.20 24.89
CA LEU A 552 -7.30 47.32 24.15
C LEU A 552 -8.07 46.56 23.08
N PHE A 553 -9.31 46.18 23.37
CA PHE A 553 -10.20 45.39 22.48
C PHE A 553 -10.55 46.14 21.22
N ASN A 554 -10.42 47.46 21.23
CA ASN A 554 -10.64 48.29 20.02
C ASN A 554 -9.59 47.88 18.97
N ASP A 555 -8.49 47.29 19.42
CA ASP A 555 -7.37 46.90 18.51
C ASP A 555 -7.36 45.39 18.27
N SER A 556 -8.52 44.77 18.40
CA SER A 556 -8.62 43.30 18.31
C SER A 556 -8.12 42.78 16.95
N GLN A 557 -8.37 43.50 15.87
CA GLN A 557 -7.96 43.01 14.53
C GLN A 557 -6.43 42.91 14.48
N ARG A 558 -5.75 43.95 14.95
CA ARG A 558 -4.28 43.99 15.01
C ARG A 558 -3.76 42.88 15.95
N ILE A 559 -4.40 42.71 17.11
CA ILE A 559 -3.97 41.67 18.08
C ILE A 559 -4.10 40.27 17.46
N THR A 560 -5.17 40.00 16.73
CA THR A 560 -5.38 38.67 16.12
C THR A 560 -4.22 38.39 15.17
N ASN A 561 -3.88 39.34 14.32
CA ASN A 561 -2.76 39.17 13.36
C ASN A 561 -1.42 38.99 14.09
N GLU A 562 -1.16 39.80 15.10
CA GLU A 562 0.10 39.73 15.89
C GLU A 562 0.26 38.40 16.65
N LEU A 563 -0.80 37.90 17.29
CA LEU A 563 -0.79 36.63 18.06
C LEU A 563 -0.48 35.48 17.11
N PHE A 564 -0.95 35.57 15.87
CA PHE A 564 -0.69 34.54 14.84
C PHE A 564 0.81 34.46 14.59
N ILE A 565 1.46 35.61 14.41
CA ILE A 565 2.93 35.66 14.24
C ILE A 565 3.64 35.18 15.51
N VAL A 566 3.14 35.56 16.68
CA VAL A 566 3.71 35.13 17.99
C VAL A 566 3.66 33.59 18.06
N LYS A 567 2.56 33.01 17.62
CA LYS A 567 2.43 31.54 17.64
C LYS A 567 3.54 30.95 16.77
N ASN A 568 3.78 31.53 15.60
CA ASN A 568 4.81 31.00 14.66
C ASN A 568 6.22 31.08 15.24
N ILE A 569 6.61 32.24 15.74
CA ILE A 569 7.98 32.48 16.27
C ILE A 569 8.21 31.76 17.61
N ALA A 570 7.21 31.73 18.49
CA ALA A 570 7.29 31.05 19.80
C ALA A 570 7.45 29.54 19.62
N SER A 571 6.86 28.99 18.56
CA SER A 571 6.95 27.53 18.29
C SER A 571 8.33 27.19 17.69
N MSE A 572 9.20 28.20 17.58
CA MSE A 572 10.53 28.00 17.03
C MSE A 572 11.43 27.48 18.11
O MSE A 572 11.51 28.07 19.20
CB MSE A 572 11.07 29.33 16.51
CG MSE A 572 11.01 29.37 14.99
SE MSE A 572 11.04 31.26 14.39
CE MSE A 572 10.23 30.98 12.61
N ARG A 573 12.14 26.38 17.81
CA ARG A 573 13.08 25.75 18.78
C ARG A 573 14.04 26.81 19.30
N LYS A 574 14.16 26.94 20.62
CA LYS A 574 15.07 27.92 21.24
C LYS A 574 16.51 27.41 21.21
N PRO A 575 17.51 28.30 21.25
CA PRO A 575 18.92 27.89 21.19
C PRO A 575 19.21 26.98 22.38
N ALA A 576 19.90 25.87 22.14
CA ALA A 576 20.18 24.96 23.27
C ALA A 576 21.03 25.71 24.30
N ALA A 577 20.64 25.60 25.57
CA ALA A 577 21.36 26.22 26.71
C ALA A 577 22.57 25.36 27.09
N SER A 578 23.40 25.85 28.01
CA SER A 578 24.56 25.05 28.47
C SER A 578 24.06 24.14 29.58
N ALA A 579 24.24 22.83 29.48
CA ALA A 579 23.71 21.97 30.56
C ALA A 579 24.52 22.17 31.84
N LYS A 580 23.83 22.59 32.89
CA LYS A 580 24.36 22.77 34.24
C LYS A 580 24.41 21.39 34.92
N LEU A 581 25.16 21.28 36.00
CA LEU A 581 25.28 20.02 36.75
C LEU A 581 23.89 19.64 37.27
N THR A 582 23.07 20.62 37.62
CA THR A 582 21.70 20.36 38.15
C THR A 582 20.91 19.55 37.12
N MSE A 583 21.02 19.90 35.84
CA MSE A 583 20.33 19.23 34.80
C MSE A 583 20.78 17.83 34.61
O MSE A 583 19.99 16.97 34.32
CB MSE A 583 20.26 20.05 33.54
CG MSE A 583 19.78 21.44 33.95
SE MSE A 583 19.87 22.47 32.31
CE MSE A 583 18.81 23.96 33.03
N PHE A 584 22.09 17.60 34.71
CA PHE A 584 22.64 16.24 34.59
C PHE A 584 22.10 15.39 35.74
N ARG A 585 21.98 15.97 36.92
CA ARG A 585 21.42 15.21 38.05
C ARG A 585 19.97 14.83 37.72
N ASP A 586 19.19 15.77 37.19
CA ASP A 586 17.79 15.46 36.81
C ASP A 586 17.76 14.38 35.72
N ALA A 587 18.62 14.47 34.72
CA ALA A 587 18.59 13.46 33.65
C ALA A 587 18.95 12.07 34.18
N LEU A 588 20.01 11.99 34.96
CA LEU A 588 20.47 10.71 35.54
C LEU A 588 19.41 10.18 36.49
N THR A 589 18.82 11.05 37.29
CA THR A 589 17.79 10.64 38.26
C THR A 589 16.57 10.07 37.56
N ILE A 590 16.09 10.72 36.50
CA ILE A 590 14.87 10.26 35.79
C ILE A 590 15.12 8.89 35.16
N LEU A 591 16.32 8.65 34.66
CA LEU A 591 16.71 7.36 34.06
C LEU A 591 16.79 6.29 35.15
N GLY A 592 17.24 6.68 36.34
CA GLY A 592 17.38 5.77 37.47
C GLY A 592 18.81 5.67 37.94
N ILE A 593 19.04 6.20 39.13
CA ILE A 593 20.39 6.26 39.76
C ILE A 593 20.21 6.10 41.27
N ASP A 594 21.24 5.64 41.96
CA ASP A 594 21.12 5.52 43.44
C ASP A 594 20.94 6.91 44.04
N ASP A 595 20.13 6.99 45.09
CA ASP A 595 19.73 8.24 45.78
C ASP A 595 20.90 8.92 46.49
N ASN A 596 21.98 8.20 46.76
CA ASN A 596 23.07 8.84 47.54
C ASN A 596 24.14 9.39 46.60
N ILE A 597 23.90 9.36 45.29
CA ILE A 597 24.93 9.80 44.32
C ILE A 597 25.27 11.26 44.60
N THR A 598 26.54 11.64 44.48
CA THR A 598 26.95 13.01 44.81
C THR A 598 27.23 13.84 43.57
N ASP A 599 27.33 15.15 43.73
CA ASP A 599 27.58 16.04 42.57
C ASP A 599 28.92 15.65 41.96
N ASP A 600 29.91 15.38 42.81
CA ASP A 600 31.29 15.03 42.37
C ASP A 600 31.27 13.74 41.58
N ARG A 601 30.48 12.77 42.03
CA ARG A 601 30.38 11.49 41.30
C ARG A 601 29.79 11.76 39.92
N ILE A 602 28.76 12.59 39.86
CA ILE A 602 28.13 12.91 38.55
C ILE A 602 29.15 13.62 37.68
N SER A 603 29.84 14.59 38.25
CA SER A 603 30.85 15.30 37.44
C SER A 603 31.91 14.30 36.97
N GLU A 604 32.29 13.38 37.85
CA GLU A 604 33.27 12.33 37.53
C GLU A 604 32.73 11.38 36.45
N ILE A 605 31.51 10.88 36.60
CA ILE A 605 30.98 9.91 35.61
C ILE A 605 30.90 10.53 34.22
N LEU A 606 30.48 11.78 34.14
CA LEU A 606 30.26 12.44 32.83
C LEU A 606 31.50 13.19 32.35
N LYS A 607 32.56 13.18 33.16
CA LYS A 607 33.82 13.90 32.84
C LYS A 607 33.55 15.38 32.63
N LEU A 608 32.69 15.99 33.45
CA LEU A 608 32.38 17.43 33.34
C LEU A 608 33.60 18.32 33.62
N LYS A 609 34.40 17.96 34.62
CA LYS A 609 35.63 18.70 34.99
C LYS A 609 36.69 18.57 33.90
N GLU A 610 36.86 17.36 33.38
CA GLU A 610 37.92 17.05 32.41
C GLU A 610 37.77 17.88 31.14
N LYS A 611 38.90 18.23 30.53
CA LYS A 611 38.91 18.99 29.26
C LYS A 611 39.69 18.14 28.27
N GLY A 612 39.11 17.82 27.13
CA GLY A 612 39.80 16.96 26.17
C GLY A 612 38.97 16.76 24.93
N LYS A 613 39.42 15.89 24.03
CA LYS A 613 38.67 15.67 22.78
C LYS A 613 38.22 14.22 22.73
N GLY A 614 36.94 13.99 22.41
CA GLY A 614 36.36 12.64 22.29
C GLY A 614 36.18 11.97 23.63
N ILE A 615 36.28 12.71 24.73
CA ILE A 615 36.09 12.07 26.06
C ILE A 615 34.67 12.30 26.59
N HIS A 616 33.85 13.03 25.85
CA HIS A 616 32.52 13.42 26.39
C HIS A 616 31.35 12.71 25.74
N GLY A 617 31.52 11.49 25.25
CA GLY A 617 30.43 10.81 24.55
C GLY A 617 29.21 10.58 25.44
N LEU A 618 29.39 10.13 26.67
CA LEU A 618 28.23 9.88 27.54
C LEU A 618 27.51 11.19 27.88
N ARG A 619 28.26 12.24 28.20
CA ARG A 619 27.64 13.53 28.55
C ARG A 619 26.84 14.02 27.35
N ASN A 620 27.40 13.93 26.16
CA ASN A 620 26.71 14.40 24.93
C ASN A 620 25.47 13.55 24.70
N PHE A 621 25.58 12.25 24.90
CA PHE A 621 24.42 11.37 24.70
C PHE A 621 23.29 11.74 25.67
N ILE A 622 23.61 12.01 26.93
CA ILE A 622 22.60 12.41 27.93
C ILE A 622 22.00 13.77 27.52
N THR A 623 22.83 14.70 27.07
CA THR A 623 22.34 16.03 26.66
C THR A 623 21.42 15.92 25.43
N ASN A 624 21.85 15.24 24.37
CA ASN A 624 21.05 15.12 23.13
C ASN A 624 19.75 14.33 23.33
N ASN A 625 19.76 13.31 24.17
CA ASN A 625 18.57 12.45 24.26
C ASN A 625 17.72 12.74 25.48
N VAL A 626 18.25 13.43 26.47
CA VAL A 626 17.42 13.66 27.68
C VAL A 626 17.27 15.15 27.92
N ILE A 627 18.36 15.86 28.15
CA ILE A 627 18.28 17.30 28.52
C ILE A 627 17.56 18.05 27.42
N GLU A 628 17.84 17.73 26.16
CA GLU A 628 17.27 18.46 25.01
C GLU A 628 15.88 17.97 24.65
N SER A 629 15.38 16.92 25.29
CA SER A 629 14.01 16.45 24.98
C SER A 629 13.00 17.39 25.65
N SER A 630 12.06 17.90 24.88
CA SER A 630 10.99 18.75 25.47
C SER A 630 10.11 17.91 26.40
N ARG A 631 9.99 16.61 26.17
CA ARG A 631 9.22 15.74 27.09
C ARG A 631 9.91 15.71 28.45
N PHE A 632 11.24 15.60 28.44
CA PHE A 632 12.01 15.62 29.71
C PHE A 632 11.80 16.97 30.39
N VAL A 633 11.90 18.05 29.64
CA VAL A 633 11.77 19.39 30.26
C VAL A 633 10.36 19.52 30.87
N TYR A 634 9.35 19.01 30.18
CA TYR A 634 7.96 19.11 30.68
C TYR A 634 7.84 18.34 32.01
N LEU A 635 8.44 17.16 32.07
CA LEU A 635 8.40 16.31 33.28
C LEU A 635 9.08 17.01 34.45
N ILE A 636 10.27 17.58 34.24
CA ILE A 636 11.00 18.30 35.30
C ILE A 636 10.20 19.54 35.73
N LYS A 637 9.62 20.24 34.78
CA LYS A 637 8.86 21.45 35.08
C LYS A 637 7.64 21.16 35.96
N TYR A 638 6.89 20.11 35.66
CA TYR A 638 5.61 19.84 36.37
C TYR A 638 5.70 18.74 37.43
N ALA A 639 6.83 18.01 37.44
CA ALA A 639 7.01 16.91 38.41
C ALA A 639 8.50 16.77 38.78
N ASN A 640 8.83 15.80 39.63
CA ASN A 640 10.23 15.57 40.06
C ASN A 640 10.78 14.33 39.34
N ALA A 641 12.07 14.36 38.98
CA ALA A 641 12.72 13.25 38.28
C ALA A 641 12.68 11.96 39.10
N GLN A 642 12.96 12.02 40.40
CA GLN A 642 12.96 10.80 41.23
C GLN A 642 11.56 10.18 41.34
N LYS A 643 10.54 11.00 41.59
CA LYS A 643 9.16 10.50 41.70
C LYS A 643 8.68 9.90 40.37
N ILE A 644 9.00 10.55 39.26
CA ILE A 644 8.59 10.02 37.93
C ILE A 644 9.25 8.66 37.71
N ARG A 645 10.53 8.53 38.07
CA ARG A 645 11.22 7.23 37.89
C ARG A 645 10.50 6.16 38.74
N GLU A 646 10.08 6.50 39.95
CA GLU A 646 9.37 5.55 40.83
C GLU A 646 8.03 5.14 40.21
N VAL A 647 7.28 6.09 39.67
CA VAL A 647 5.96 5.85 39.02
C VAL A 647 6.10 4.95 37.79
N ALA A 648 7.23 5.06 37.10
CA ALA A 648 7.54 4.27 35.89
C ALA A 648 7.63 2.77 36.24
N LYS A 649 7.81 2.45 37.51
CA LYS A 649 7.89 1.02 37.94
C LYS A 649 6.49 0.42 38.01
N ASN A 650 5.45 1.25 38.01
CA ASN A 650 4.07 0.73 38.09
C ASN A 650 3.65 0.27 36.71
N GLU A 651 3.73 -1.02 36.43
CA GLU A 651 3.38 -1.54 35.10
C GLU A 651 1.91 -1.30 34.81
N LYS A 652 1.07 -1.30 35.83
CA LYS A 652 -0.35 -1.06 35.55
C LYS A 652 -0.55 0.33 34.94
N VAL A 653 0.11 1.33 35.50
CA VAL A 653 0.03 2.72 34.97
C VAL A 653 0.65 2.75 33.58
N VAL A 654 1.82 2.15 33.40
CA VAL A 654 2.52 2.16 32.08
C VAL A 654 1.68 1.45 31.03
N MSE A 655 1.07 0.33 31.39
CA MSE A 655 0.23 -0.39 30.47
C MSE A 655 -0.94 0.46 30.07
O MSE A 655 -1.31 0.43 28.94
CB MSE A 655 -0.18 -1.79 30.96
CG MSE A 655 0.97 -2.78 30.98
SE MSE A 655 1.46 -3.32 29.18
CE MSE A 655 -0.31 -3.25 28.41
N PHE A 656 -1.51 1.22 31.01
CA PHE A 656 -2.66 2.06 30.61
C PHE A 656 -2.24 3.08 29.54
N VAL A 657 -1.12 3.75 29.72
CA VAL A 657 -0.59 4.73 28.72
C VAL A 657 -0.24 4.02 27.40
N LEU A 658 0.44 2.89 27.48
CA LEU A 658 0.85 2.10 26.29
C LEU A 658 -0.40 1.64 25.53
N GLY A 659 -1.48 1.37 26.26
CA GLY A 659 -2.78 0.94 25.74
C GLY A 659 -3.41 1.98 24.83
N GLY A 660 -3.27 3.25 25.15
CA GLY A 660 -3.77 4.35 24.32
C GLY A 660 -3.02 4.51 23.02
N ILE A 661 -1.77 4.07 22.94
CA ILE A 661 -0.94 4.22 21.71
C ILE A 661 -1.42 3.26 20.62
N PRO A 662 -1.58 3.71 19.36
CA PRO A 662 -2.06 2.85 18.29
C PRO A 662 -1.15 1.63 18.07
N ASP A 663 -1.75 0.54 17.62
CA ASP A 663 -1.04 -0.75 17.44
C ASP A 663 0.12 -0.58 16.46
N THR A 664 -0.06 0.17 15.38
CA THR A 664 1.04 0.32 14.40
C THR A 664 2.24 0.96 15.11
N GLN A 665 1.99 1.96 15.94
CA GLN A 665 3.05 2.66 16.70
C GLN A 665 3.71 1.70 17.71
N ILE A 666 2.93 0.89 18.40
CA ILE A 666 3.51 -0.07 19.38
C ILE A 666 4.43 -1.02 18.62
N GLU A 667 4.02 -1.43 17.43
CA GLU A 667 4.85 -2.35 16.63
C GLU A 667 6.17 -1.65 16.29
N ARG A 668 6.13 -0.36 15.93
CA ARG A 668 7.37 0.41 15.64
C ARG A 668 8.22 0.48 16.89
N TYR A 669 7.64 0.76 18.05
CA TYR A 669 8.39 0.83 19.31
C TYR A 669 9.00 -0.54 19.66
N TYR A 670 8.26 -1.62 19.44
CA TYR A 670 8.78 -2.97 19.80
C TYR A 670 10.01 -3.26 18.93
N LYS A 671 9.89 -3.02 17.64
CA LYS A 671 10.98 -3.29 16.68
C LYS A 671 12.23 -2.49 17.02
N SER A 672 12.09 -1.20 17.27
CA SER A 672 13.20 -0.26 17.59
C SER A 672 13.82 -0.45 18.98
N CYS A 673 13.02 -0.80 19.98
CA CYS A 673 13.54 -0.82 21.38
C CYS A 673 13.97 -2.19 21.89
N VAL A 674 13.49 -3.29 21.34
CA VAL A 674 13.86 -4.58 21.99
C VAL A 674 15.02 -5.24 21.23
N GLU A 675 16.04 -5.62 21.98
CA GLU A 675 17.24 -6.24 21.37
C GLU A 675 16.88 -7.57 20.73
N PHE A 676 16.24 -8.46 21.49
CA PHE A 676 15.84 -9.79 20.97
C PHE A 676 14.32 -9.86 20.93
N PRO A 677 13.68 -9.45 19.82
CA PRO A 677 12.22 -9.42 19.70
C PRO A 677 11.54 -10.65 19.09
N ASP A 678 10.52 -11.19 19.78
CA ASP A 678 9.80 -12.36 19.23
C ASP A 678 8.90 -11.92 18.08
N MSE A 679 9.10 -12.52 16.93
CA MSE A 679 8.36 -12.26 15.75
C MSE A 679 6.94 -12.61 15.90
O MSE A 679 6.08 -11.93 15.36
CB MSE A 679 8.90 -13.19 14.68
CG MSE A 679 10.38 -12.97 14.46
SE MSE A 679 10.67 -11.10 13.95
CE MSE A 679 9.35 -10.90 12.52
N ASN A 680 6.68 -13.70 16.62
CA ASN A 680 5.30 -14.21 16.78
C ASN A 680 4.52 -13.49 17.88
N SER A 681 5.18 -12.63 18.66
CA SER A 681 4.51 -12.03 19.84
C SER A 681 3.25 -11.25 19.48
N SER A 682 2.25 -11.35 20.34
CA SER A 682 0.96 -10.63 20.21
C SER A 682 1.14 -9.15 20.56
N LEU A 683 0.18 -8.30 20.19
CA LEU A 683 0.28 -6.86 20.54
C LEU A 683 0.33 -6.71 22.06
N GLU A 684 -0.49 -7.44 22.82
CA GLU A 684 -0.45 -7.34 24.30
C GLU A 684 0.91 -7.80 24.80
N ALA A 685 1.51 -8.82 24.18
CA ALA A 685 2.85 -9.27 24.58
C ALA A 685 3.86 -8.16 24.30
N LYS A 686 3.71 -7.46 23.18
CA LYS A 686 4.61 -6.34 22.82
C LYS A 686 4.46 -5.21 23.85
N ARG A 687 3.22 -4.82 24.18
CA ARG A 687 3.01 -3.75 25.18
C ARG A 687 3.67 -4.14 26.49
N SER A 688 3.44 -5.38 26.94
CA SER A 688 4.04 -5.91 28.18
C SER A 688 5.55 -5.81 28.10
N GLU A 689 6.15 -6.20 26.98
CA GLU A 689 7.63 -6.13 26.89
C GLU A 689 8.08 -4.68 27.07
N LEU A 690 7.46 -3.74 26.36
CA LEU A 690 7.80 -2.31 26.47
C LEU A 690 7.60 -1.83 27.91
N ALA A 691 6.53 -2.25 28.57
CA ALA A 691 6.28 -1.83 29.95
C ALA A 691 7.38 -2.36 30.87
N ARG A 692 7.83 -3.58 30.64
CA ARG A 692 8.89 -4.19 31.47
C ARG A 692 10.18 -3.42 31.24
N MSE A 693 10.47 -3.05 30.00
CA MSE A 693 11.64 -2.26 29.68
C MSE A 693 11.61 -0.96 30.39
O MSE A 693 12.59 -0.56 30.95
CB MSE A 693 11.70 -2.00 28.22
CG MSE A 693 12.50 -3.08 27.55
SE MSE A 693 12.80 -2.62 25.70
CE MSE A 693 12.39 -0.73 26.00
N ILE A 694 10.45 -0.30 30.43
CA ILE A 694 10.33 1.00 31.13
C ILE A 694 10.57 0.78 32.62
N LYS A 695 9.98 -0.26 33.18
CA LYS A 695 10.17 -0.55 34.62
C LYS A 695 11.64 -0.82 34.94
N ASN A 696 12.38 -1.43 34.02
CA ASN A 696 13.77 -1.85 34.29
C ASN A 696 14.84 -0.83 33.88
N ILE A 697 14.45 0.29 33.30
CA ILE A 697 15.44 1.29 32.78
C ILE A 697 16.29 1.84 33.91
N SER A 698 17.55 2.06 33.62
CA SER A 698 18.45 2.72 34.60
C SER A 698 19.50 3.49 33.82
N PHE A 699 20.15 4.43 34.49
CA PHE A 699 21.25 5.21 33.87
C PHE A 699 22.38 4.24 33.48
N ASP A 700 22.53 3.21 34.29
CA ASP A 700 23.62 2.20 34.20
C ASP A 700 23.59 1.54 32.83
N ASP A 701 22.42 1.34 32.25
CA ASP A 701 22.27 0.69 30.93
C ASP A 701 22.96 1.50 29.83
N PHE A 702 23.15 2.80 30.03
CA PHE A 702 23.69 3.63 28.93
C PHE A 702 25.11 4.08 29.16
N LYS A 703 25.72 3.69 30.27
CA LYS A 703 27.05 4.26 30.58
C LYS A 703 28.11 3.85 29.54
N ASN A 704 27.90 2.76 28.81
CA ASN A 704 28.90 2.32 27.81
C ASN A 704 28.49 2.73 26.39
N VAL A 705 27.49 3.58 26.27
CA VAL A 705 27.07 4.03 24.92
C VAL A 705 28.22 4.79 24.27
N LYS A 706 28.41 4.58 22.98
CA LYS A 706 29.44 5.37 22.29
C LYS A 706 28.74 6.33 21.33
N GLN A 707 28.98 7.62 21.51
CA GLN A 707 28.36 8.66 20.64
C GLN A 707 28.86 8.43 19.22
N GLN A 708 30.16 8.22 19.05
CA GLN A 708 30.73 7.97 17.71
C GLN A 708 30.74 6.47 17.43
N ALA A 709 29.59 5.83 17.56
CA ALA A 709 29.49 4.38 17.34
C ALA A 709 29.65 4.09 15.86
N LYS A 710 29.97 2.82 15.55
CA LYS A 710 30.03 2.35 14.15
C LYS A 710 29.52 0.90 14.10
N GLY A 711 28.92 0.51 12.98
CA GLY A 711 28.44 -0.88 12.79
C GLY A 711 27.44 -1.34 13.83
N ARG A 712 27.66 -2.52 14.41
CA ARG A 712 26.80 -3.18 15.42
C ARG A 712 26.71 -2.31 16.68
N GLU A 713 27.78 -1.61 16.99
CA GLU A 713 27.78 -0.70 18.16
C GLU A 713 26.76 0.41 17.89
N ASN A 714 26.65 0.85 16.65
CA ASN A 714 25.71 1.90 16.22
C ASN A 714 24.27 1.41 16.40
N VAL A 715 24.02 0.15 16.08
CA VAL A 715 22.66 -0.42 16.25
C VAL A 715 22.30 -0.34 17.74
N ALA A 716 23.24 -0.65 18.62
CA ALA A 716 22.99 -0.56 20.06
C ALA A 716 22.70 0.88 20.47
N LYS A 717 23.45 1.84 19.92
CA LYS A 717 23.23 3.26 20.24
C LYS A 717 21.82 3.69 19.82
N GLU A 718 21.39 3.31 18.62
CA GLU A 718 20.03 3.64 18.11
C GLU A 718 18.99 3.01 19.03
N ARG A 719 19.25 1.79 19.47
CA ARG A 719 18.32 1.12 20.39
C ARG A 719 18.27 1.94 21.68
N ALA A 720 19.40 2.43 22.18
CA ALA A 720 19.41 3.19 23.44
C ALA A 720 18.57 4.48 23.30
N LYS A 721 18.73 5.18 22.18
CA LYS A 721 17.96 6.42 21.91
C LYS A 721 16.48 6.09 21.85
N ALA A 722 16.13 4.97 21.22
CA ALA A 722 14.73 4.54 21.09
C ALA A 722 14.14 4.26 22.46
N VAL A 723 14.86 3.58 23.34
CA VAL A 723 14.34 3.24 24.69
C VAL A 723 14.11 4.52 25.48
N ILE A 724 15.08 5.42 25.45
CA ILE A 724 14.97 6.69 26.21
C ILE A 724 13.78 7.49 25.68
N GLY A 725 13.65 7.54 24.37
CA GLY A 725 12.55 8.28 23.72
C GLY A 725 11.20 7.72 24.12
N LEU A 726 11.05 6.40 24.09
CA LEU A 726 9.79 5.75 24.51
C LEU A 726 9.54 6.03 25.99
N TYR A 727 10.57 5.93 26.81
CA TYR A 727 10.39 6.12 28.26
C TYR A 727 9.90 7.54 28.55
N LEU A 728 10.56 8.53 27.98
CA LEU A 728 10.19 9.95 28.19
C LEU A 728 8.77 10.22 27.67
N THR A 729 8.42 9.64 26.53
CA THR A 729 7.09 9.85 25.93
C THR A 729 6.00 9.28 26.83
N VAL A 730 6.19 8.07 27.32
CA VAL A 730 5.15 7.43 28.17
C VAL A 730 4.93 8.25 29.45
N MSE A 731 5.99 8.63 30.15
CA MSE A 731 5.87 9.42 31.35
C MSE A 731 5.28 10.80 31.09
O MSE A 731 4.47 11.28 31.85
CB MSE A 731 7.17 9.49 32.14
CG MSE A 731 7.75 8.17 32.57
SE MSE A 731 6.43 6.85 33.25
CE MSE A 731 6.00 7.84 34.85
N TYR A 732 5.68 11.42 29.99
CA TYR A 732 5.17 12.74 29.55
C TYR A 732 3.67 12.64 29.30
N LEU A 733 3.24 11.58 28.64
CA LEU A 733 1.81 11.36 28.34
C LEU A 733 1.01 11.32 29.65
N LEU A 734 1.52 10.61 30.66
CA LEU A 734 0.83 10.52 31.96
C LEU A 734 0.75 11.88 32.64
N VAL A 735 1.87 12.56 32.82
CA VAL A 735 1.90 13.87 33.53
C VAL A 735 1.10 14.92 32.76
N LYS A 736 1.25 15.00 31.44
CA LYS A 736 0.53 15.99 30.60
C LYS A 736 -0.99 15.79 30.69
N ASN A 737 -1.43 14.54 30.61
CA ASN A 737 -2.87 14.23 30.69
C ASN A 737 -3.41 14.68 32.06
N LEU A 738 -2.69 14.43 33.15
CA LEU A 738 -3.13 14.86 34.50
C LEU A 738 -3.15 16.39 34.65
N VAL A 739 -2.16 17.10 34.13
CA VAL A 739 -2.12 18.58 34.17
C VAL A 739 -3.32 19.10 33.40
N ASN A 740 -3.60 18.48 32.24
CA ASN A 740 -4.75 18.83 31.39
C ASN A 740 -6.05 18.55 32.15
N VAL A 741 -6.12 17.46 32.90
CA VAL A 741 -7.36 17.17 33.68
C VAL A 741 -7.54 18.27 34.72
N ASN A 742 -6.48 18.62 35.39
CA ASN A 742 -6.45 19.66 36.43
C ASN A 742 -6.87 21.02 35.85
N ALA A 743 -6.52 21.30 34.60
CA ALA A 743 -6.86 22.59 33.96
C ALA A 743 -8.38 22.80 33.95
N ARG A 744 -9.15 21.73 33.77
CA ARG A 744 -10.63 21.81 33.75
C ARG A 744 -11.13 22.32 35.11
N TYR A 745 -10.54 21.82 36.21
CA TYR A 745 -10.87 22.24 37.60
C TYR A 745 -10.40 23.67 37.85
N VAL A 746 -9.26 24.04 37.28
CA VAL A 746 -8.75 25.43 37.41
C VAL A 746 -9.77 26.38 36.76
N ILE A 747 -10.31 26.00 35.61
CA ILE A 747 -11.31 26.85 34.93
C ILE A 747 -12.55 26.98 35.82
N ALA A 748 -12.98 25.89 36.46
CA ALA A 748 -14.16 25.89 37.34
C ALA A 748 -13.97 26.86 38.51
N ILE A 749 -12.81 26.82 39.14
CA ILE A 749 -12.46 27.72 40.27
C ILE A 749 -12.43 29.16 39.75
N HIS A 750 -11.81 29.39 38.60
CA HIS A 750 -11.75 30.74 38.02
C HIS A 750 -13.17 31.25 37.77
N CYS A 751 -14.03 30.43 37.19
CA CYS A 751 -15.42 30.82 36.91
C CYS A 751 -16.23 31.06 38.19
N LEU A 752 -16.04 30.24 39.21
CA LEU A 752 -16.79 30.39 40.47
C LEU A 752 -16.44 31.73 41.12
N GLU A 753 -15.17 32.05 41.21
CA GLU A 753 -14.75 33.34 41.78
C GLU A 753 -15.32 34.48 40.92
N ARG A 754 -15.23 34.35 39.60
CA ARG A 754 -15.74 35.39 38.70
C ARG A 754 -17.25 35.53 38.87
N ASP A 755 -17.96 34.42 38.84
CA ASP A 755 -19.44 34.38 38.96
C ASP A 755 -19.89 34.89 40.34
N PHE A 756 -19.18 34.53 41.40
CA PHE A 756 -19.56 34.99 42.74
C PHE A 756 -19.45 36.51 42.78
N GLY A 757 -18.39 37.06 42.24
CA GLY A 757 -18.23 38.52 42.24
C GLY A 757 -19.37 39.18 41.48
N LEU A 758 -19.75 38.66 40.32
CA LEU A 758 -20.85 39.24 39.51
C LEU A 758 -22.21 39.05 40.20
N TYR A 759 -22.51 37.87 40.71
CA TYR A 759 -23.80 37.61 41.40
C TYR A 759 -23.93 38.45 42.67
N LYS A 760 -22.81 38.81 43.27
CA LYS A 760 -22.78 39.56 44.54
C LYS A 760 -23.47 40.91 44.35
N GLU A 761 -23.30 41.52 43.20
CA GLU A 761 -23.94 42.81 42.86
C GLU A 761 -25.46 42.70 42.74
N ILE A 762 -26.00 41.55 42.35
CA ILE A 762 -27.46 41.48 42.11
C ILE A 762 -28.18 40.61 43.16
N ILE A 763 -27.46 39.88 43.98
CA ILE A 763 -28.15 39.04 44.98
C ILE A 763 -27.80 39.58 46.37
N PRO A 764 -28.78 40.22 47.04
CA PRO A 764 -28.63 40.87 48.34
C PRO A 764 -28.16 39.87 49.40
N GLU A 765 -28.64 38.64 49.29
CA GLU A 765 -28.31 37.55 50.25
C GLU A 765 -26.83 37.17 50.17
N LEU A 766 -26.08 37.67 49.19
CA LEU A 766 -24.65 37.31 49.07
C LEU A 766 -23.78 38.47 49.55
N ALA A 767 -24.39 39.57 49.94
CA ALA A 767 -23.69 40.82 50.27
C ALA A 767 -22.69 40.64 51.43
N SER A 768 -23.02 39.88 52.45
CA SER A 768 -22.06 39.76 53.57
C SER A 768 -21.22 38.48 53.43
N LYS A 769 -21.26 37.84 52.27
CA LYS A 769 -20.58 36.53 52.14
C LYS A 769 -19.17 36.65 51.59
N ASN A 770 -18.28 35.83 52.13
CA ASN A 770 -16.89 35.69 51.67
C ASN A 770 -16.81 34.30 51.04
N LEU A 771 -16.44 34.21 49.77
CA LEU A 771 -16.44 32.91 49.06
C LEU A 771 -15.53 31.89 49.71
N LYS A 772 -14.33 32.30 50.09
CA LYS A 772 -13.33 31.38 50.69
C LYS A 772 -13.83 30.78 52.00
N ASN A 773 -14.72 31.46 52.71
CA ASN A 773 -15.29 30.90 53.96
C ASN A 773 -16.07 29.63 53.65
N ASP A 774 -16.80 29.62 52.54
CA ASP A 774 -17.55 28.42 52.09
C ASP A 774 -17.74 28.51 50.57
N TYR A 775 -17.02 27.69 49.84
CA TYR A 775 -17.02 27.66 48.36
C TYR A 775 -18.40 27.28 47.81
N ARG A 776 -19.21 26.61 48.62
CA ARG A 776 -20.56 26.13 48.24
C ARG A 776 -21.61 27.24 48.28
N ILE A 777 -21.25 28.43 48.74
CA ILE A 777 -22.24 29.53 48.96
C ILE A 777 -23.01 29.94 47.68
N LEU A 778 -22.36 30.10 46.53
CA LEU A 778 -23.13 30.51 45.32
C LEU A 778 -24.14 29.42 44.94
N SER A 779 -23.71 28.17 44.86
CA SER A 779 -24.65 27.08 44.48
C SER A 779 -25.75 26.98 45.52
N GLN A 780 -25.39 27.00 46.79
CA GLN A 780 -26.41 26.86 47.86
C GLN A 780 -27.39 28.04 47.82
N THR A 781 -26.90 29.25 47.72
CA THR A 781 -27.77 30.44 47.70
C THR A 781 -28.69 30.45 46.48
N LEU A 782 -28.17 30.20 45.29
CA LEU A 782 -29.02 30.17 44.08
C LEU A 782 -30.05 29.05 44.17
N CYS A 783 -29.68 27.87 44.62
CA CYS A 783 -30.65 26.75 44.74
C CYS A 783 -31.77 27.13 45.73
N GLU A 784 -31.41 27.68 46.87
CA GLU A 784 -32.39 28.05 47.92
C GLU A 784 -33.34 29.14 47.46
N LEU A 785 -32.84 30.13 46.72
CA LEU A 785 -33.66 31.23 46.18
C LEU A 785 -34.66 30.66 45.18
N CYS A 786 -34.25 29.69 44.38
CA CYS A 786 -35.15 29.09 43.38
C CYS A 786 -36.30 28.35 44.07
N ASP A 787 -35.98 27.58 45.08
CA ASP A 787 -36.99 26.77 45.78
C ASP A 787 -38.03 27.66 46.45
N ASP A 788 -37.64 28.76 47.07
CA ASP A 788 -38.70 29.52 47.77
C ASP A 788 -39.13 30.80 47.03
N ARG A 789 -38.19 31.70 46.80
CA ARG A 789 -38.45 33.02 46.18
C ARG A 789 -38.73 32.83 44.69
N ASN A 790 -38.61 31.62 44.18
CA ASN A 790 -38.68 31.46 42.71
C ASN A 790 -37.65 32.39 42.06
N GLU A 791 -36.43 32.43 42.60
CA GLU A 791 -35.39 33.31 42.01
C GLU A 791 -35.26 32.88 40.56
N SER A 792 -35.24 33.84 39.65
CA SER A 792 -35.22 33.46 38.22
C SER A 792 -33.89 33.79 37.56
N SER A 793 -32.91 34.32 38.28
CA SER A 793 -31.68 34.78 37.58
C SER A 793 -30.91 33.66 36.89
N ASN A 794 -30.62 32.58 37.60
CA ASN A 794 -29.85 31.47 36.99
C ASN A 794 -30.83 30.54 36.27
N LEU A 795 -30.79 30.55 34.95
CA LEU A 795 -31.66 29.71 34.11
C LEU A 795 -31.34 28.22 34.27
N PHE A 796 -30.09 27.85 34.49
CA PHE A 796 -29.78 26.40 34.58
C PHE A 796 -30.58 25.81 35.76
N LEU A 797 -30.53 26.45 36.91
CA LEU A 797 -31.23 25.99 38.13
C LEU A 797 -32.74 26.19 38.06
N LYS A 798 -33.18 27.35 37.61
CA LYS A 798 -34.64 27.64 37.59
C LYS A 798 -35.36 26.65 36.69
N LYS A 799 -34.83 26.42 35.51
CA LYS A 799 -35.43 25.53 34.49
C LYS A 799 -35.41 24.05 34.85
N ASN A 800 -34.38 23.55 35.51
CA ASN A 800 -34.34 22.09 35.74
C ASN A 800 -34.45 21.82 37.23
N LYS A 801 -35.67 21.62 37.71
CA LYS A 801 -35.91 21.37 39.14
C LYS A 801 -35.25 20.07 39.57
N ARG A 802 -35.31 19.03 38.74
CA ARG A 802 -34.72 17.75 39.13
C ARG A 802 -33.22 17.94 39.35
N LEU A 803 -32.53 18.59 38.42
CA LEU A 803 -31.08 18.83 38.57
C LEU A 803 -30.79 19.76 39.74
N ARG A 804 -31.63 20.76 39.97
CA ARG A 804 -31.39 21.66 41.12
C ARG A 804 -31.44 20.86 42.43
N LYS A 805 -32.42 19.98 42.56
CA LYS A 805 -32.54 19.14 43.78
C LYS A 805 -31.32 18.22 43.91
N CYS A 806 -30.83 17.68 42.79
CA CYS A 806 -29.62 16.83 42.83
C CYS A 806 -28.42 17.64 43.33
N VAL A 807 -28.28 18.88 42.87
CA VAL A 807 -27.16 19.75 43.31
C VAL A 807 -27.29 19.99 44.83
N GLU A 808 -28.51 20.17 45.32
CA GLU A 808 -28.73 20.41 46.75
C GLU A 808 -28.24 19.19 47.54
N VAL A 809 -28.49 17.98 47.08
CA VAL A 809 -28.02 16.77 47.80
C VAL A 809 -26.49 16.77 47.84
N ASP A 810 -25.84 17.08 46.71
CA ASP A 810 -24.35 17.14 46.62
C ASP A 810 -23.79 18.22 47.53
N ILE A 811 -24.41 19.38 47.60
CA ILE A 811 -23.92 20.45 48.50
C ILE A 811 -23.98 19.92 49.94
N ASN A 812 -25.07 19.28 50.30
CA ASN A 812 -25.26 18.70 51.66
C ASN A 812 -24.22 17.62 51.94
N ASN A 813 -23.80 16.86 50.93
CA ASN A 813 -22.79 15.79 51.09
C ASN A 813 -21.39 16.38 51.28
N ALA A 814 -21.20 17.65 50.96
CA ALA A 814 -19.89 18.31 51.12
C ALA A 814 -19.93 19.25 52.32
N ASP A 815 -18.81 19.92 52.56
CA ASP A 815 -18.71 20.90 53.66
C ASP A 815 -17.70 21.98 53.26
N SER A 816 -17.66 23.05 54.03
CA SER A 816 -16.75 24.17 53.71
C SER A 816 -15.30 23.69 53.74
N SER A 817 -14.93 22.85 54.70
CA SER A 817 -13.52 22.42 54.82
C SER A 817 -13.03 21.60 53.63
N MSE A 818 -13.79 20.60 53.19
CA MSE A 818 -13.39 19.82 52.07
C MSE A 818 -13.31 20.55 50.74
O MSE A 818 -12.42 20.26 50.01
CB MSE A 818 -14.12 18.49 51.97
CG MSE A 818 -15.51 18.59 51.38
SE MSE A 818 -16.36 16.87 51.10
CE MSE A 818 -16.83 16.73 52.97
N THR A 819 -14.28 21.41 50.47
CA THR A 819 -14.32 22.22 49.23
C THR A 819 -13.12 23.18 49.20
N ARG A 820 -12.77 23.76 50.35
CA ARG A 820 -11.59 24.66 50.43
C ARG A 820 -10.32 23.88 50.14
N LYS A 821 -10.20 22.68 50.70
CA LYS A 821 -9.04 21.81 50.43
C LYS A 821 -9.01 21.44 48.95
N TYR A 822 -10.16 21.17 48.35
CA TYR A 822 -10.27 20.85 46.91
C TYR A 822 -9.80 22.05 46.09
N ALA A 823 -10.24 23.25 46.44
CA ALA A 823 -9.86 24.47 45.70
C ALA A 823 -8.34 24.64 45.76
N ASN A 824 -7.75 24.43 46.94
CA ASN A 824 -6.30 24.56 47.15
C ASN A 824 -5.53 23.52 46.35
N CYS A 825 -5.97 22.27 46.36
CA CYS A 825 -5.32 21.18 45.61
C CYS A 825 -5.34 21.46 44.10
N ILE A 826 -6.45 21.99 43.59
CA ILE A 826 -6.60 22.30 42.14
C ILE A 826 -5.60 23.40 41.75
N ALA A 827 -5.58 24.47 42.53
CA ALA A 827 -4.69 25.60 42.28
C ALA A 827 -3.21 25.20 42.40
N HIS A 828 -2.86 24.26 43.26
CA HIS A 828 -1.44 23.92 43.47
C HIS A 828 -1.01 22.66 42.72
N LEU A 829 -1.85 22.13 41.84
CA LEU A 829 -1.52 20.90 41.09
C LEU A 829 -1.10 19.80 42.07
N THR A 830 -1.81 19.69 43.17
CA THR A 830 -1.51 18.70 44.23
C THR A 830 -1.57 17.28 43.68
N VAL A 831 -2.47 17.03 42.74
CA VAL A 831 -2.60 15.66 42.18
C VAL A 831 -1.29 15.27 41.50
N VAL A 832 -0.72 16.18 40.73
CA VAL A 832 0.57 15.89 40.06
C VAL A 832 1.70 15.76 41.08
N ARG A 833 1.76 16.65 42.06
CA ARG A 833 2.81 16.64 43.09
C ARG A 833 2.80 15.36 43.93
N GLU A 834 1.62 14.86 44.28
CA GLU A 834 1.40 13.67 45.15
C GLU A 834 1.12 12.41 44.31
N LEU A 835 1.36 12.43 43.01
CA LEU A 835 1.01 11.31 42.12
C LEU A 835 1.70 10.01 42.58
N LYS A 836 3.01 10.05 42.81
CA LYS A 836 3.80 8.87 43.23
C LYS A 836 3.28 8.31 44.56
N GLU A 837 2.80 9.18 45.44
CA GLU A 837 2.31 8.79 46.78
C GLU A 837 1.10 7.86 46.70
N TYR A 838 0.15 8.11 45.80
CA TYR A 838 -1.10 7.32 45.81
C TYR A 838 -1.39 6.52 44.54
N ILE A 839 -0.66 6.72 43.45
CA ILE A 839 -1.01 6.03 42.18
C ILE A 839 -0.93 4.51 42.30
N GLY A 840 0.02 4.03 43.10
CA GLY A 840 0.25 2.60 43.35
C GLY A 840 -0.94 1.95 44.03
N ASP A 841 -1.77 2.73 44.71
CA ASP A 841 -2.94 2.20 45.43
C ASP A 841 -4.13 1.93 44.48
N ILE A 842 -4.10 2.42 43.24
CA ILE A 842 -5.27 2.24 42.34
C ILE A 842 -5.43 0.78 41.88
N ARG A 843 -6.63 0.23 42.04
CA ARG A 843 -6.83 -1.17 41.61
C ARG A 843 -6.84 -1.30 40.08
N THR A 844 -7.71 -0.54 39.40
CA THR A 844 -7.74 -0.59 37.92
C THR A 844 -7.50 0.81 37.35
N VAL A 845 -6.53 0.94 36.47
CA VAL A 845 -6.23 2.24 35.81
C VAL A 845 -7.04 2.25 34.51
N ASP A 846 -8.21 2.87 34.55
CA ASP A 846 -9.16 2.91 33.42
C ASP A 846 -9.09 4.21 32.62
N SER A 847 -8.75 5.33 33.25
CA SER A 847 -8.73 6.63 32.56
C SER A 847 -7.96 7.68 33.36
N TYR A 848 -7.62 8.77 32.69
CA TYR A 848 -6.94 9.92 33.33
C TYR A 848 -7.88 10.51 34.38
N PHE A 849 -9.16 10.57 34.08
CA PHE A 849 -10.15 11.15 35.02
C PHE A 849 -10.19 10.30 36.30
N SER A 850 -10.27 8.98 36.17
CA SER A 850 -10.30 8.13 37.38
C SER A 850 -8.98 8.22 38.14
N ILE A 851 -7.86 8.32 37.45
CA ILE A 851 -6.56 8.49 38.16
C ILE A 851 -6.58 9.82 38.92
N TYR A 852 -7.00 10.90 38.29
CA TYR A 852 -7.00 12.24 38.93
C TYR A 852 -7.92 12.24 40.15
N HIS A 853 -9.12 11.71 40.00
CA HIS A 853 -10.06 11.68 41.14
C HIS A 853 -9.60 10.75 42.27
N TYR A 854 -9.02 9.59 41.97
CA TYR A 854 -8.56 8.72 43.07
C TYR A 854 -7.49 9.44 43.89
N VAL A 855 -6.48 9.98 43.21
CA VAL A 855 -5.36 10.72 43.86
C VAL A 855 -5.92 11.94 44.59
N MSE A 856 -6.84 12.67 43.97
CA MSE A 856 -7.39 13.83 44.56
C MSE A 856 -8.10 13.48 45.84
O MSE A 856 -7.95 14.19 46.80
CB MSE A 856 -8.34 14.57 43.63
CG MSE A 856 -9.04 15.74 44.30
SE MSE A 856 -7.84 17.22 44.81
CE MSE A 856 -7.85 17.89 42.99
N GLN A 857 -8.88 12.42 45.83
CA GLN A 857 -9.65 11.93 47.00
C GLN A 857 -8.68 11.47 48.11
N ARG A 858 -7.56 10.84 47.76
CA ARG A 858 -6.58 10.46 48.80
C ARG A 858 -6.02 11.74 49.43
N CYS A 859 -5.73 12.76 48.63
CA CYS A 859 -5.19 14.04 49.17
C CYS A 859 -6.20 14.73 50.09
N ILE A 860 -7.46 14.79 49.72
CA ILE A 860 -8.51 15.45 50.57
C ILE A 860 -8.70 14.71 51.90
N THR A 861 -8.68 13.38 51.88
CA THR A 861 -8.94 12.52 53.07
C THR A 861 -7.70 12.37 53.97
N LYS A 862 -6.52 12.74 53.51
CA LYS A 862 -5.28 12.62 54.30
C LYS A 862 -5.41 13.40 55.60
N ARG A 863 -4.92 12.82 56.69
CA ARG A 863 -4.97 13.43 58.05
C ARG A 863 -3.86 14.47 58.23
N GLY A 864 -3.99 15.32 59.25
CA GLY A 864 -2.98 16.36 59.57
C GLY A 864 -3.32 17.14 60.82
N GLU A 870 -8.96 16.88 62.54
CA GLU A 870 -10.06 17.03 61.54
C GLU A 870 -10.92 15.76 61.50
N GLU A 871 -12.23 15.90 61.35
CA GLU A 871 -13.08 14.69 61.33
C GLU A 871 -12.92 13.94 60.02
N LYS A 872 -13.23 12.66 60.08
CA LYS A 872 -13.13 11.78 58.92
C LYS A 872 -14.26 12.12 57.96
N ILE A 873 -13.93 12.28 56.69
CA ILE A 873 -15.00 12.49 55.68
C ILE A 873 -15.71 11.15 55.53
N LYS A 874 -17.03 11.14 55.35
CA LYS A 874 -17.84 9.91 55.24
C LYS A 874 -17.46 9.04 54.05
N TYR A 875 -16.78 9.57 53.05
CA TYR A 875 -16.42 8.80 51.83
C TYR A 875 -15.07 8.08 52.00
N GLU A 876 -14.34 8.38 53.07
CA GLU A 876 -12.97 7.86 53.24
C GLU A 876 -12.92 6.33 53.31
N ASP A 877 -13.82 5.71 54.07
CA ASP A 877 -13.78 4.24 54.27
C ASP A 877 -13.96 3.54 52.93
N ASP A 878 -14.94 3.96 52.15
CA ASP A 878 -15.16 3.35 50.82
C ASP A 878 -13.96 3.60 49.89
N LEU A 879 -13.40 4.80 49.94
CA LEU A 879 -12.25 5.14 49.06
C LEU A 879 -11.10 4.20 49.38
N LEU A 880 -10.77 4.05 50.64
CA LEU A 880 -9.64 3.19 51.07
C LEU A 880 -9.90 1.71 50.74
N LYS A 881 -11.11 1.23 50.94
CA LYS A 881 -11.47 -0.19 50.65
C LYS A 881 -11.52 -0.50 49.14
N ASN A 882 -12.13 0.38 48.36
CA ASN A 882 -12.32 0.22 46.90
C ASN A 882 -11.04 0.31 46.08
N HIS A 883 -10.09 1.14 46.48
CA HIS A 883 -8.84 1.38 45.72
C HIS A 883 -9.19 2.05 44.37
N GLY A 884 -10.23 2.86 44.37
CA GLY A 884 -10.74 3.60 43.22
C GLY A 884 -11.56 4.78 43.67
N TYR A 885 -11.74 5.79 42.83
CA TYR A 885 -12.45 7.02 43.22
C TYR A 885 -13.94 6.75 43.48
N THR A 886 -14.52 7.60 44.31
CA THR A 886 -15.95 7.52 44.66
C THR A 886 -16.72 8.56 43.86
N LYS A 887 -17.69 8.10 43.08
CA LYS A 887 -18.48 8.98 42.19
C LYS A 887 -19.25 10.03 42.99
N ASP A 888 -19.87 9.63 44.09
CA ASP A 888 -20.62 10.58 44.96
C ASP A 888 -19.66 11.60 45.56
N PHE A 889 -18.43 11.18 45.88
CA PHE A 889 -17.41 12.06 46.47
C PHE A 889 -17.07 13.16 45.46
N VAL A 890 -16.96 12.81 44.18
CA VAL A 890 -16.65 13.79 43.11
C VAL A 890 -17.78 14.82 43.06
N LYS A 891 -19.02 14.36 43.12
CA LYS A 891 -20.18 15.27 43.06
C LYS A 891 -20.15 16.21 44.25
N ALA A 892 -19.88 15.70 45.45
CA ALA A 892 -19.85 16.59 46.62
C ALA A 892 -18.74 17.65 46.48
N LEU A 893 -17.54 17.27 46.06
CA LEU A 893 -16.40 18.21 45.90
C LEU A 893 -16.70 19.27 44.84
N ASN A 894 -17.42 18.88 43.78
CA ASN A 894 -17.78 19.74 42.63
C ASN A 894 -19.06 20.53 42.89
N SER A 895 -19.66 20.36 44.07
CA SER A 895 -20.95 21.02 44.43
C SER A 895 -20.84 22.55 44.35
N PRO A 896 -19.70 23.19 44.59
CA PRO A 896 -19.55 24.63 44.43
C PRO A 896 -19.77 25.09 42.98
N PHE A 897 -19.62 24.20 42.01
CA PHE A 897 -19.78 24.50 40.56
C PHE A 897 -21.19 24.15 40.05
N GLY A 898 -22.06 23.73 40.96
CA GLY A 898 -23.42 23.27 40.66
C GLY A 898 -24.27 24.31 39.97
N TYR A 899 -24.01 25.59 40.22
CA TYR A 899 -24.77 26.71 39.64
C TYR A 899 -24.66 26.68 38.11
N ASN A 900 -23.56 26.13 37.58
CA ASN A 900 -23.42 25.96 36.12
C ASN A 900 -23.60 24.47 35.86
N ILE A 901 -24.81 24.06 35.50
CA ILE A 901 -25.12 22.60 35.37
C ILE A 901 -24.26 21.89 34.33
N PRO A 902 -24.07 22.39 33.11
CA PRO A 902 -23.25 21.68 32.14
C PRO A 902 -21.82 21.47 32.67
N ARG A 903 -21.23 22.50 33.27
CA ARG A 903 -19.88 22.37 33.84
C ARG A 903 -19.89 21.34 34.99
N PHE A 904 -20.88 21.43 35.86
CA PHE A 904 -20.95 20.50 37.01
C PHE A 904 -21.08 19.05 36.51
N LYS A 905 -21.94 18.80 35.54
CA LYS A 905 -22.11 17.45 34.98
C LYS A 905 -20.84 16.97 34.29
N ASN A 906 -20.22 17.82 33.47
CA ASN A 906 -19.01 17.49 32.70
C ASN A 906 -17.85 17.13 33.64
N LEU A 907 -17.65 17.89 34.70
CA LEU A 907 -16.58 17.68 35.68
C LEU A 907 -16.91 16.55 36.68
N SER A 908 -18.16 16.16 36.82
CA SER A 908 -18.58 15.13 37.80
C SER A 908 -18.73 13.74 37.19
N ILE A 909 -19.16 13.65 35.94
CA ILE A 909 -19.47 12.36 35.29
C ILE A 909 -18.38 12.04 34.28
N GLU A 910 -17.74 10.91 34.49
CA GLU A 910 -16.55 10.51 33.71
C GLU A 910 -16.88 10.45 32.23
N GLN A 911 -18.04 9.93 31.88
CA GLN A 911 -18.53 9.74 30.50
C GLN A 911 -18.68 11.09 29.79
N LEU A 912 -18.99 12.16 30.50
CA LEU A 912 -19.18 13.49 29.90
C LEU A 912 -17.91 14.34 29.98
N PHE A 913 -16.88 13.88 30.65
CA PHE A 913 -15.71 14.76 30.89
C PHE A 913 -14.90 15.14 29.65
N ASP A 914 -14.47 14.14 28.89
CA ASP A 914 -13.58 14.37 27.74
C ASP A 914 -14.36 14.36 26.43
N ARG A 915 -14.24 15.44 25.67
CA ARG A 915 -14.89 15.59 24.34
C ARG A 915 -14.31 14.55 23.35
N ASN A 916 -13.10 14.09 23.56
CA ASN A 916 -12.45 13.12 22.63
C ASN A 916 -12.77 11.67 23.04
N GLU A 917 -13.45 11.46 24.14
CA GLU A 917 -13.73 10.07 24.55
C GLU A 917 -15.14 9.68 24.12
N TYR A 918 -15.37 8.38 23.99
CA TYR A 918 -16.71 7.79 23.76
C TYR A 918 -17.39 8.34 22.51
N LEU A 919 -16.61 8.52 21.45
CA LEU A 919 -17.22 9.04 20.22
C LEU A 919 -18.26 8.03 19.75
N THR A 920 -17.96 6.74 19.84
CA THR A 920 -18.94 5.72 19.38
C THR A 920 -20.18 5.75 20.28
N GLU A 921 -19.98 5.66 21.59
CA GLU A 921 -21.13 5.69 22.53
C GLU A 921 -21.93 6.95 22.20
N LYS A 922 -23.22 6.76 21.93
CA LYS A 922 -24.15 7.85 21.50
C LYS A 922 -23.46 8.70 20.42
N LYS D 50 -3.92 -0.67 -25.09
CA LYS D 50 -5.04 -1.66 -25.01
C LYS D 50 -5.69 -1.62 -23.62
N LYS D 51 -7.01 -1.53 -23.56
CA LYS D 51 -7.64 -1.52 -22.22
C LYS D 51 -8.39 -2.83 -21.99
N LYS D 52 -8.34 -3.34 -20.76
CA LYS D 52 -9.05 -4.60 -20.45
C LYS D 52 -10.53 -4.30 -20.26
N SER D 53 -11.34 -5.35 -20.14
CA SER D 53 -12.79 -5.20 -19.91
C SER D 53 -13.05 -4.66 -18.51
N SER D 54 -13.90 -3.63 -18.44
CA SER D 54 -14.31 -3.01 -17.17
C SER D 54 -15.17 -3.99 -16.38
N VAL D 55 -15.95 -4.80 -17.07
CA VAL D 55 -16.81 -5.83 -16.42
C VAL D 55 -15.90 -6.87 -15.76
N LYS D 56 -14.90 -7.35 -16.49
CA LYS D 56 -13.97 -8.36 -15.94
C LYS D 56 -13.23 -7.76 -14.73
N ALA D 57 -12.71 -6.55 -14.89
CA ALA D 57 -11.95 -5.84 -13.84
C ALA D 57 -12.80 -5.59 -12.59
N ALA D 58 -14.05 -5.20 -12.79
CA ALA D 58 -15.01 -4.86 -11.71
C ALA D 58 -15.31 -6.09 -10.84
N GLY D 59 -15.10 -7.29 -11.36
CA GLY D 59 -15.35 -8.54 -10.60
C GLY D 59 -16.38 -9.45 -11.21
N MSE D 60 -16.92 -9.14 -12.39
CA MSE D 60 -17.92 -10.02 -12.95
C MSE D 60 -17.34 -11.05 -13.88
O MSE D 60 -16.88 -10.76 -14.96
CB MSE D 60 -19.07 -9.25 -13.61
CG MSE D 60 -20.18 -10.21 -13.98
SE MSE D 60 -21.72 -9.34 -14.87
CE MSE D 60 -22.27 -8.32 -13.31
N LYS D 61 -17.27 -12.28 -13.36
CA LYS D 61 -16.72 -13.45 -14.08
C LYS D 61 -17.61 -13.98 -15.20
N SER D 62 -18.88 -14.25 -14.91
CA SER D 62 -19.74 -14.85 -15.96
C SER D 62 -21.21 -14.53 -15.73
N ILE D 63 -21.97 -14.49 -16.81
CA ILE D 63 -23.45 -14.47 -16.71
C ILE D 63 -23.88 -15.77 -17.39
N LEU D 64 -24.35 -16.72 -16.59
CA LEU D 64 -24.81 -18.00 -17.15
C LEU D 64 -26.32 -17.86 -17.45
N VAL D 65 -26.74 -18.34 -18.61
CA VAL D 65 -28.17 -18.23 -18.97
C VAL D 65 -28.83 -19.60 -19.00
N SER D 66 -29.80 -19.80 -18.11
CA SER D 66 -30.65 -21.02 -18.10
C SER D 66 -31.95 -20.71 -18.86
N GLU D 67 -32.98 -21.54 -18.75
CA GLU D 67 -34.16 -21.25 -19.59
C GLU D 67 -34.85 -19.93 -19.25
N ASN D 68 -35.28 -19.77 -18.00
CA ASN D 68 -35.97 -18.51 -17.64
C ASN D 68 -35.15 -17.73 -16.61
N LYS D 69 -33.92 -18.15 -16.30
CA LYS D 69 -33.14 -17.47 -15.25
C LYS D 69 -31.72 -17.15 -15.72
N MSE D 70 -31.05 -16.26 -14.99
CA MSE D 70 -29.71 -15.87 -15.28
C MSE D 70 -28.94 -16.02 -14.01
O MSE D 70 -29.45 -15.69 -12.94
CB MSE D 70 -29.62 -14.43 -15.66
CG MSE D 70 -29.48 -14.23 -17.15
SE MSE D 70 -29.50 -12.32 -17.55
CE MSE D 70 -29.19 -12.48 -19.45
N TYR D 71 -27.72 -16.56 -14.12
CA TYR D 71 -26.87 -16.69 -12.91
C TYR D 71 -25.62 -15.85 -13.09
N ILE D 72 -25.38 -14.98 -12.13
CA ILE D 72 -24.23 -14.07 -12.22
C ILE D 72 -23.16 -14.54 -11.24
N THR D 73 -21.93 -14.65 -11.75
CA THR D 73 -20.78 -15.08 -10.93
C THR D 73 -19.72 -14.00 -10.92
N SER D 74 -18.96 -13.97 -9.82
CA SER D 74 -17.83 -13.05 -9.60
C SER D 74 -16.57 -13.90 -9.39
N PHE D 75 -15.41 -13.28 -9.47
CA PHE D 75 -14.16 -14.05 -9.36
C PHE D 75 -13.83 -14.39 -7.93
N GLY D 76 -13.70 -15.69 -7.69
CA GLY D 76 -13.19 -16.23 -6.43
C GLY D 76 -11.68 -16.38 -6.55
N LYS D 77 -11.05 -17.16 -5.68
CA LYS D 77 -9.59 -17.36 -5.83
C LYS D 77 -9.32 -18.11 -7.12
N GLY D 78 -8.31 -17.70 -7.87
CA GLY D 78 -7.97 -18.40 -9.10
C GLY D 78 -9.11 -18.43 -10.10
N ASN D 79 -9.52 -19.62 -10.47
CA ASN D 79 -10.57 -19.84 -11.49
C ASN D 79 -11.89 -20.18 -10.81
N SER D 80 -11.95 -20.06 -9.50
CA SER D 80 -13.18 -20.33 -8.73
C SER D 80 -14.23 -19.26 -9.07
N ALA D 81 -15.47 -19.70 -9.19
CA ALA D 81 -16.60 -18.80 -9.48
C ALA D 81 -17.38 -18.60 -8.19
N VAL D 82 -17.80 -17.39 -7.91
CA VAL D 82 -18.62 -17.18 -6.70
C VAL D 82 -20.02 -16.85 -7.19
N LEU D 83 -21.00 -17.69 -6.86
CA LEU D 83 -22.39 -17.42 -7.32
C LEU D 83 -22.90 -16.19 -6.57
N GLU D 84 -23.27 -15.16 -7.28
CA GLU D 84 -23.67 -13.92 -6.56
C GLU D 84 -25.19 -13.73 -6.57
N TYR D 85 -25.80 -13.74 -7.74
CA TYR D 85 -27.26 -13.48 -7.84
C TYR D 85 -27.92 -14.36 -8.89
N GLU D 86 -29.21 -14.62 -8.67
CA GLU D 86 -30.08 -15.33 -9.64
C GLU D 86 -31.06 -14.29 -10.16
N VAL D 87 -31.20 -14.17 -11.46
CA VAL D 87 -32.11 -13.12 -12.00
C VAL D 87 -33.16 -13.75 -12.89
N ASP D 88 -34.44 -13.45 -12.65
CA ASP D 88 -35.49 -13.98 -13.55
C ASP D 88 -35.44 -13.20 -14.86
N ASN D 89 -35.45 -13.91 -15.98
CA ASN D 89 -35.31 -13.30 -17.32
C ASN D 89 -36.56 -12.52 -17.73
N ASN D 90 -37.71 -12.77 -17.07
CA ASN D 90 -38.98 -12.12 -17.47
C ASN D 90 -39.30 -10.85 -16.69
N ASP D 91 -39.38 -10.90 -15.36
CA ASP D 91 -39.70 -9.67 -14.60
C ASP D 91 -38.44 -9.03 -14.00
N TYR D 92 -37.27 -9.60 -14.27
CA TYR D 92 -35.98 -9.07 -13.78
C TYR D 92 -35.90 -9.01 -12.26
N ASN D 93 -36.52 -9.96 -11.58
CA ASN D 93 -36.41 -10.04 -10.10
C ASN D 93 -35.00 -10.55 -9.76
N LYS D 94 -34.43 -10.14 -8.63
CA LYS D 94 -33.05 -10.54 -8.29
C LYS D 94 -32.99 -11.22 -6.93
N THR D 95 -32.30 -12.36 -6.85
CA THR D 95 -32.08 -13.03 -5.54
C THR D 95 -30.57 -13.12 -5.30
N GLN D 96 -30.08 -12.56 -4.20
CA GLN D 96 -28.64 -12.67 -3.92
C GLN D 96 -28.37 -14.09 -3.42
N LEU D 97 -27.34 -14.74 -3.97
CA LEU D 97 -26.99 -16.12 -3.56
C LEU D 97 -25.75 -16.11 -2.69
N SER D 98 -24.91 -15.10 -2.86
CA SER D 98 -23.63 -14.97 -2.12
C SER D 98 -23.87 -14.50 -0.70
N SER D 99 -22.94 -14.81 0.20
CA SER D 99 -23.02 -14.29 1.58
C SER D 99 -22.52 -12.85 1.56
N LYS D 100 -22.80 -12.09 2.61
CA LYS D 100 -22.31 -10.70 2.62
C LYS D 100 -20.78 -10.71 2.60
N ASP D 101 -20.16 -11.62 3.34
CA ASP D 101 -18.68 -11.71 3.35
C ASP D 101 -18.13 -12.13 1.98
N ASN D 102 -18.68 -13.18 1.38
CA ASN D 102 -18.22 -13.71 0.07
C ASN D 102 -18.51 -12.79 -1.12
N SER D 103 -19.55 -11.96 -1.05
CA SER D 103 -19.99 -11.16 -2.23
C SER D 103 -18.91 -10.16 -2.68
N ASN D 104 -18.75 -10.02 -3.99
CA ASN D 104 -17.73 -9.11 -4.56
C ASN D 104 -18.39 -8.04 -5.42
N ILE D 105 -19.63 -8.26 -5.79
CA ILE D 105 -20.32 -7.23 -6.60
C ILE D 105 -21.71 -7.02 -6.03
N GLU D 106 -22.20 -5.80 -6.20
CA GLU D 106 -23.57 -5.41 -5.79
C GLU D 106 -24.37 -5.20 -7.06
N LEU D 107 -25.48 -5.89 -7.19
CA LEU D 107 -26.30 -5.80 -8.41
C LEU D 107 -27.28 -4.62 -8.32
N GLY D 108 -27.36 -3.81 -9.37
CA GLY D 108 -28.28 -2.68 -9.37
C GLY D 108 -29.47 -2.99 -10.23
N ASP D 109 -29.93 -2.01 -10.99
CA ASP D 109 -31.09 -2.26 -11.86
C ASP D 109 -30.72 -3.24 -12.97
N VAL D 110 -31.67 -4.10 -13.31
CA VAL D 110 -31.56 -5.05 -14.44
C VAL D 110 -32.79 -4.80 -15.29
N ASN D 111 -32.61 -4.74 -16.59
CA ASN D 111 -33.73 -4.55 -17.53
C ASN D 111 -33.49 -5.43 -18.76
N GLU D 112 -34.32 -5.28 -19.78
CA GLU D 112 -34.19 -6.18 -20.95
C GLU D 112 -32.85 -5.97 -21.65
N VAL D 113 -32.30 -4.77 -21.60
CA VAL D 113 -31.07 -4.54 -22.39
C VAL D 113 -29.85 -4.32 -21.50
N ASN D 114 -30.04 -3.90 -20.27
CA ASN D 114 -28.83 -3.57 -19.49
C ASN D 114 -28.82 -4.23 -18.12
N ILE D 115 -27.62 -4.55 -17.65
CA ILE D 115 -27.43 -5.06 -16.27
C ILE D 115 -26.55 -4.03 -15.58
N THR D 116 -26.91 -3.65 -14.37
CA THR D 116 -26.13 -2.62 -13.67
C THR D 116 -25.58 -3.21 -12.37
N PHE D 117 -24.31 -2.99 -12.10
CA PHE D 117 -23.68 -3.50 -10.86
C PHE D 117 -22.48 -2.63 -10.52
N SER D 118 -21.99 -2.79 -9.30
CA SER D 118 -20.81 -2.03 -8.85
C SER D 118 -19.93 -2.98 -8.03
N SER D 119 -18.64 -2.71 -7.98
CA SER D 119 -17.76 -3.58 -7.17
C SER D 119 -18.01 -3.29 -5.71
N LYS D 120 -17.98 -4.32 -4.87
CA LYS D 120 -18.14 -4.14 -3.42
C LYS D 120 -16.75 -3.90 -2.82
N HIS D 121 -15.72 -3.83 -3.66
CA HIS D 121 -14.33 -3.75 -3.15
C HIS D 121 -13.54 -2.53 -3.63
N GLY D 122 -14.21 -1.51 -4.11
CA GLY D 122 -13.50 -0.27 -4.47
C GLY D 122 -13.13 -0.11 -5.91
N PHE D 123 -13.40 -1.09 -6.77
CA PHE D 123 -13.00 -0.86 -8.18
C PHE D 123 -13.77 0.36 -8.67
N GLY D 124 -13.04 1.32 -9.23
CA GLY D 124 -13.64 2.54 -9.80
C GLY D 124 -14.37 3.32 -8.73
N SER D 125 -13.97 3.11 -7.48
CA SER D 125 -14.54 3.77 -6.27
C SER D 125 -16.00 3.40 -6.05
N GLY D 126 -16.43 2.23 -6.52
CA GLY D 126 -17.84 1.84 -6.32
C GLY D 126 -18.76 2.37 -7.39
N VAL D 127 -18.19 2.96 -8.44
CA VAL D 127 -19.03 3.54 -9.53
C VAL D 127 -19.83 2.42 -10.17
N GLU D 128 -21.04 2.77 -10.61
CA GLU D 128 -21.94 1.80 -11.28
C GLU D 128 -21.34 1.45 -12.64
N ILE D 129 -21.40 0.17 -12.99
CA ILE D 129 -20.88 -0.33 -14.30
C ILE D 129 -22.09 -0.88 -15.04
N ASN D 130 -22.17 -0.66 -16.34
CA ASN D 130 -23.31 -1.20 -17.11
C ASN D 130 -22.81 -2.23 -18.10
N THR D 131 -23.44 -3.40 -18.12
CA THR D 131 -23.09 -4.43 -19.13
C THR D 131 -24.38 -4.85 -19.84
N SER D 132 -24.23 -5.39 -21.03
CA SER D 132 -25.34 -5.87 -21.86
C SER D 132 -26.01 -7.05 -21.16
N ASN D 133 -27.35 -7.09 -21.18
CA ASN D 133 -28.05 -8.29 -20.71
C ASN D 133 -27.88 -9.25 -21.90
N PRO D 134 -27.22 -10.42 -21.75
CA PRO D 134 -26.93 -11.34 -22.86
C PRO D 134 -28.11 -12.00 -23.57
N THR D 135 -29.25 -12.10 -22.88
CA THR D 135 -30.51 -12.65 -23.42
C THR D 135 -31.05 -11.70 -24.49
N HIS D 136 -30.65 -10.43 -24.44
CA HIS D 136 -31.13 -9.38 -25.38
C HIS D 136 -30.32 -9.40 -26.67
N ARG D 137 -30.82 -10.10 -27.70
CA ARG D 137 -30.20 -10.16 -29.03
C ARG D 137 -31.30 -10.02 -30.08
N SER D 138 -30.99 -9.29 -31.14
CA SER D 138 -31.94 -9.00 -32.24
C SER D 138 -32.13 -10.22 -33.13
N GLY D 139 -33.38 -10.47 -33.52
CA GLY D 139 -33.72 -11.57 -34.44
C GLY D 139 -33.41 -12.93 -33.87
N GLU D 140 -33.45 -13.03 -32.54
CA GLU D 140 -33.21 -14.29 -31.81
C GLU D 140 -34.32 -14.47 -30.78
N SER D 141 -35.15 -15.49 -30.95
CA SER D 141 -36.25 -15.75 -29.98
C SER D 141 -35.68 -16.20 -28.63
N SER D 142 -34.82 -17.20 -28.62
CA SER D 142 -34.26 -17.72 -27.35
C SER D 142 -33.36 -16.72 -26.63
N PRO D 143 -33.43 -16.63 -25.30
CA PRO D 143 -32.50 -15.86 -24.51
C PRO D 143 -31.11 -16.52 -24.59
N VAL D 144 -31.05 -17.86 -24.62
CA VAL D 144 -29.72 -18.55 -24.70
C VAL D 144 -29.20 -18.52 -26.14
N ARG D 145 -27.99 -18.01 -26.34
CA ARG D 145 -27.43 -17.95 -27.70
C ARG D 145 -26.78 -19.29 -28.04
N GLY D 146 -26.57 -19.52 -29.33
CA GLY D 146 -25.90 -20.76 -29.78
C GLY D 146 -24.46 -20.47 -30.17
N ASP D 147 -23.72 -21.49 -30.56
CA ASP D 147 -22.30 -21.30 -30.97
C ASP D 147 -22.29 -20.75 -32.40
N MSE D 148 -21.24 -20.05 -32.80
CA MSE D 148 -21.18 -19.54 -34.12
C MSE D 148 -21.23 -20.62 -35.12
O MSE D 148 -21.58 -20.36 -36.26
CB MSE D 148 -19.87 -18.83 -34.34
CG MSE D 148 -19.73 -17.64 -33.44
SE MSE D 148 -21.13 -16.29 -33.72
CE MSE D 148 -20.53 -15.84 -35.52
N LEU D 149 -20.90 -21.83 -34.72
CA LEU D 149 -20.86 -22.95 -35.69
C LEU D 149 -22.26 -23.57 -35.78
N GLY D 150 -23.07 -23.39 -34.74
CA GLY D 150 -24.43 -23.96 -34.69
C GLY D 150 -24.39 -25.43 -34.36
N LEU D 151 -23.29 -25.91 -33.80
CA LEU D 151 -23.22 -27.34 -33.46
C LEU D 151 -23.54 -27.51 -31.98
N LYS D 152 -24.04 -26.47 -31.32
CA LYS D 152 -24.25 -26.61 -29.86
C LYS D 152 -25.16 -27.78 -29.53
N SER D 153 -26.29 -27.94 -30.21
CA SER D 153 -27.19 -29.07 -29.89
C SER D 153 -26.53 -30.41 -30.17
N GLU D 154 -25.87 -30.56 -31.31
CA GLU D 154 -25.22 -31.86 -31.63
C GLU D 154 -24.16 -32.18 -30.58
N LEU D 155 -23.35 -31.19 -30.23
CA LEU D 155 -22.27 -31.35 -29.23
C LEU D 155 -22.88 -31.72 -27.88
N GLU D 156 -23.98 -31.09 -27.52
CA GLU D 156 -24.58 -31.44 -26.21
C GLU D 156 -24.98 -32.91 -26.25
N LYS D 157 -25.50 -33.38 -27.38
CA LYS D 157 -25.93 -34.80 -27.42
C LYS D 157 -24.73 -35.72 -27.27
N ARG D 158 -23.65 -35.41 -27.98
CA ARG D 158 -22.44 -36.26 -27.94
C ARG D 158 -21.88 -36.31 -26.52
N PHE D 159 -21.86 -35.17 -25.83
CA PHE D 159 -21.25 -35.09 -24.48
C PHE D 159 -22.22 -35.40 -23.35
N PHE D 160 -23.45 -34.92 -23.41
CA PHE D 160 -24.37 -35.15 -22.28
C PHE D 160 -25.50 -36.12 -22.66
N GLY D 161 -25.63 -36.43 -23.94
CA GLY D 161 -26.67 -37.36 -24.40
C GLY D 161 -28.00 -36.68 -24.65
N LYS D 162 -28.08 -35.36 -24.50
CA LYS D 162 -29.33 -34.62 -24.81
C LYS D 162 -29.03 -33.14 -25.01
N THR D 163 -29.95 -32.39 -25.62
CA THR D 163 -29.76 -30.93 -25.78
C THR D 163 -30.21 -30.23 -24.52
N PHE D 164 -29.75 -28.99 -24.30
CA PHE D 164 -30.14 -28.25 -23.09
C PHE D 164 -30.52 -26.82 -23.46
N ASP D 165 -31.48 -26.28 -22.72
CA ASP D 165 -31.90 -24.87 -22.88
C ASP D 165 -31.04 -24.01 -21.95
N ASP D 166 -29.72 -24.09 -22.09
CA ASP D 166 -28.78 -23.29 -21.27
C ASP D 166 -27.48 -23.10 -22.04
N ASN D 167 -26.65 -22.14 -21.64
CA ASN D 167 -25.36 -21.91 -22.32
C ASN D 167 -24.19 -22.47 -21.49
N ILE D 168 -24.47 -23.07 -20.35
CA ILE D 168 -23.42 -23.63 -19.46
C ILE D 168 -22.75 -24.88 -20.02
N HIS D 169 -23.52 -25.87 -20.48
CA HIS D 169 -22.92 -27.13 -20.96
C HIS D 169 -21.98 -26.89 -22.14
N ILE D 170 -22.39 -26.02 -23.04
CA ILE D 170 -21.61 -25.73 -24.26
C ILE D 170 -20.25 -25.12 -23.91
N GLN D 171 -20.22 -24.29 -22.89
CA GLN D 171 -18.97 -23.62 -22.46
C GLN D 171 -18.00 -24.70 -21.99
N LEU D 172 -18.50 -25.66 -21.23
CA LEU D 172 -17.66 -26.76 -20.75
C LEU D 172 -17.17 -27.54 -21.96
N ILE D 173 -18.07 -27.81 -22.90
CA ILE D 173 -17.73 -28.63 -24.08
C ILE D 173 -16.64 -27.94 -24.91
N TYR D 174 -16.73 -26.63 -25.07
CA TYR D 174 -15.71 -25.92 -25.88
C TYR D 174 -14.33 -26.06 -25.23
N ASN D 175 -14.28 -26.09 -23.90
CA ASN D 175 -13.02 -26.27 -23.15
C ASN D 175 -12.44 -27.63 -23.51
N ILE D 176 -13.27 -28.68 -23.54
CA ILE D 176 -12.81 -30.04 -23.90
C ILE D 176 -12.29 -30.02 -25.33
N LEU D 177 -12.94 -29.27 -26.22
CA LEU D 177 -12.51 -29.16 -27.62
C LEU D 177 -11.12 -28.53 -27.65
N ASP D 178 -10.86 -27.59 -26.75
CA ASP D 178 -9.53 -26.94 -26.68
C ASP D 178 -8.47 -27.99 -26.34
N ILE D 179 -8.80 -28.93 -25.47
CA ILE D 179 -7.83 -29.99 -25.07
C ILE D 179 -7.46 -30.80 -26.31
N GLU D 180 -8.46 -31.14 -27.10
CA GLU D 180 -8.24 -31.94 -28.32
C GLU D 180 -7.40 -31.15 -29.33
N LYS D 181 -7.62 -29.85 -29.43
CA LYS D 181 -6.83 -29.03 -30.39
C LYS D 181 -5.35 -29.07 -30.02
N ILE D 182 -5.02 -28.86 -28.75
CA ILE D 182 -3.61 -28.85 -28.27
C ILE D 182 -3.00 -30.24 -28.40
N LEU D 183 -3.77 -31.28 -28.11
CA LEU D 183 -3.27 -32.66 -28.24
C LEU D 183 -2.97 -32.95 -29.71
N ALA D 184 -3.80 -32.46 -30.62
CA ALA D 184 -3.56 -32.72 -32.05
C ALA D 184 -2.23 -32.11 -32.47
N VAL D 185 -1.94 -30.90 -32.00
CA VAL D 185 -0.65 -30.24 -32.35
C VAL D 185 0.51 -31.08 -31.82
N TYR D 186 0.45 -31.46 -30.55
CA TYR D 186 1.56 -32.22 -29.93
C TYR D 186 1.71 -33.61 -30.51
N VAL D 187 0.62 -34.31 -30.78
CA VAL D 187 0.76 -35.68 -31.36
C VAL D 187 1.39 -35.60 -32.75
N THR D 188 1.01 -34.59 -33.51
CA THR D 188 1.57 -34.43 -34.86
C THR D 188 3.07 -34.19 -34.74
N ASN D 189 3.46 -33.31 -33.82
CA ASN D 189 4.89 -32.99 -33.70
C ASN D 189 5.66 -34.24 -33.27
N ILE D 190 5.18 -34.96 -32.27
CA ILE D 190 5.87 -36.17 -31.74
C ILE D 190 5.94 -37.26 -32.81
N VAL D 191 4.85 -37.48 -33.53
CA VAL D 191 4.82 -38.50 -34.60
C VAL D 191 5.85 -38.10 -35.64
N TYR D 192 5.89 -36.82 -36.00
CA TYR D 192 6.86 -36.37 -37.01
C TYR D 192 8.30 -36.57 -36.52
N ALA D 193 8.57 -36.23 -35.27
CA ALA D 193 9.93 -36.34 -34.74
C ALA D 193 10.37 -37.81 -34.76
N LEU D 194 9.49 -38.71 -34.35
CA LEU D 194 9.81 -40.15 -34.34
C LEU D 194 10.06 -40.64 -35.77
N ASN D 195 9.27 -40.19 -36.72
CA ASN D 195 9.47 -40.55 -38.15
C ASN D 195 10.80 -39.98 -38.64
N ASN D 196 11.09 -38.73 -38.29
CA ASN D 196 12.33 -38.03 -38.69
C ASN D 196 13.54 -38.77 -38.14
N MSE D 197 13.40 -39.38 -36.98
CA MSE D 197 14.46 -40.11 -36.36
C MSE D 197 14.91 -41.25 -37.24
O MSE D 197 16.06 -41.66 -37.19
CB MSE D 197 13.90 -40.56 -35.05
CG MSE D 197 14.99 -40.42 -34.04
SE MSE D 197 14.22 -40.22 -32.29
CE MSE D 197 13.92 -38.30 -32.42
N LEU D 198 13.96 -41.86 -37.94
CA LEU D 198 14.25 -42.92 -38.94
C LEU D 198 14.96 -42.32 -40.16
N GLY D 199 14.42 -41.22 -40.68
CA GLY D 199 14.93 -40.63 -41.92
C GLY D 199 14.05 -41.14 -43.05
N ILE D 200 12.74 -40.98 -42.87
CA ILE D 200 11.75 -41.44 -43.88
C ILE D 200 12.14 -40.81 -45.22
N LYS D 201 11.80 -41.48 -46.34
CA LYS D 201 12.08 -40.97 -47.71
C LYS D 201 11.30 -41.80 -48.75
N SER D 205 5.47 -40.35 -50.18
CA SER D 205 6.56 -41.28 -49.76
C SER D 205 6.42 -41.66 -48.28
N TYR D 206 5.52 -40.93 -47.59
CA TYR D 206 5.36 -41.01 -46.12
C TYR D 206 4.58 -42.24 -45.73
N ASP D 207 5.35 -43.20 -45.22
CA ASP D 207 4.86 -44.44 -44.58
C ASP D 207 5.00 -44.08 -43.11
N ASP D 208 3.88 -43.88 -42.43
CA ASP D 208 3.86 -43.48 -41.01
C ASP D 208 3.79 -44.78 -40.21
N PHE D 209 4.88 -45.14 -39.53
CA PHE D 209 4.89 -46.42 -38.76
C PHE D 209 4.06 -46.29 -37.49
N MSE D 210 3.73 -45.08 -37.09
CA MSE D 210 2.94 -44.92 -35.91
C MSE D 210 1.56 -45.44 -36.16
O MSE D 210 0.89 -45.88 -35.24
CB MSE D 210 2.96 -43.48 -35.45
CG MSE D 210 4.39 -42.97 -35.32
SE MSE D 210 5.27 -43.47 -33.64
CE MSE D 210 3.78 -43.31 -32.38
N GLY D 211 1.17 -45.42 -37.42
CA GLY D 211 -0.17 -45.80 -37.88
C GLY D 211 -0.57 -47.24 -37.61
N TYR D 212 0.37 -48.17 -37.63
CA TYR D 212 -0.01 -49.60 -37.48
C TYR D 212 0.04 -50.04 -36.02
N LEU D 213 0.46 -49.17 -35.12
CA LEU D 213 0.52 -49.55 -33.68
C LEU D 213 -0.88 -49.50 -33.07
N SER D 214 -1.13 -50.34 -32.08
CA SER D 214 -2.40 -50.27 -31.36
C SER D 214 -2.12 -50.50 -29.89
N ALA D 215 -2.64 -49.61 -29.04
CA ALA D 215 -2.46 -49.75 -27.58
C ALA D 215 -3.21 -51.00 -27.11
N ARG D 216 -4.11 -51.47 -27.96
CA ARG D 216 -4.90 -52.69 -27.65
C ARG D 216 -3.99 -53.93 -27.65
N ASN D 217 -2.98 -53.95 -28.52
CA ASN D 217 -2.08 -55.11 -28.63
C ASN D 217 -1.02 -55.03 -27.55
N THR D 218 -0.83 -56.12 -26.83
CA THR D 218 0.22 -56.18 -25.80
C THR D 218 1.57 -56.33 -26.49
N TYR D 219 2.63 -56.22 -25.71
CA TYR D 219 4.02 -56.34 -26.21
C TYR D 219 4.21 -57.73 -26.82
N GLU D 220 3.59 -58.75 -26.20
CA GLU D 220 3.71 -60.12 -26.72
C GLU D 220 3.11 -60.20 -28.12
N VAL D 221 1.89 -59.70 -28.28
CA VAL D 221 1.27 -59.76 -29.62
C VAL D 221 2.11 -58.95 -30.62
N PHE D 222 2.63 -57.79 -30.19
CA PHE D 222 3.39 -56.90 -31.09
C PHE D 222 4.65 -57.59 -31.61
N THR D 223 5.40 -58.21 -30.71
CA THR D 223 6.61 -58.97 -31.08
C THR D 223 6.23 -60.24 -31.85
N HIS D 224 5.07 -60.83 -31.58
CA HIS D 224 4.67 -62.09 -32.25
C HIS D 224 3.29 -61.96 -32.91
N PRO D 225 3.14 -61.23 -34.03
CA PRO D 225 1.83 -61.08 -34.62
C PRO D 225 1.17 -62.38 -35.12
N ASP D 226 1.97 -63.25 -35.73
CA ASP D 226 1.47 -64.55 -36.26
C ASP D 226 1.23 -65.52 -35.10
N LYS D 227 1.42 -65.05 -33.86
CA LYS D 227 1.21 -65.89 -32.65
C LYS D 227 -0.07 -65.46 -31.94
N SER D 228 -1.07 -64.99 -32.72
CA SER D 228 -2.36 -64.55 -32.14
C SER D 228 -3.50 -64.93 -33.09
N ASN D 229 -4.73 -64.48 -32.79
CA ASN D 229 -5.92 -64.80 -33.63
C ASN D 229 -6.49 -63.49 -34.19
N LEU D 230 -5.63 -62.73 -34.91
CA LEU D 230 -5.96 -61.41 -35.50
C LEU D 230 -6.06 -61.49 -37.03
N SER D 231 -6.78 -60.55 -37.65
CA SER D 231 -6.99 -60.60 -39.12
C SER D 231 -5.66 -60.87 -39.83
N ASP D 232 -5.66 -61.77 -40.81
CA ASP D 232 -4.44 -62.11 -41.56
C ASP D 232 -3.74 -60.81 -41.98
N LYS D 233 -4.52 -59.87 -42.49
CA LYS D 233 -4.01 -58.54 -42.94
C LYS D 233 -3.44 -57.77 -41.74
N VAL D 234 -4.11 -57.90 -40.60
CA VAL D 234 -3.64 -57.19 -39.37
C VAL D 234 -2.24 -57.72 -39.08
N LYS D 235 -2.07 -59.05 -39.00
CA LYS D 235 -0.75 -59.66 -38.72
C LYS D 235 0.33 -58.99 -39.58
N GLY D 236 0.03 -58.75 -40.86
CA GLY D 236 0.99 -58.13 -41.81
C GLY D 236 1.32 -56.70 -41.44
N ASN D 237 0.31 -55.94 -41.01
CA ASN D 237 0.47 -54.52 -40.62
C ASN D 237 1.39 -54.41 -39.41
N ILE D 238 1.25 -55.35 -38.48
CA ILE D 238 2.10 -55.32 -37.27
C ILE D 238 3.55 -55.46 -37.70
N LYS D 239 3.84 -56.52 -38.46
CA LYS D 239 5.19 -56.84 -38.98
C LYS D 239 5.83 -55.60 -39.58
N LYS D 240 5.13 -54.93 -40.48
CA LYS D 240 5.67 -53.70 -41.11
C LYS D 240 6.06 -52.70 -40.02
N SER D 241 5.16 -52.47 -39.06
CA SER D 241 5.41 -51.48 -37.97
C SER D 241 6.40 -52.04 -36.95
N LEU D 242 6.52 -53.35 -36.83
CA LEU D 242 7.47 -53.92 -35.84
C LEU D 242 8.89 -53.78 -36.38
N SER D 243 9.03 -53.76 -37.70
CA SER D 243 10.33 -53.59 -38.38
C SER D 243 10.85 -52.19 -38.05
N LYS D 244 10.03 -51.19 -38.33
CA LYS D 244 10.35 -49.77 -38.07
C LYS D 244 10.64 -49.57 -36.58
N PHE D 245 9.95 -50.27 -35.69
CA PHE D 245 10.24 -50.11 -34.24
C PHE D 245 11.67 -50.56 -33.97
N ASN D 246 12.04 -51.71 -34.53
CA ASN D 246 13.41 -52.24 -34.34
C ASN D 246 14.41 -51.33 -35.05
N ASP D 247 14.02 -50.74 -36.17
CA ASP D 247 14.88 -49.80 -36.90
C ASP D 247 15.12 -48.57 -36.03
N LEU D 248 14.07 -48.02 -35.43
CA LEU D 248 14.23 -46.80 -34.59
C LEU D 248 15.17 -47.10 -33.42
N LEU D 249 15.02 -48.27 -32.80
CA LEU D 249 15.88 -48.64 -31.66
C LEU D 249 17.34 -48.71 -32.10
N LYS D 250 17.57 -49.14 -33.35
CA LYS D 250 18.93 -49.32 -33.91
C LYS D 250 19.64 -47.97 -34.00
N THR D 251 18.91 -46.93 -34.35
CA THR D 251 19.51 -45.59 -34.57
C THR D 251 20.16 -45.07 -33.31
N LYS D 252 19.57 -45.38 -32.16
CA LYS D 252 20.04 -44.90 -30.84
C LYS D 252 19.55 -43.46 -30.61
N ARG D 253 18.75 -42.94 -31.53
CA ARG D 253 18.24 -41.55 -31.49
C ARG D 253 17.27 -41.30 -30.32
N LEU D 254 16.68 -42.35 -29.79
CA LEU D 254 15.74 -42.26 -28.65
C LEU D 254 16.49 -41.73 -27.44
N GLY D 255 17.82 -41.76 -27.52
CA GLY D 255 18.68 -41.23 -26.46
C GLY D 255 18.43 -39.74 -26.29
N TYR D 256 18.04 -39.07 -27.36
CA TYR D 256 17.76 -37.60 -27.39
C TYR D 256 16.59 -37.26 -26.46
N PHE D 257 15.64 -38.17 -26.34
CA PHE D 257 14.42 -38.01 -25.53
C PHE D 257 14.63 -38.53 -24.12
N GLY D 258 15.86 -38.86 -23.79
CA GLY D 258 16.17 -39.40 -22.46
C GLY D 258 15.86 -40.89 -22.38
N LEU D 259 15.51 -41.50 -23.50
CA LEU D 259 15.20 -42.94 -23.48
C LEU D 259 16.49 -43.68 -23.85
N GLU D 260 17.18 -44.15 -22.84
CA GLU D 260 18.48 -44.79 -23.11
C GLU D 260 18.37 -46.29 -22.96
N GLU D 261 18.83 -47.00 -23.97
CA GLU D 261 18.82 -48.47 -23.88
C GLU D 261 19.76 -48.87 -22.74
N PRO D 262 19.60 -50.06 -22.17
CA PRO D 262 20.41 -50.49 -21.05
C PRO D 262 21.89 -50.72 -21.38
N LYS D 263 22.76 -50.42 -20.41
CA LYS D 263 24.23 -50.61 -20.51
C LYS D 263 24.51 -52.11 -20.60
N THR D 264 23.82 -52.88 -19.77
CA THR D 264 24.04 -54.34 -19.75
C THR D 264 23.51 -54.90 -21.07
N LYS D 265 23.93 -56.11 -21.41
CA LYS D 265 23.34 -56.74 -22.61
C LYS D 265 22.28 -57.76 -22.14
N ASP D 266 21.88 -57.58 -20.90
CA ASP D 266 20.87 -58.43 -20.23
C ASP D 266 19.70 -58.49 -21.17
N THR D 267 19.26 -59.69 -21.50
CA THR D 267 18.07 -59.77 -22.37
C THR D 267 16.88 -59.24 -21.56
N ARG D 268 16.87 -59.52 -20.25
CA ARG D 268 15.71 -59.13 -19.41
C ARG D 268 15.57 -57.61 -19.33
N ALA D 269 16.65 -56.91 -18.99
CA ALA D 269 16.63 -55.44 -18.92
C ALA D 269 16.36 -54.90 -20.32
N SER D 270 16.99 -55.50 -21.33
CA SER D 270 16.82 -55.00 -22.72
C SER D 270 15.36 -55.13 -23.16
N GLU D 271 14.75 -56.29 -22.94
CA GLU D 271 13.33 -56.46 -23.33
C GLU D 271 12.47 -55.53 -22.45
N ALA D 272 12.87 -55.32 -21.21
CA ALA D 272 12.11 -54.44 -20.30
C ALA D 272 12.09 -53.03 -20.86
N TYR D 273 13.25 -52.57 -21.33
CA TYR D 273 13.39 -51.23 -21.94
C TYR D 273 12.55 -51.20 -23.21
N LYS D 274 12.68 -52.21 -24.04
CA LYS D 274 11.95 -52.20 -25.33
C LYS D 274 10.45 -52.18 -25.06
N LYS D 275 9.99 -52.90 -24.04
CA LYS D 275 8.54 -52.97 -23.71
C LYS D 275 8.04 -51.59 -23.30
N ARG D 276 8.80 -50.89 -22.47
CA ARG D 276 8.41 -49.51 -22.04
C ARG D 276 8.35 -48.61 -23.27
N VAL D 277 9.33 -48.68 -24.15
CA VAL D 277 9.34 -47.80 -25.37
C VAL D 277 8.14 -48.13 -26.24
N TYR D 278 7.83 -49.42 -26.36
CA TYR D 278 6.70 -49.85 -27.19
C TYR D 278 5.40 -49.26 -26.64
N HIS D 279 5.24 -49.29 -25.33
CA HIS D 279 4.00 -48.76 -24.70
C HIS D 279 3.86 -47.27 -24.98
N MSE D 280 4.95 -46.51 -24.85
CA MSE D 280 4.92 -45.09 -25.06
C MSE D 280 4.49 -44.76 -26.45
O MSE D 280 3.60 -43.95 -26.63
CB MSE D 280 6.29 -44.49 -24.81
CG MSE D 280 6.76 -44.63 -23.38
SE MSE D 280 8.65 -44.18 -23.12
CE MSE D 280 8.37 -42.23 -23.05
N LEU D 281 5.10 -45.40 -27.44
CA LEU D 281 4.79 -45.16 -28.87
C LEU D 281 3.35 -45.58 -29.19
N ALA D 282 2.92 -46.71 -28.63
CA ALA D 282 1.55 -47.21 -28.87
C ALA D 282 0.55 -46.20 -28.30
N ILE D 283 0.83 -45.67 -27.12
CA ILE D 283 -0.05 -44.66 -26.47
C ILE D 283 -0.11 -43.41 -27.33
N VAL D 284 1.03 -42.98 -27.85
CA VAL D 284 1.05 -41.79 -28.73
C VAL D 284 0.21 -42.09 -29.96
N GLY D 285 0.39 -43.28 -30.55
CA GLY D 285 -0.39 -43.63 -31.75
C GLY D 285 -1.87 -43.64 -31.42
N GLN D 286 -2.22 -44.16 -30.26
CA GLN D 286 -3.63 -44.22 -29.83
C GLN D 286 -4.21 -42.80 -29.72
N ILE D 287 -3.44 -41.87 -29.16
CA ILE D 287 -3.96 -40.47 -29.05
C ILE D 287 -4.16 -39.89 -30.44
N ALA D 288 -3.27 -40.17 -31.37
CA ALA D 288 -3.37 -39.65 -32.75
C ALA D 288 -4.66 -40.14 -33.42
N GLN D 289 -5.04 -41.39 -33.20
CA GLN D 289 -6.25 -41.98 -33.81
C GLN D 289 -7.49 -41.27 -33.27
N CYS D 290 -7.45 -40.89 -31.99
CA CYS D 290 -8.57 -40.19 -31.33
C CYS D 290 -8.75 -38.76 -31.83
N VAL D 291 -7.71 -38.08 -32.28
CA VAL D 291 -7.88 -36.64 -32.66
C VAL D 291 -7.77 -36.43 -34.17
N PHE D 292 -7.39 -37.46 -34.91
CA PHE D 292 -7.30 -37.36 -36.39
C PHE D 292 -8.06 -38.53 -37.00
N HIS D 293 -8.75 -38.26 -38.11
CA HIS D 293 -9.54 -39.30 -38.79
C HIS D 293 -8.68 -40.13 -39.73
N ASP D 294 -9.04 -41.40 -39.86
CA ASP D 294 -8.39 -42.32 -40.83
C ASP D 294 -9.00 -42.05 -42.21
N LYS D 295 -8.58 -42.84 -43.21
CA LYS D 295 -9.02 -42.66 -44.63
C LYS D 295 -10.52 -42.82 -44.74
N SER D 296 -11.08 -43.69 -43.89
CA SER D 296 -12.53 -43.98 -43.85
C SER D 296 -13.27 -42.78 -43.26
N GLY D 297 -12.53 -41.83 -42.70
CA GLY D 297 -13.17 -40.67 -42.04
C GLY D 297 -13.66 -41.02 -40.64
N ALA D 298 -13.00 -41.97 -39.99
CA ALA D 298 -13.41 -42.40 -38.63
C ALA D 298 -12.29 -42.16 -37.60
N LYS D 299 -12.69 -41.82 -36.37
CA LYS D 299 -11.75 -41.54 -35.26
C LYS D 299 -12.16 -42.35 -34.03
N ARG D 300 -11.19 -42.81 -33.25
CA ARG D 300 -11.48 -43.58 -32.01
C ARG D 300 -12.16 -42.65 -31.00
N PHE D 301 -13.00 -43.20 -30.12
CA PHE D 301 -13.76 -42.36 -29.16
C PHE D 301 -13.31 -42.65 -27.73
N ASP D 302 -12.20 -43.35 -27.57
CA ASP D 302 -11.75 -43.77 -26.22
C ASP D 302 -10.55 -42.96 -25.73
N LEU D 303 -10.41 -41.73 -26.19
CA LEU D 303 -9.23 -40.91 -25.79
C LEU D 303 -9.19 -40.78 -24.27
N TYR D 304 -10.32 -40.57 -23.62
CA TYR D 304 -10.28 -40.36 -22.15
C TYR D 304 -10.43 -41.64 -21.35
N SER D 305 -10.82 -42.73 -21.99
CA SER D 305 -11.06 -43.98 -21.23
C SER D 305 -10.00 -45.06 -21.44
N PHE D 306 -9.31 -45.06 -22.59
CA PHE D 306 -8.44 -46.19 -23.01
C PHE D 306 -7.34 -46.52 -22.01
N ILE D 307 -6.74 -45.52 -21.39
CA ILE D 307 -5.58 -45.81 -20.50
C ILE D 307 -6.00 -46.72 -19.35
N ASN D 308 -7.28 -46.69 -18.96
CA ASN D 308 -7.75 -47.53 -17.84
C ASN D 308 -8.36 -48.83 -18.36
N ASN D 309 -8.62 -48.93 -19.67
CA ASN D 309 -9.25 -50.12 -20.28
C ASN D 309 -8.22 -51.10 -20.86
N ILE D 310 -7.10 -50.60 -21.35
CA ILE D 310 -6.09 -51.46 -22.03
C ILE D 310 -5.36 -52.34 -21.01
N ASP D 311 -4.48 -53.23 -21.48
CA ASP D 311 -3.78 -54.20 -20.61
C ASP D 311 -3.01 -53.44 -19.54
N PRO D 312 -2.99 -53.94 -18.30
CA PRO D 312 -2.35 -53.29 -17.17
C PRO D 312 -0.83 -53.09 -17.28
N GLU D 313 -0.19 -53.79 -18.21
CA GLU D 313 1.27 -53.66 -18.39
C GLU D 313 1.59 -52.22 -18.79
N TYR D 314 0.72 -51.60 -19.58
CA TYR D 314 0.91 -50.21 -20.04
C TYR D 314 0.96 -49.30 -18.82
N ARG D 315 0.08 -49.56 -17.87
CA ARG D 315 0.00 -48.80 -16.60
C ARG D 315 1.28 -49.00 -15.82
N ASP D 316 1.84 -50.19 -15.88
CA ASP D 316 3.11 -50.44 -15.16
C ASP D 316 4.20 -49.57 -15.78
N THR D 317 4.19 -49.39 -17.10
CA THR D 317 5.20 -48.52 -17.73
C THR D 317 5.02 -47.08 -17.26
N LEU D 318 3.78 -46.59 -17.27
CA LEU D 318 3.52 -45.19 -16.84
C LEU D 318 3.95 -45.05 -15.39
N ASP D 319 3.66 -46.05 -14.57
CA ASP D 319 4.07 -45.99 -13.15
C ASP D 319 5.60 -45.98 -13.05
N TYR D 320 6.27 -46.79 -13.85
CA TYR D 320 7.75 -46.85 -13.78
C TYR D 320 8.37 -45.49 -14.11
N LEU D 321 7.92 -44.87 -15.20
CA LEU D 321 8.50 -43.58 -15.61
C LEU D 321 8.26 -42.53 -14.53
N VAL D 322 7.03 -42.42 -14.02
CA VAL D 322 6.73 -41.43 -12.97
C VAL D 322 7.48 -41.78 -11.70
N GLU D 323 7.53 -43.05 -11.33
CA GLU D 323 8.19 -43.47 -10.07
C GLU D 323 9.68 -43.11 -10.13
N GLU D 324 10.29 -43.32 -11.28
CA GLU D 324 11.71 -43.00 -11.48
C GLU D 324 11.97 -41.53 -11.17
N ARG D 325 11.11 -40.64 -11.65
CA ARG D 325 11.31 -39.20 -11.39
C ARG D 325 10.96 -38.90 -9.94
N LEU D 326 9.82 -39.38 -9.45
CA LEU D 326 9.38 -39.06 -8.08
C LEU D 326 10.31 -39.69 -7.05
N LYS D 327 10.80 -40.90 -7.32
CA LYS D 327 11.70 -41.58 -6.36
C LYS D 327 12.99 -40.79 -6.19
N SER D 328 13.59 -40.32 -7.28
CA SER D 328 14.84 -39.55 -7.12
C SER D 328 14.59 -38.24 -6.36
N ILE D 329 13.52 -37.51 -6.67
CA ILE D 329 13.24 -36.23 -5.96
C ILE D 329 12.98 -36.52 -4.48
N ASN D 330 12.20 -37.55 -4.19
CA ASN D 330 11.76 -37.85 -2.80
C ASN D 330 12.82 -38.51 -1.94
N LYS D 331 13.90 -39.02 -2.54
CA LYS D 331 14.91 -39.75 -1.74
C LYS D 331 15.89 -38.78 -1.08
N ASP D 332 15.90 -38.74 0.24
CA ASP D 332 16.85 -37.85 0.96
C ASP D 332 16.72 -36.42 0.42
N PHE D 333 15.48 -35.94 0.34
CA PHE D 333 15.20 -34.58 -0.15
C PHE D 333 15.91 -33.57 0.75
N ILE D 334 15.83 -33.76 2.06
CA ILE D 334 16.49 -32.76 2.95
C ILE D 334 17.99 -32.76 2.68
N GLU D 335 18.60 -33.95 2.60
CA GLU D 335 20.06 -34.07 2.31
C GLU D 335 20.34 -33.44 0.94
N GLY D 336 19.47 -33.72 -0.04
CA GLY D 336 19.61 -33.18 -1.41
C GLY D 336 19.50 -31.65 -1.49
N ASN D 337 18.85 -31.01 -0.53
CA ASN D 337 18.66 -29.53 -0.57
C ASN D 337 19.18 -28.89 0.73
N LYS D 338 20.07 -29.59 1.44
CA LYS D 338 20.62 -29.09 2.73
C LYS D 338 21.21 -27.69 2.58
N VAL D 339 21.87 -27.38 1.48
CA VAL D 339 22.47 -26.02 1.35
C VAL D 339 21.39 -24.95 1.52
N ASN D 340 20.38 -24.96 0.66
CA ASN D 340 19.32 -23.93 0.67
C ASN D 340 18.49 -24.04 1.95
N ILE D 341 18.21 -25.25 2.39
CA ILE D 341 17.40 -25.37 3.63
C ILE D 341 18.17 -24.75 4.79
N SER D 342 19.44 -25.10 4.92
CA SER D 342 20.21 -24.61 6.09
C SER D 342 20.25 -23.09 6.07
N LEU D 343 20.48 -22.50 4.91
CA LEU D 343 20.53 -21.03 4.84
C LEU D 343 19.17 -20.45 5.24
N LEU D 344 18.08 -21.05 4.78
CA LEU D 344 16.70 -20.58 5.07
C LEU D 344 16.39 -20.72 6.56
N ILE D 345 16.76 -21.85 7.16
CA ILE D 345 16.48 -22.10 8.59
C ILE D 345 17.19 -21.04 9.44
N ASP D 346 18.42 -20.69 9.11
CA ASP D 346 19.12 -19.64 9.88
C ASP D 346 18.44 -18.29 9.67
N MSE D 347 18.17 -17.93 8.42
CA MSE D 347 17.55 -16.67 8.13
C MSE D 347 16.17 -16.41 8.61
O MSE D 347 15.87 -15.27 8.95
CB MSE D 347 17.30 -16.72 6.65
CG MSE D 347 17.21 -15.35 6.06
SE MSE D 347 18.31 -15.78 4.53
CE MSE D 347 18.41 -14.03 3.67
N MSE D 348 15.31 -17.43 8.55
CA MSE D 348 13.90 -17.33 8.89
C MSE D 348 13.72 -17.58 10.33
O MSE D 348 13.17 -18.62 10.74
CB MSE D 348 13.20 -18.33 8.00
CG MSE D 348 13.33 -17.79 6.59
SE MSE D 348 12.31 -18.84 5.28
CE MSE D 348 10.71 -17.73 5.24
N LYS D 349 14.17 -16.61 11.12
CA LYS D 349 14.20 -16.72 12.60
C LYS D 349 12.78 -16.90 13.14
N GLY D 350 11.79 -16.38 12.43
CA GLY D 350 10.39 -16.52 12.87
C GLY D 350 9.83 -17.91 12.65
N TYR D 351 10.54 -18.82 12.00
CA TYR D 351 9.89 -20.11 11.67
C TYR D 351 10.55 -21.33 12.30
N GLU D 352 9.74 -22.36 12.53
CA GLU D 352 10.22 -23.66 13.00
C GLU D 352 10.92 -24.32 11.82
N ALA D 353 12.00 -25.05 12.07
CA ALA D 353 12.81 -25.69 11.01
C ALA D 353 11.98 -26.72 10.25
N ASP D 354 11.20 -27.55 10.93
CA ASP D 354 10.41 -28.58 10.19
C ASP D 354 9.38 -27.89 9.28
N ASP D 355 8.85 -26.77 9.72
CA ASP D 355 7.88 -26.03 8.89
C ASP D 355 8.57 -25.49 7.64
N ILE D 356 9.78 -24.98 7.78
CA ILE D 356 10.56 -24.44 6.62
C ILE D 356 10.81 -25.61 5.67
N ILE D 357 11.16 -26.75 6.23
CA ILE D 357 11.49 -27.90 5.36
C ILE D 357 10.24 -28.29 4.58
N ARG D 358 9.10 -28.38 5.24
CA ARG D 358 7.85 -28.78 4.54
C ARG D 358 7.54 -27.72 3.47
N LEU D 359 7.70 -26.45 3.79
CA LEU D 359 7.43 -25.39 2.79
C LEU D 359 8.42 -25.49 1.62
N TYR D 360 9.68 -25.77 1.88
CA TYR D 360 10.69 -25.84 0.80
C TYR D 360 10.35 -26.97 -0.16
N TYR D 361 9.89 -28.09 0.36
CA TYR D 361 9.52 -29.24 -0.51
C TYR D 361 8.36 -28.83 -1.42
N ASP D 362 7.39 -28.10 -0.88
CA ASP D 362 6.25 -27.62 -1.68
C ASP D 362 6.81 -26.67 -2.74
N PHE D 363 7.72 -25.82 -2.33
CA PHE D 363 8.27 -24.81 -3.25
C PHE D 363 8.94 -25.52 -4.42
N ILE D 364 9.69 -26.58 -4.16
CA ILE D 364 10.37 -27.34 -5.24
C ILE D 364 9.41 -28.23 -6.06
N VAL D 365 8.61 -29.05 -5.39
CA VAL D 365 7.78 -30.08 -6.06
C VAL D 365 6.36 -29.62 -6.38
N LEU D 366 5.65 -29.07 -5.40
CA LEU D 366 4.27 -28.59 -5.62
C LEU D 366 4.27 -27.20 -6.28
N LYS D 367 5.32 -26.42 -6.08
CA LYS D 367 5.38 -25.08 -6.68
C LYS D 367 4.13 -24.27 -6.33
N SER D 368 3.78 -24.21 -5.06
CA SER D 368 2.59 -23.49 -4.53
C SER D 368 2.73 -22.00 -4.79
N GLN D 369 3.96 -21.50 -4.94
CA GLN D 369 4.27 -20.08 -5.22
C GLN D 369 3.76 -19.72 -6.62
N LYS D 370 3.45 -20.71 -7.42
CA LYS D 370 2.95 -20.49 -8.80
C LYS D 370 1.43 -20.51 -8.79
N ASN D 371 0.82 -20.57 -7.61
CA ASN D 371 -0.65 -20.58 -7.48
C ASN D 371 -1.12 -19.47 -6.53
N LEU D 372 -0.33 -18.41 -6.40
CA LEU D 372 -0.63 -17.27 -5.52
C LEU D 372 -1.52 -16.26 -6.25
N GLY D 373 -1.64 -16.37 -7.56
CA GLY D 373 -2.45 -15.36 -8.26
C GLY D 373 -1.61 -14.16 -8.66
N PHE D 374 -0.28 -14.27 -8.54
CA PHE D 374 0.65 -13.21 -9.00
C PHE D 374 2.03 -13.83 -9.21
N SER D 375 2.87 -13.18 -10.00
CA SER D 375 4.21 -13.73 -10.30
C SER D 375 5.23 -13.27 -9.26
N ILE D 376 5.67 -14.20 -8.42
CA ILE D 376 6.76 -13.96 -7.44
C ILE D 376 8.03 -13.62 -8.22
N LYS D 377 8.25 -14.30 -9.34
CA LYS D 377 9.46 -14.03 -10.13
C LYS D 377 9.42 -12.59 -10.62
N LYS D 378 8.26 -12.11 -11.05
CA LYS D 378 8.16 -10.73 -11.55
C LYS D 378 8.51 -9.76 -10.43
N LEU D 379 8.09 -10.05 -9.20
CA LEU D 379 8.38 -9.19 -8.05
C LEU D 379 9.90 -9.18 -7.82
N ARG D 380 10.52 -10.36 -7.82
CA ARG D 380 11.99 -10.46 -7.62
C ARG D 380 12.69 -9.72 -8.74
N GLU D 381 12.24 -9.86 -9.98
CA GLU D 381 12.93 -9.15 -11.08
C GLU D 381 12.85 -7.64 -10.84
N LYS D 382 11.69 -7.14 -10.42
CA LYS D 382 11.47 -5.69 -10.17
C LYS D 382 12.40 -5.23 -9.03
N MSE D 383 12.57 -6.02 -7.98
CA MSE D 383 13.40 -5.63 -6.90
C MSE D 383 14.82 -5.48 -7.36
O MSE D 383 15.45 -4.48 -7.07
CB MSE D 383 13.38 -6.69 -5.80
CG MSE D 383 12.07 -6.66 -5.03
SE MSE D 383 11.52 -8.26 -4.09
CE MSE D 383 12.56 -8.34 -2.45
N LEU D 384 15.33 -6.47 -8.08
CA LEU D 384 16.73 -6.44 -8.60
C LEU D 384 16.89 -5.33 -9.64
N GLU D 385 15.88 -5.10 -10.46
CA GLU D 385 15.97 -4.07 -11.52
C GLU D 385 16.19 -2.69 -10.91
N GLU D 386 15.50 -2.38 -9.83
CA GLU D 386 15.61 -1.01 -9.28
C GLU D 386 16.47 -0.95 -8.01
N TYR D 387 16.61 -2.01 -7.24
CA TYR D 387 17.40 -1.83 -6.00
C TYR D 387 18.60 -2.78 -5.91
N GLY D 388 18.41 -4.02 -6.34
CA GLY D 388 19.42 -5.07 -6.23
C GLY D 388 20.22 -5.19 -7.50
N PHE D 389 20.44 -4.08 -8.19
CA PHE D 389 21.14 -4.10 -9.50
C PHE D 389 22.54 -4.70 -9.30
N ARG D 390 23.01 -4.70 -8.04
CA ARG D 390 24.32 -5.28 -7.63
C ARG D 390 24.32 -6.79 -7.82
N PHE D 391 23.21 -7.44 -7.49
CA PHE D 391 23.10 -8.92 -7.53
C PHE D 391 23.06 -9.38 -8.98
N LYS D 392 22.95 -8.44 -9.91
CA LYS D 392 22.88 -8.77 -11.35
C LYS D 392 24.31 -8.83 -11.91
N ASP D 393 25.31 -8.56 -11.07
CA ASP D 393 26.73 -8.57 -11.52
C ASP D 393 27.04 -10.00 -11.98
N LYS D 394 27.99 -10.09 -12.92
CA LYS D 394 28.45 -11.35 -13.57
C LYS D 394 29.07 -12.29 -12.54
N GLN D 395 29.48 -11.73 -11.40
CA GLN D 395 30.13 -12.42 -10.27
C GLN D 395 29.20 -13.51 -9.72
N TYR D 396 27.88 -13.27 -9.75
CA TYR D 396 26.89 -14.24 -9.21
C TYR D 396 26.32 -15.15 -10.30
N ASP D 397 26.83 -15.07 -11.53
CA ASP D 397 26.26 -15.85 -12.65
C ASP D 397 26.31 -17.33 -12.33
N SER D 398 27.40 -17.80 -11.76
CA SER D 398 27.56 -19.24 -11.44
C SER D 398 26.58 -19.67 -10.35
N VAL D 399 26.12 -18.76 -9.51
CA VAL D 399 25.23 -19.13 -8.39
C VAL D 399 23.84 -18.50 -8.55
N ARG D 400 23.53 -18.01 -9.76
CA ARG D 400 22.27 -17.27 -9.99
C ARG D 400 21.02 -18.11 -9.71
N SER D 401 20.97 -19.37 -10.12
CA SER D 401 19.77 -20.19 -9.86
C SER D 401 19.54 -20.34 -8.35
N LYS D 402 20.60 -20.66 -7.62
CA LYS D 402 20.50 -20.86 -6.16
C LYS D 402 20.06 -19.56 -5.48
N MSE D 403 20.64 -18.43 -5.84
CA MSE D 403 20.31 -17.20 -5.22
C MSE D 403 18.87 -16.83 -5.44
O MSE D 403 18.21 -16.36 -4.52
CB MSE D 403 21.16 -16.17 -5.92
CG MSE D 403 21.53 -15.08 -4.93
SE MSE D 403 22.50 -13.64 -5.78
CE MSE D 403 21.60 -13.56 -7.47
N TYR D 404 18.40 -17.01 -6.66
CA TYR D 404 16.99 -16.71 -7.04
C TYR D 404 16.05 -17.64 -6.27
N LYS D 405 16.45 -18.89 -6.08
CA LYS D 405 15.57 -19.81 -5.33
C LYS D 405 15.42 -19.29 -3.90
N LEU D 406 16.51 -18.86 -3.29
CA LEU D 406 16.43 -18.34 -1.91
C LEU D 406 15.61 -17.05 -1.88
N MSE D 407 15.85 -16.13 -2.80
CA MSE D 407 15.07 -14.95 -2.79
C MSE D 407 13.61 -15.24 -3.05
O MSE D 407 12.75 -14.73 -2.32
CB MSE D 407 15.58 -13.94 -3.79
CG MSE D 407 17.08 -13.83 -3.82
SE MSE D 407 17.61 -12.42 -5.04
CE MSE D 407 19.33 -12.01 -4.21
N ASP D 408 13.33 -16.08 -4.04
CA ASP D 408 11.91 -16.42 -4.39
C ASP D 408 11.25 -17.11 -3.20
N PHE D 409 11.95 -17.99 -2.51
CA PHE D 409 11.32 -18.68 -1.37
C PHE D 409 10.95 -17.70 -0.26
N LEU D 410 11.79 -16.71 0.03
CA LEU D 410 11.45 -15.72 1.10
C LEU D 410 10.18 -14.97 0.68
N LEU D 411 10.11 -14.56 -0.57
CA LEU D 411 8.91 -13.84 -1.06
C LEU D 411 7.72 -14.79 -0.98
N PHE D 412 7.94 -16.06 -1.28
CA PHE D 412 6.84 -17.04 -1.28
C PHE D 412 6.25 -17.20 0.12
N CYS D 413 7.10 -17.40 1.11
CA CYS D 413 6.63 -17.60 2.51
C CYS D 413 5.94 -16.32 2.98
N ASN D 414 6.35 -15.17 2.47
CA ASN D 414 5.76 -13.89 2.89
C ASN D 414 4.26 -13.85 2.55
N TYR D 415 3.88 -14.28 1.36
CA TYR D 415 2.48 -14.21 0.90
C TYR D 415 1.70 -15.50 1.17
N TYR D 416 2.40 -16.61 1.33
CA TYR D 416 1.69 -17.89 1.53
C TYR D 416 1.41 -18.14 3.01
N ARG D 417 2.24 -17.60 3.89
CA ARG D 417 2.07 -17.87 5.35
C ARG D 417 1.96 -16.58 6.16
N ASN D 418 3.00 -15.76 6.12
CA ASN D 418 3.11 -14.54 6.95
C ASN D 418 2.04 -13.49 6.64
N ASP D 419 1.85 -13.15 5.37
CA ASP D 419 0.91 -12.07 5.01
C ASP D 419 -0.01 -12.49 3.86
N VAL D 420 -0.94 -13.41 4.12
CA VAL D 420 -1.90 -13.90 3.08
C VAL D 420 -2.77 -12.75 2.57
N ALA D 421 -3.16 -11.84 3.47
CA ALA D 421 -4.06 -10.72 3.14
C ALA D 421 -3.40 -9.81 2.11
N ALA D 422 -2.10 -9.59 2.25
CA ALA D 422 -1.34 -8.73 1.31
C ALA D 422 -1.40 -9.36 -0.08
N GLY D 423 -1.31 -10.69 -0.14
CA GLY D 423 -1.38 -11.41 -1.41
C GLY D 423 -2.73 -11.22 -2.05
N GLU D 424 -3.78 -11.41 -1.26
CA GLU D 424 -5.17 -11.21 -1.74
C GLU D 424 -5.32 -9.74 -2.13
N ALA D 425 -4.73 -8.84 -1.36
CA ALA D 425 -4.84 -7.42 -1.74
C ALA D 425 -4.19 -7.20 -3.10
N LEU D 426 -3.01 -7.76 -3.30
CA LEU D 426 -2.26 -7.61 -4.58
C LEU D 426 -3.06 -8.19 -5.74
N VAL D 427 -3.69 -9.35 -5.53
CA VAL D 427 -4.50 -9.98 -6.62
C VAL D 427 -5.62 -9.03 -7.03
N ARG D 428 -6.28 -8.45 -6.03
CA ARG D 428 -7.41 -7.52 -6.30
C ARG D 428 -6.88 -6.32 -7.09
N LYS D 429 -5.73 -5.79 -6.70
CA LYS D 429 -5.19 -4.63 -7.45
C LYS D 429 -4.91 -5.03 -8.90
N LEU D 430 -4.31 -6.20 -9.09
CA LEU D 430 -3.97 -6.67 -10.46
C LEU D 430 -5.26 -6.88 -11.23
N ARG D 431 -6.27 -7.47 -10.59
CA ARG D 431 -7.57 -7.72 -11.24
C ARG D 431 -8.23 -6.39 -11.62
N PHE D 432 -8.15 -5.39 -10.75
CA PHE D 432 -8.73 -4.04 -10.99
C PHE D 432 -7.97 -3.28 -12.05
N SER D 433 -6.72 -3.66 -12.29
CA SER D 433 -5.84 -2.92 -13.25
C SER D 433 -6.47 -2.93 -14.64
N MSE D 434 -6.31 -1.85 -15.39
CA MSE D 434 -6.88 -1.76 -16.71
C MSE D 434 -5.95 -1.70 -17.88
O MSE D 434 -6.42 -1.77 -19.02
CB MSE D 434 -7.77 -0.54 -16.72
CG MSE D 434 -8.90 -0.66 -15.70
SE MSE D 434 -10.40 -1.72 -16.36
CE MSE D 434 -10.32 -1.33 -18.25
N THR D 435 -4.66 -1.52 -17.64
CA THR D 435 -3.68 -1.46 -18.75
C THR D 435 -2.41 -2.20 -18.37
N ASP D 436 -1.57 -2.54 -19.35
CA ASP D 436 -0.31 -3.26 -19.02
C ASP D 436 0.57 -2.37 -18.14
N ASP D 437 0.66 -1.08 -18.47
CA ASP D 437 1.49 -0.12 -17.72
C ASP D 437 1.00 -0.07 -16.28
N GLU D 438 -0.31 -0.04 -16.06
CA GLU D 438 -0.83 0.02 -14.69
C GLU D 438 -0.38 -1.24 -13.96
N LYS D 439 -0.45 -2.36 -14.64
CA LYS D 439 -0.05 -3.66 -14.05
C LYS D 439 1.43 -3.63 -13.69
N GLU D 440 2.27 -3.14 -14.60
CA GLU D 440 3.72 -3.06 -14.33
C GLU D 440 3.95 -2.16 -13.13
N GLY D 441 3.22 -1.05 -13.08
CA GLY D 441 3.34 -0.11 -11.96
C GLY D 441 2.97 -0.77 -10.66
N ILE D 442 1.94 -1.61 -10.67
CA ILE D 442 1.52 -2.30 -9.41
C ILE D 442 2.65 -3.22 -8.95
N TYR D 443 3.28 -3.94 -9.87
CA TYR D 443 4.40 -4.82 -9.48
C TYR D 443 5.54 -3.95 -8.94
N ALA D 444 5.79 -2.85 -9.62
CA ALA D 444 6.85 -1.90 -9.19
C ALA D 444 6.54 -1.34 -7.82
N ASP D 445 5.31 -0.91 -7.56
CA ASP D 445 4.99 -0.36 -6.22
C ASP D 445 5.19 -1.44 -5.17
N GLU D 446 4.71 -2.66 -5.42
CA GLU D 446 4.85 -3.76 -4.44
C GLU D 446 6.33 -4.14 -4.27
N ALA D 447 7.12 -4.01 -5.33
CA ALA D 447 8.55 -4.35 -5.22
C ALA D 447 9.19 -3.41 -4.20
N ALA D 448 8.82 -2.13 -4.29
CA ALA D 448 9.38 -1.12 -3.37
C ALA D 448 9.03 -1.55 -1.94
N LYS D 449 7.78 -1.90 -1.71
CA LYS D 449 7.39 -2.34 -0.35
C LYS D 449 8.17 -3.60 0.02
N LEU D 450 8.36 -4.54 -0.89
CA LEU D 450 9.11 -5.78 -0.56
C LEU D 450 10.58 -5.45 -0.27
N TRP D 451 11.15 -4.53 -1.04
CA TRP D 451 12.58 -4.17 -0.85
C TRP D 451 12.80 -3.63 0.56
N GLY D 452 11.90 -2.79 1.03
CA GLY D 452 12.03 -2.25 2.39
C GLY D 452 12.03 -3.38 3.39
N LYS D 453 11.29 -4.46 3.13
CA LYS D 453 11.17 -5.50 4.17
C LYS D 453 12.21 -6.62 4.02
N PHE D 454 12.81 -6.79 2.85
CA PHE D 454 13.71 -7.94 2.69
C PHE D 454 15.10 -7.57 2.24
N ARG D 455 15.37 -6.27 2.04
CA ARG D 455 16.67 -5.86 1.44
C ARG D 455 17.79 -6.41 2.30
N ASN D 456 17.61 -6.42 3.61
CA ASN D 456 18.69 -6.94 4.47
C ASN D 456 18.84 -8.44 4.22
N ASP D 457 17.74 -9.15 4.04
CA ASP D 457 17.76 -10.62 3.81
C ASP D 457 18.41 -10.96 2.45
N PHE D 458 18.07 -10.20 1.42
CA PHE D 458 18.63 -10.44 0.07
C PHE D 458 20.14 -10.25 0.11
N GLU D 459 20.59 -9.19 0.79
CA GLU D 459 22.04 -8.89 0.92
C GLU D 459 22.73 -10.02 1.69
N ASN D 460 22.08 -10.58 2.70
CA ASN D 460 22.67 -11.71 3.46
C ASN D 460 22.85 -12.90 2.53
N ILE D 461 21.85 -13.17 1.70
CA ILE D 461 21.87 -14.31 0.75
C ILE D 461 23.02 -14.08 -0.22
N ALA D 462 23.19 -12.86 -0.70
CA ALA D 462 24.25 -12.53 -1.66
C ALA D 462 25.61 -12.80 -1.02
N ASP D 463 25.75 -12.52 0.26
CA ASP D 463 27.00 -12.76 1.03
C ASP D 463 27.29 -14.26 1.08
N HIS D 464 26.26 -15.09 1.18
CA HIS D 464 26.48 -16.55 1.27
C HIS D 464 26.61 -17.19 -0.11
N MSE D 465 26.41 -16.44 -1.18
CA MSE D 465 26.47 -17.03 -2.49
C MSE D 465 27.84 -17.07 -3.08
O MSE D 465 28.14 -16.26 -3.93
CB MSE D 465 25.53 -16.29 -3.43
CG MSE D 465 24.10 -16.52 -2.96
SE MSE D 465 23.47 -18.32 -3.31
CE MSE D 465 23.63 -19.38 -1.72
N ASN D 466 28.62 -18.05 -2.66
CA ASN D 466 30.00 -18.21 -3.18
C ASN D 466 30.43 -19.67 -2.97
N GLY D 467 31.36 -20.15 -3.78
CA GLY D 467 31.79 -21.56 -3.71
C GLY D 467 32.25 -21.97 -2.33
N ASP D 468 33.04 -21.12 -1.69
CA ASP D 468 33.60 -21.42 -0.35
C ASP D 468 32.47 -21.82 0.59
N VAL D 469 31.54 -20.90 0.82
CA VAL D 469 30.37 -21.11 1.72
C VAL D 469 29.53 -22.28 1.20
N ILE D 470 29.19 -22.28 -0.08
CA ILE D 470 28.29 -23.37 -0.55
C ILE D 470 28.98 -24.71 -0.36
N LYS D 471 30.26 -24.81 -0.70
CA LYS D 471 30.96 -26.10 -0.51
C LYS D 471 30.94 -26.42 0.97
N GLU D 472 31.20 -25.42 1.80
CA GLU D 472 31.22 -25.67 3.24
C GLU D 472 29.83 -26.16 3.68
N LEU D 473 28.76 -25.53 3.21
CA LEU D 473 27.40 -25.95 3.63
C LEU D 473 27.13 -27.38 3.16
N GLY D 474 27.60 -27.72 1.98
CA GLY D 474 27.36 -29.07 1.42
C GLY D 474 27.98 -30.14 2.29
N LYS D 475 29.19 -29.89 2.78
CA LYS D 475 29.92 -30.82 3.68
C LYS D 475 29.23 -30.87 5.04
N ALA D 476 28.65 -29.75 5.47
CA ALA D 476 28.04 -29.63 6.81
C ALA D 476 26.94 -30.66 7.01
N ASP D 477 26.83 -31.21 8.22
CA ASP D 477 25.78 -32.22 8.52
C ASP D 477 24.47 -31.50 8.81
N MSE D 478 23.35 -32.12 8.45
CA MSE D 478 22.12 -31.47 8.73
C MSE D 478 21.60 -32.41 9.70
O MSE D 478 21.33 -33.56 9.35
CB MSE D 478 21.23 -31.58 7.53
CG MSE D 478 21.57 -30.42 6.64
SE MSE D 478 20.04 -29.25 6.82
CE MSE D 478 20.94 -27.50 6.82
N ASP D 479 21.29 -31.93 10.90
CA ASP D 479 20.74 -32.85 11.93
C ASP D 479 19.23 -32.96 11.71
N PHE D 480 18.81 -33.68 10.67
CA PHE D 480 17.35 -33.76 10.38
C PHE D 480 16.88 -35.16 10.07
N ASP D 481 15.60 -35.38 10.33
CA ASP D 481 14.97 -36.70 10.17
C ASP D 481 14.29 -36.76 8.80
N GLU D 482 14.41 -37.90 8.15
CA GLU D 482 13.90 -38.17 6.79
C GLU D 482 12.37 -38.10 6.75
N LYS D 483 11.73 -38.49 7.85
CA LYS D 483 10.25 -38.66 7.94
C LYS D 483 9.51 -37.34 8.18
N ILE D 484 10.23 -36.23 8.23
CA ILE D 484 9.56 -34.92 8.39
C ILE D 484 8.65 -34.68 7.19
N LEU D 485 9.10 -35.10 6.00
CA LEU D 485 8.37 -34.83 4.74
C LEU D 485 7.46 -36.00 4.36
N ASP D 486 7.21 -36.91 5.30
CA ASP D 486 6.38 -38.10 4.97
C ASP D 486 4.98 -37.67 4.52
N SER D 487 4.37 -36.69 5.17
CA SER D 487 3.00 -36.22 4.79
C SER D 487 2.96 -35.52 3.43
N GLU D 488 3.80 -34.51 3.22
CA GLU D 488 3.90 -33.68 1.98
C GLU D 488 4.29 -34.48 0.75
N LYS D 489 5.06 -35.54 0.91
CA LYS D 489 5.62 -36.27 -0.26
C LYS D 489 4.52 -36.74 -1.22
N LYS D 490 4.77 -36.56 -2.52
CA LYS D 490 3.86 -36.99 -3.61
C LYS D 490 4.46 -38.25 -4.21
N ASN D 491 3.62 -39.21 -4.56
CA ASN D 491 4.11 -40.50 -5.10
C ASN D 491 3.28 -40.86 -6.32
N ALA D 492 3.77 -41.81 -7.11
CA ALA D 492 3.15 -42.24 -8.39
C ALA D 492 1.73 -42.74 -8.11
N SER D 493 1.57 -43.38 -6.96
CA SER D 493 0.28 -43.98 -6.53
C SER D 493 -0.77 -42.89 -6.31
N ASP D 494 -0.33 -41.67 -6.04
CA ASP D 494 -1.25 -40.54 -5.76
C ASP D 494 -1.74 -39.91 -7.05
N LEU D 495 -1.33 -40.40 -8.22
CA LEU D 495 -1.71 -39.72 -9.49
C LEU D 495 -2.64 -40.59 -10.32
N LEU D 496 -3.53 -39.98 -11.09
CA LEU D 496 -4.42 -40.73 -12.01
C LEU D 496 -3.59 -41.19 -13.21
N TYR D 497 -4.06 -42.22 -13.90
CA TYR D 497 -3.35 -42.74 -15.09
C TYR D 497 -3.32 -41.67 -16.19
N PHE D 498 -4.39 -40.88 -16.35
CA PHE D 498 -4.38 -39.84 -17.40
C PHE D 498 -3.25 -38.85 -17.12
N SER D 499 -3.08 -38.44 -15.87
CA SER D 499 -1.99 -37.49 -15.52
C SER D 499 -0.64 -38.15 -15.83
N LYS D 500 -0.52 -39.43 -15.50
CA LYS D 500 0.74 -40.19 -15.74
C LYS D 500 0.99 -40.28 -17.23
N MSE D 501 -0.06 -40.43 -18.02
CA MSE D 501 0.10 -40.49 -19.42
C MSE D 501 0.63 -39.18 -19.95
O MSE D 501 1.46 -39.19 -20.82
CB MSE D 501 -1.23 -40.83 -20.02
CG MSE D 501 -1.18 -40.86 -21.52
SE MSE D 501 -2.91 -41.40 -22.25
CE MSE D 501 -3.79 -39.65 -22.14
N ILE D 502 0.12 -38.06 -19.45
CA ILE D 502 0.61 -36.73 -19.91
C ILE D 502 2.09 -36.62 -19.54
N TYR D 503 2.47 -37.11 -18.36
CA TYR D 503 3.89 -37.03 -17.93
C TYR D 503 4.78 -37.82 -18.92
N MSE D 504 4.31 -38.97 -19.37
CA MSE D 504 5.03 -39.81 -20.27
C MSE D 504 5.29 -39.11 -21.57
O MSE D 504 6.36 -39.17 -22.08
CB MSE D 504 4.22 -41.05 -20.54
CG MSE D 504 4.97 -41.91 -21.52
SE MSE D 504 4.61 -41.52 -23.38
CE MSE D 504 2.79 -42.14 -23.55
N LEU D 505 4.29 -38.37 -22.04
CA LEU D 505 4.30 -37.59 -23.30
C LEU D 505 5.41 -36.54 -23.27
N THR D 506 5.73 -36.02 -22.10
CA THR D 506 6.73 -34.94 -21.92
C THR D 506 8.15 -35.38 -22.29
N TYR D 507 8.40 -36.68 -22.35
CA TYR D 507 9.72 -37.24 -22.74
C TYR D 507 10.10 -36.79 -24.15
N PHE D 508 9.10 -36.64 -25.01
CA PHE D 508 9.32 -36.26 -26.42
C PHE D 508 9.27 -34.75 -26.59
N LEU D 509 9.23 -34.00 -25.51
CA LEU D 509 9.02 -32.54 -25.67
C LEU D 509 10.11 -31.72 -24.99
N ASP D 510 10.38 -30.55 -25.53
CA ASP D 510 11.33 -29.61 -24.87
C ASP D 510 10.60 -28.80 -23.79
N GLY D 511 11.31 -27.94 -23.06
CA GLY D 511 10.73 -27.17 -21.95
C GLY D 511 9.60 -26.26 -22.36
N LYS D 512 9.72 -25.57 -23.48
CA LYS D 512 8.64 -24.69 -23.97
C LYS D 512 7.41 -25.51 -24.37
N GLU D 513 7.62 -26.64 -25.03
CA GLU D 513 6.51 -27.51 -25.49
C GLU D 513 5.78 -28.04 -24.27
N ILE D 514 6.50 -28.45 -23.24
CA ILE D 514 5.88 -28.96 -21.99
C ILE D 514 5.06 -27.84 -21.35
N ASN D 515 5.59 -26.62 -21.33
CA ASN D 515 4.88 -25.49 -20.69
C ASN D 515 3.60 -25.21 -21.47
N ASP D 516 3.70 -25.11 -22.79
CA ASP D 516 2.54 -24.82 -23.65
C ASP D 516 1.50 -25.93 -23.54
N LEU D 517 1.90 -27.19 -23.62
CA LEU D 517 0.91 -28.27 -23.50
C LEU D 517 0.29 -28.34 -22.10
N LEU D 518 1.12 -28.38 -21.06
CA LEU D 518 0.60 -28.51 -19.68
C LEU D 518 -0.21 -27.27 -19.26
N THR D 519 0.23 -26.07 -19.58
CA THR D 519 -0.52 -24.87 -19.14
C THR D 519 -1.91 -24.88 -19.79
N THR D 520 -1.97 -25.24 -21.06
CA THR D 520 -3.25 -25.33 -21.80
C THR D 520 -4.12 -26.40 -21.16
N LEU D 521 -3.58 -27.58 -20.89
CA LEU D 521 -4.37 -28.66 -20.27
C LEU D 521 -4.86 -28.24 -18.88
N ILE D 522 -3.99 -27.64 -18.07
CA ILE D 522 -4.34 -27.27 -16.67
C ILE D 522 -5.48 -26.24 -16.71
N SER D 523 -5.40 -25.27 -17.61
CA SER D 523 -6.42 -24.23 -17.76
C SER D 523 -7.76 -24.82 -18.18
N LYS D 524 -7.75 -25.75 -19.13
CA LYS D 524 -9.00 -26.38 -19.61
C LYS D 524 -9.65 -27.22 -18.51
N PHE D 525 -8.88 -28.04 -17.81
CA PHE D 525 -9.46 -28.87 -16.73
C PHE D 525 -10.00 -27.94 -15.63
N ASP D 526 -9.29 -26.85 -15.36
CA ASP D 526 -9.69 -25.89 -14.31
C ASP D 526 -11.05 -25.27 -14.66
N ASN D 527 -11.24 -24.88 -15.92
CA ASN D 527 -12.54 -24.33 -16.38
C ASN D 527 -13.63 -25.39 -16.35
N ILE D 528 -13.32 -26.60 -16.80
CA ILE D 528 -14.31 -27.71 -16.86
C ILE D 528 -14.78 -28.04 -15.45
N LYS D 529 -13.88 -28.10 -14.48
CA LYS D 529 -14.32 -28.41 -13.11
C LYS D 529 -15.25 -27.30 -12.58
N GLU D 530 -14.96 -26.05 -12.88
CA GLU D 530 -15.81 -24.94 -12.37
C GLU D 530 -17.21 -25.04 -12.97
N PHE D 531 -17.32 -25.33 -14.26
CA PHE D 531 -18.64 -25.43 -14.92
C PHE D 531 -19.45 -26.57 -14.30
N LEU D 532 -18.81 -27.71 -14.05
CA LEU D 532 -19.53 -28.85 -13.43
C LEU D 532 -19.99 -28.42 -12.04
N LYS D 533 -19.14 -27.72 -11.31
CA LYS D 533 -19.48 -27.30 -9.94
C LYS D 533 -20.68 -26.36 -9.95
N ILE D 534 -20.68 -25.38 -10.84
CA ILE D 534 -21.80 -24.40 -10.90
C ILE D 534 -23.09 -25.15 -11.23
N MSE D 535 -23.05 -26.05 -12.21
CA MSE D 535 -24.20 -26.78 -12.61
C MSE D 535 -24.74 -27.63 -11.50
O MSE D 535 -25.94 -27.77 -11.37
CB MSE D 535 -23.93 -27.62 -13.83
CG MSE D 535 -23.67 -26.75 -15.03
SE MSE D 535 -23.77 -27.69 -16.73
CE MSE D 535 -21.94 -28.34 -16.92
N LYS D 536 -23.86 -28.17 -10.67
CA LYS D 536 -24.32 -29.09 -9.60
C LYS D 536 -24.71 -28.33 -8.34
N SER D 537 -24.58 -27.01 -8.32
CA SER D 537 -24.89 -26.18 -7.13
C SER D 537 -26.39 -26.21 -6.85
N SER D 538 -26.78 -25.99 -5.61
CA SER D 538 -28.23 -26.01 -5.25
C SER D 538 -28.95 -24.96 -6.07
N ALA D 539 -28.36 -23.78 -6.19
CA ALA D 539 -29.00 -22.66 -6.91
C ALA D 539 -29.23 -22.96 -8.40
N VAL D 540 -28.33 -23.68 -9.06
CA VAL D 540 -28.50 -23.90 -10.53
C VAL D 540 -29.19 -25.23 -10.81
N ASP D 541 -28.66 -26.30 -10.22
CA ASP D 541 -29.29 -27.64 -10.31
C ASP D 541 -29.62 -28.06 -11.73
N VAL D 542 -28.63 -28.13 -12.61
CA VAL D 542 -28.88 -28.66 -13.99
C VAL D 542 -28.26 -30.06 -14.05
N GLU D 543 -28.83 -30.92 -14.91
CA GLU D 543 -28.49 -32.37 -14.94
C GLU D 543 -27.02 -32.68 -15.24
N CYS D 544 -26.51 -32.27 -16.40
CA CYS D 544 -25.07 -32.39 -16.72
C CYS D 544 -24.45 -33.77 -16.43
N GLU D 545 -24.94 -34.85 -17.03
CA GLU D 545 -24.30 -36.16 -16.80
C GLU D 545 -23.49 -36.49 -18.06
N LEU D 546 -22.20 -36.64 -17.89
CA LEU D 546 -21.35 -36.92 -19.06
C LEU D 546 -21.63 -38.33 -19.56
N THR D 547 -21.54 -38.53 -20.86
CA THR D 547 -21.72 -39.87 -21.46
C THR D 547 -20.48 -40.72 -21.12
N ALA D 548 -20.46 -41.98 -21.53
CA ALA D 548 -19.44 -42.96 -21.10
C ALA D 548 -18.02 -42.52 -21.44
N GLY D 549 -17.81 -41.93 -22.60
CA GLY D 549 -16.46 -41.53 -23.02
C GLY D 549 -15.85 -40.44 -22.18
N TYR D 550 -16.69 -39.57 -21.63
CA TYR D 550 -16.28 -38.32 -20.96
C TYR D 550 -16.39 -38.39 -19.45
N LYS D 551 -16.45 -39.61 -18.91
CA LYS D 551 -16.59 -39.81 -17.45
C LYS D 551 -15.36 -39.28 -16.73
N LEU D 552 -14.24 -39.14 -17.47
CA LEU D 552 -12.94 -38.67 -16.93
C LEU D 552 -13.09 -37.25 -16.40
N PHE D 553 -13.90 -36.44 -17.08
CA PHE D 553 -14.09 -35.00 -16.76
C PHE D 553 -14.75 -34.80 -15.40
N ASN D 554 -15.28 -35.86 -14.81
CA ASN D 554 -15.88 -35.77 -13.44
C ASN D 554 -14.76 -35.60 -12.43
N ASP D 555 -13.55 -35.96 -12.80
CA ASP D 555 -12.37 -35.86 -11.91
C ASP D 555 -11.50 -34.68 -12.34
N SER D 556 -12.11 -33.68 -12.96
CA SER D 556 -11.37 -32.51 -13.49
C SER D 556 -10.62 -31.77 -12.38
N GLN D 557 -11.19 -31.67 -11.19
CA GLN D 557 -10.49 -30.91 -10.13
C GLN D 557 -9.18 -31.61 -9.81
N ARG D 558 -9.24 -32.93 -9.67
CA ARG D 558 -8.03 -33.73 -9.37
C ARG D 558 -7.04 -33.66 -10.52
N ILE D 559 -7.52 -33.75 -11.75
CA ILE D 559 -6.63 -33.72 -12.95
C ILE D 559 -5.93 -32.36 -13.01
N THR D 560 -6.62 -31.26 -12.71
CA THR D 560 -5.97 -29.93 -12.76
C THR D 560 -4.83 -29.90 -11.75
N ASN D 561 -5.08 -30.38 -10.53
CA ASN D 561 -4.03 -30.39 -9.48
C ASN D 561 -2.87 -31.30 -9.90
N GLU D 562 -3.18 -32.50 -10.38
CA GLU D 562 -2.14 -33.48 -10.78
C GLU D 562 -1.31 -32.99 -11.97
N LEU D 563 -1.94 -32.40 -12.97
CA LEU D 563 -1.24 -31.87 -14.17
C LEU D 563 -0.30 -30.73 -13.74
N PHE D 564 -0.68 -29.97 -12.73
CA PHE D 564 0.20 -28.87 -12.27
C PHE D 564 1.52 -29.45 -11.76
N ILE D 565 1.44 -30.48 -10.94
CA ILE D 565 2.64 -31.19 -10.38
C ILE D 565 3.43 -31.81 -11.52
N VAL D 566 2.75 -32.38 -12.51
CA VAL D 566 3.39 -33.03 -13.69
C VAL D 566 4.21 -31.98 -14.42
N LYS D 567 3.66 -30.78 -14.56
CA LYS D 567 4.39 -29.70 -15.25
C LYS D 567 5.66 -29.41 -14.44
N ASN D 568 5.57 -29.42 -13.12
CA ASN D 568 6.76 -29.11 -12.31
C ASN D 568 7.83 -30.20 -12.46
N ILE D 569 7.47 -31.46 -12.27
CA ILE D 569 8.45 -32.57 -12.35
C ILE D 569 8.96 -32.79 -13.78
N ALA D 570 8.10 -32.64 -14.78
CA ALA D 570 8.50 -32.79 -16.19
C ALA D 570 9.50 -31.72 -16.60
N SER D 571 9.43 -30.54 -16.01
CA SER D 571 10.31 -29.43 -16.38
C SER D 571 11.73 -29.62 -15.84
N MSE D 572 11.90 -30.55 -14.91
CA MSE D 572 13.19 -30.78 -14.34
C MSE D 572 14.03 -31.47 -15.36
O MSE D 572 13.53 -32.24 -16.13
CB MSE D 572 13.05 -31.59 -13.07
CG MSE D 572 12.43 -30.75 -11.96
SE MSE D 572 12.00 -31.87 -10.44
CE MSE D 572 11.15 -30.56 -9.27
N ARG D 573 15.32 -31.13 -15.35
CA ARG D 573 16.30 -31.70 -16.31
C ARG D 573 16.39 -33.22 -16.12
N LYS D 574 16.21 -33.98 -17.20
CA LYS D 574 16.30 -35.46 -17.16
C LYS D 574 17.76 -35.87 -16.96
N PRO D 575 18.07 -37.06 -16.39
CA PRO D 575 19.44 -37.48 -16.26
C PRO D 575 19.93 -37.64 -17.70
N ALA D 576 21.10 -37.11 -18.04
CA ALA D 576 21.60 -37.16 -19.43
C ALA D 576 21.89 -38.60 -19.89
N ALA D 577 21.52 -38.93 -21.12
CA ALA D 577 21.89 -40.26 -21.65
C ALA D 577 23.36 -40.20 -22.09
N SER D 578 24.04 -41.33 -22.12
CA SER D 578 25.46 -41.33 -22.55
C SER D 578 25.52 -40.92 -24.02
N ALA D 579 26.45 -40.06 -24.39
CA ALA D 579 26.53 -39.62 -25.80
C ALA D 579 26.95 -40.80 -26.68
N LYS D 580 26.20 -41.02 -27.75
CA LYS D 580 26.46 -42.11 -28.71
C LYS D 580 27.22 -41.55 -29.91
N LEU D 581 27.81 -42.43 -30.71
CA LEU D 581 28.60 -42.02 -31.90
C LEU D 581 27.69 -41.29 -32.89
N THR D 582 26.44 -41.73 -33.03
CA THR D 582 25.48 -41.09 -33.95
C THR D 582 25.26 -39.64 -33.51
N MSE D 583 25.19 -39.40 -32.20
CA MSE D 583 25.00 -38.10 -31.67
C MSE D 583 26.18 -37.26 -31.98
O MSE D 583 26.02 -36.11 -32.28
CB MSE D 583 24.77 -38.18 -30.19
CG MSE D 583 23.46 -38.88 -30.01
SE MSE D 583 23.25 -39.02 -28.11
CE MSE D 583 21.53 -39.89 -28.14
N PHE D 584 27.37 -37.82 -31.88
CA PHE D 584 28.59 -37.05 -32.20
C PHE D 584 28.56 -36.64 -33.66
N ARG D 585 28.09 -37.52 -34.55
CA ARG D 585 28.03 -37.19 -35.98
C ARG D 585 27.06 -36.02 -36.19
N ASP D 586 25.93 -36.05 -35.51
CA ASP D 586 24.93 -34.96 -35.60
C ASP D 586 25.57 -33.66 -35.09
N ALA D 587 26.30 -33.73 -33.99
CA ALA D 587 26.95 -32.53 -33.44
C ALA D 587 28.00 -31.98 -34.39
N LEU D 588 28.86 -32.84 -34.92
CA LEU D 588 29.92 -32.38 -35.85
C LEU D 588 29.28 -31.82 -37.13
N THR D 589 28.28 -32.51 -37.65
CA THR D 589 27.59 -32.10 -38.89
C THR D 589 26.89 -30.75 -38.71
N ILE D 590 26.23 -30.51 -37.59
CA ILE D 590 25.53 -29.20 -37.42
C ILE D 590 26.55 -28.07 -37.44
N LEU D 591 27.71 -28.29 -36.84
CA LEU D 591 28.81 -27.28 -36.76
C LEU D 591 29.43 -27.04 -38.14
N GLY D 592 29.60 -28.10 -38.93
CA GLY D 592 30.20 -28.02 -40.27
C GLY D 592 31.35 -28.98 -40.39
N ILE D 593 31.19 -29.99 -41.22
CA ILE D 593 32.23 -31.04 -41.36
C ILE D 593 32.16 -31.66 -42.76
N ASP D 594 33.19 -32.42 -43.08
CA ASP D 594 33.39 -33.11 -44.38
C ASP D 594 32.22 -34.07 -44.61
N ASP D 595 31.57 -33.99 -45.76
CA ASP D 595 30.39 -34.85 -46.00
C ASP D 595 30.82 -36.31 -46.00
N ASN D 596 32.09 -36.56 -46.32
CA ASN D 596 32.65 -37.92 -46.47
C ASN D 596 33.13 -38.52 -45.16
N ILE D 597 33.05 -37.79 -44.05
CA ILE D 597 33.64 -38.29 -42.76
C ILE D 597 33.07 -39.67 -42.41
N THR D 598 33.95 -40.55 -41.96
CA THR D 598 33.55 -41.91 -41.56
C THR D 598 33.40 -41.98 -40.05
N ASP D 599 32.72 -43.02 -39.57
CA ASP D 599 32.52 -43.29 -38.13
C ASP D 599 33.90 -43.52 -37.48
N ASP D 600 34.78 -44.25 -38.17
CA ASP D 600 36.13 -44.51 -37.63
C ASP D 600 36.87 -43.18 -37.48
N ARG D 601 36.76 -42.29 -38.47
CA ARG D 601 37.43 -40.97 -38.38
C ARG D 601 36.84 -40.12 -37.25
N ILE D 602 35.52 -40.09 -37.09
CA ILE D 602 34.94 -39.28 -35.99
C ILE D 602 35.49 -39.80 -34.66
N SER D 603 35.49 -41.12 -34.48
CA SER D 603 35.93 -41.75 -33.20
C SER D 603 37.41 -41.45 -32.92
N GLU D 604 38.24 -41.41 -33.96
CA GLU D 604 39.68 -41.10 -33.76
C GLU D 604 39.86 -39.64 -33.33
N ILE D 605 39.14 -38.72 -33.96
CA ILE D 605 39.26 -37.27 -33.65
C ILE D 605 38.81 -37.03 -32.21
N LEU D 606 37.78 -37.73 -31.75
CA LEU D 606 37.25 -37.51 -30.39
C LEU D 606 37.90 -38.45 -29.38
N LYS D 607 38.73 -39.38 -29.86
CA LYS D 607 39.42 -40.38 -29.00
C LYS D 607 38.39 -41.19 -28.25
N LEU D 608 37.30 -41.56 -28.92
CA LEU D 608 36.20 -42.30 -28.28
C LEU D 608 36.67 -43.67 -27.81
N LYS D 609 37.44 -44.37 -28.64
CA LYS D 609 38.00 -45.71 -28.33
C LYS D 609 39.07 -45.64 -27.25
N GLU D 610 39.90 -44.59 -27.26
CA GLU D 610 41.00 -44.55 -26.28
C GLU D 610 40.48 -44.52 -24.84
N LYS D 611 41.16 -45.25 -23.96
CA LYS D 611 40.84 -45.28 -22.51
C LYS D 611 41.88 -44.40 -21.83
N GLY D 612 41.49 -43.69 -20.76
CA GLY D 612 42.38 -42.79 -20.03
C GLY D 612 41.60 -41.60 -19.49
N LYS D 613 42.24 -40.76 -18.67
CA LYS D 613 41.56 -39.62 -18.04
C LYS D 613 42.19 -38.30 -18.48
N GLY D 614 41.38 -37.33 -18.87
CA GLY D 614 41.87 -36.01 -19.29
C GLY D 614 42.27 -35.92 -20.75
N ILE D 615 42.09 -36.98 -21.52
CA ILE D 615 42.47 -37.00 -22.96
C ILE D 615 41.23 -36.79 -23.83
N HIS D 616 40.06 -36.62 -23.22
CA HIS D 616 38.80 -36.49 -23.96
C HIS D 616 38.27 -35.05 -23.93
N GLY D 617 39.15 -34.07 -23.98
CA GLY D 617 38.70 -32.68 -23.86
C GLY D 617 37.76 -32.29 -24.99
N LEU D 618 38.12 -32.62 -26.22
CA LEU D 618 37.27 -32.25 -27.37
C LEU D 618 35.93 -32.97 -27.28
N ARG D 619 35.93 -34.25 -26.91
CA ARG D 619 34.67 -35.00 -26.81
C ARG D 619 33.80 -34.33 -25.75
N ASN D 620 34.38 -33.99 -24.61
CA ASN D 620 33.67 -33.36 -23.48
C ASN D 620 33.10 -31.99 -23.89
N PHE D 621 33.89 -31.17 -24.58
CA PHE D 621 33.44 -29.85 -25.02
C PHE D 621 32.27 -29.97 -26.00
N ILE D 622 32.33 -30.90 -26.94
CA ILE D 622 31.22 -31.10 -27.91
C ILE D 622 29.98 -31.59 -27.17
N THR D 623 30.14 -32.51 -26.23
CA THR D 623 28.99 -33.04 -25.46
C THR D 623 28.39 -31.95 -24.59
N ASN D 624 29.22 -31.20 -23.88
CA ASN D 624 28.73 -30.15 -22.96
C ASN D 624 28.05 -29.00 -23.70
N ASN D 625 28.56 -28.59 -24.85
CA ASN D 625 28.02 -27.39 -25.52
C ASN D 625 27.11 -27.71 -26.70
N VAL D 626 27.12 -28.94 -27.19
CA VAL D 626 26.25 -29.25 -28.35
C VAL D 626 25.25 -30.36 -28.01
N ILE D 627 25.74 -31.56 -27.67
CA ILE D 627 24.84 -32.72 -27.43
C ILE D 627 23.87 -32.42 -26.28
N GLU D 628 24.34 -31.77 -25.24
CA GLU D 628 23.52 -31.51 -24.04
C GLU D 628 22.67 -30.25 -24.22
N SER D 629 22.80 -29.56 -25.33
CA SER D 629 22.01 -28.34 -25.56
C SER D 629 20.60 -28.71 -26.00
N SER D 630 19.62 -28.10 -25.33
CA SER D 630 18.18 -28.26 -25.63
C SER D 630 17.91 -27.76 -27.04
N ARG D 631 18.56 -26.67 -27.41
CA ARG D 631 18.38 -26.13 -28.77
C ARG D 631 18.88 -27.15 -29.81
N PHE D 632 20.02 -27.78 -29.57
CA PHE D 632 20.53 -28.79 -30.52
C PHE D 632 19.53 -29.94 -30.63
N VAL D 633 19.04 -30.43 -29.52
CA VAL D 633 18.12 -31.60 -29.55
C VAL D 633 16.85 -31.22 -30.33
N TYR D 634 16.36 -30.00 -30.13
CA TYR D 634 15.16 -29.56 -30.86
C TYR D 634 15.45 -29.56 -32.37
N LEU D 635 16.61 -29.06 -32.76
CA LEU D 635 16.99 -29.02 -34.17
C LEU D 635 17.14 -30.41 -34.75
N ILE D 636 17.78 -31.33 -34.04
CA ILE D 636 17.95 -32.71 -34.55
C ILE D 636 16.59 -33.39 -34.65
N LYS D 637 15.73 -33.18 -33.68
CA LYS D 637 14.42 -33.84 -33.65
C LYS D 637 13.48 -33.38 -34.77
N TYR D 638 13.43 -32.09 -35.06
CA TYR D 638 12.47 -31.58 -36.07
C TYR D 638 13.13 -31.25 -37.40
N ALA D 639 14.45 -31.33 -37.46
CA ALA D 639 15.17 -30.95 -38.67
C ALA D 639 16.28 -31.97 -38.97
N ASN D 640 17.30 -31.52 -39.67
CA ASN D 640 18.43 -32.42 -40.00
C ASN D 640 19.68 -31.60 -39.79
N ALA D 641 20.72 -32.17 -39.21
CA ALA D 641 21.92 -31.37 -38.92
C ALA D 641 22.55 -30.78 -40.19
N GLN D 642 22.75 -31.58 -41.24
CA GLN D 642 23.38 -31.09 -42.50
C GLN D 642 22.53 -30.01 -43.15
N LYS D 643 21.22 -30.22 -43.23
CA LYS D 643 20.37 -29.18 -43.86
C LYS D 643 20.42 -27.90 -43.03
N ILE D 644 20.42 -28.03 -41.71
CA ILE D 644 20.44 -26.83 -40.83
C ILE D 644 21.71 -26.03 -41.08
N ARG D 645 22.83 -26.72 -41.20
CA ARG D 645 24.12 -26.04 -41.42
C ARG D 645 24.05 -25.30 -42.76
N GLU D 646 23.48 -25.93 -43.78
CA GLU D 646 23.38 -25.28 -45.12
C GLU D 646 22.51 -24.04 -45.02
N VAL D 647 21.38 -24.14 -44.32
CA VAL D 647 20.42 -23.00 -44.18
C VAL D 647 21.11 -21.84 -43.49
N ALA D 648 22.04 -22.15 -42.58
CA ALA D 648 22.81 -21.16 -41.81
C ALA D 648 23.69 -20.34 -42.76
N LYS D 649 23.95 -20.88 -43.95
CA LYS D 649 24.76 -20.17 -44.98
C LYS D 649 24.00 -18.95 -45.50
N ASN D 650 22.68 -18.95 -45.35
CA ASN D 650 21.83 -17.86 -45.89
C ASN D 650 21.80 -16.68 -44.93
N GLU D 651 22.51 -15.63 -45.29
CA GLU D 651 22.60 -14.38 -44.49
C GLU D 651 21.21 -13.73 -44.39
N LYS D 652 20.41 -13.82 -45.44
CA LYS D 652 19.09 -13.16 -45.40
C LYS D 652 18.25 -13.79 -44.30
N VAL D 653 18.20 -15.12 -44.26
CA VAL D 653 17.41 -15.82 -43.21
C VAL D 653 18.03 -15.53 -41.86
N VAL D 654 19.35 -15.63 -41.77
CA VAL D 654 20.06 -15.41 -40.47
C VAL D 654 19.86 -13.98 -39.99
N MSE D 655 19.98 -13.00 -40.88
CA MSE D 655 19.80 -11.63 -40.53
C MSE D 655 18.40 -11.39 -40.06
O MSE D 655 18.17 -10.61 -39.13
CB MSE D 655 20.11 -10.78 -41.74
CG MSE D 655 21.60 -10.55 -41.88
SE MSE D 655 22.32 -9.52 -40.41
CE MSE D 655 21.57 -7.74 -40.69
N PHE D 656 17.44 -12.05 -40.70
CA PHE D 656 16.04 -11.84 -40.26
C PHE D 656 15.91 -12.33 -38.81
N VAL D 657 16.48 -13.48 -38.49
CA VAL D 657 16.38 -14.00 -37.10
C VAL D 657 17.10 -13.05 -36.14
N LEU D 658 18.28 -12.60 -36.54
CA LEU D 658 19.10 -11.70 -35.68
C LEU D 658 18.34 -10.40 -35.45
N GLY D 659 17.60 -9.91 -36.45
CA GLY D 659 16.88 -8.64 -36.34
C GLY D 659 15.85 -8.66 -35.22
N GLY D 660 15.19 -9.80 -35.04
CA GLY D 660 14.18 -10.02 -34.00
C GLY D 660 14.76 -9.89 -32.61
N ILE D 661 16.01 -10.31 -32.44
CA ILE D 661 16.68 -10.28 -31.11
C ILE D 661 16.91 -8.84 -30.66
N PRO D 662 16.63 -8.50 -29.39
CA PRO D 662 16.79 -7.15 -28.88
C PRO D 662 18.22 -6.63 -28.99
N ASP D 663 18.34 -5.32 -29.18
CA ASP D 663 19.64 -4.67 -29.46
C ASP D 663 20.61 -4.94 -28.32
N THR D 664 20.19 -4.85 -27.07
CA THR D 664 21.15 -5.07 -25.97
C THR D 664 21.67 -6.49 -26.01
N GLN D 665 20.82 -7.45 -26.33
CA GLN D 665 21.18 -8.88 -26.43
C GLN D 665 22.19 -9.04 -27.57
N ILE D 666 21.95 -8.34 -28.67
CA ILE D 666 22.87 -8.41 -29.84
C ILE D 666 24.22 -7.85 -29.38
N GLU D 667 24.20 -6.79 -28.60
CA GLU D 667 25.47 -6.21 -28.09
C GLU D 667 26.18 -7.23 -27.20
N ARG D 668 25.44 -7.90 -26.32
CA ARG D 668 26.08 -8.90 -25.43
C ARG D 668 26.70 -10.00 -26.29
N TYR D 669 26.00 -10.45 -27.31
CA TYR D 669 26.50 -11.53 -28.20
C TYR D 669 27.77 -11.08 -28.92
N TYR D 670 27.78 -9.83 -29.38
CA TYR D 670 28.92 -9.28 -30.14
C TYR D 670 30.15 -9.27 -29.25
N LYS D 671 29.97 -8.79 -28.03
CA LYS D 671 31.10 -8.71 -27.10
C LYS D 671 31.61 -10.10 -26.78
N SER D 672 30.71 -11.02 -26.48
CA SER D 672 31.07 -12.42 -26.13
C SER D 672 31.62 -13.22 -27.32
N CYS D 673 31.13 -13.03 -28.53
CA CYS D 673 31.55 -13.92 -29.63
C CYS D 673 32.64 -13.37 -30.56
N VAL D 674 32.90 -12.07 -30.60
CA VAL D 674 33.87 -11.61 -31.63
C VAL D 674 35.25 -11.44 -31.00
N GLU D 675 36.26 -12.07 -31.57
CA GLU D 675 37.62 -11.99 -30.98
C GLU D 675 38.15 -10.57 -30.99
N PHE D 676 37.93 -9.84 -32.09
CA PHE D 676 38.46 -8.46 -32.18
C PHE D 676 37.29 -7.50 -32.44
N PRO D 677 36.53 -7.15 -31.41
CA PRO D 677 35.36 -6.30 -31.60
C PRO D 677 35.65 -4.87 -32.05
N ASP D 678 34.86 -4.38 -33.01
CA ASP D 678 34.95 -2.96 -33.42
C ASP D 678 34.00 -2.18 -32.51
N MSE D 679 34.57 -1.41 -31.61
CA MSE D 679 33.87 -0.63 -30.61
C MSE D 679 32.98 0.39 -31.20
O MSE D 679 31.89 0.69 -30.69
CB MSE D 679 34.99 -0.01 -29.83
CG MSE D 679 35.82 -1.16 -29.30
SE MSE D 679 34.66 -1.98 -27.97
CE MSE D 679 34.84 -0.44 -26.77
N ASN D 680 33.39 0.90 -32.35
CA ASN D 680 32.59 1.98 -32.98
C ASN D 680 31.58 1.36 -33.96
N SER D 681 31.46 0.05 -33.97
CA SER D 681 30.54 -0.65 -34.91
C SER D 681 29.09 -0.28 -34.60
N SER D 682 28.28 -0.16 -35.65
CA SER D 682 26.83 0.11 -35.51
C SER D 682 26.11 -1.19 -35.19
N LEU D 683 24.86 -1.09 -34.75
CA LEU D 683 24.06 -2.30 -34.40
C LEU D 683 23.92 -3.17 -35.64
N GLU D 684 23.68 -2.58 -36.81
CA GLU D 684 23.56 -3.38 -38.04
C GLU D 684 24.91 -4.04 -38.34
N ALA D 685 26.01 -3.35 -38.03
CA ALA D 685 27.36 -3.90 -38.23
C ALA D 685 27.56 -5.09 -37.30
N LYS D 686 27.14 -4.97 -36.05
CA LYS D 686 27.25 -6.08 -35.09
C LYS D 686 26.41 -7.26 -35.56
N ARG D 687 25.18 -7.01 -36.03
CA ARG D 687 24.33 -8.13 -36.51
C ARG D 687 24.99 -8.77 -37.72
N SER D 688 25.55 -7.94 -38.59
CA SER D 688 26.20 -8.49 -39.81
C SER D 688 27.39 -9.36 -39.43
N GLU D 689 28.18 -8.95 -38.45
CA GLU D 689 29.35 -9.76 -38.03
C GLU D 689 28.87 -11.09 -37.47
N LEU D 690 27.86 -11.03 -36.60
CA LEU D 690 27.33 -12.26 -35.98
C LEU D 690 26.81 -13.15 -37.10
N ALA D 691 26.13 -12.57 -38.07
CA ALA D 691 25.62 -13.37 -39.20
C ALA D 691 26.78 -13.99 -39.98
N ARG D 692 27.83 -13.22 -40.23
CA ARG D 692 28.98 -13.76 -40.98
C ARG D 692 29.63 -14.90 -40.18
N MSE D 693 29.73 -14.76 -38.85
CA MSE D 693 30.32 -15.80 -38.03
C MSE D 693 29.56 -17.08 -38.16
O MSE D 693 30.17 -18.17 -38.31
CB MSE D 693 30.30 -15.34 -36.56
CG MSE D 693 31.45 -14.39 -36.27
SE MSE D 693 31.36 -13.81 -34.39
CE MSE D 693 31.98 -15.49 -33.56
N ILE D 694 28.23 -16.99 -38.11
CA ILE D 694 27.31 -18.16 -38.21
C ILE D 694 27.50 -18.79 -39.59
N LYS D 695 27.68 -17.96 -40.61
CA LYS D 695 27.88 -18.42 -42.00
C LYS D 695 29.17 -19.25 -42.13
N ASN D 696 30.26 -18.87 -41.47
CA ASN D 696 31.56 -19.56 -41.66
C ASN D 696 31.91 -20.57 -40.56
N ILE D 697 30.99 -20.83 -39.64
CA ILE D 697 31.31 -21.75 -38.51
C ILE D 697 31.63 -23.14 -39.05
N SER D 698 32.52 -23.83 -38.37
CA SER D 698 32.85 -25.22 -38.76
C SER D 698 33.36 -25.96 -37.53
N PHE D 699 33.34 -27.27 -37.59
CA PHE D 699 33.84 -28.12 -36.48
C PHE D 699 35.32 -27.83 -36.25
N ASP D 700 36.04 -27.55 -37.35
CA ASP D 700 37.50 -27.31 -37.34
C ASP D 700 37.85 -26.14 -36.43
N ASP D 701 36.93 -25.20 -36.29
CA ASP D 701 37.14 -24.00 -35.44
C ASP D 701 37.32 -24.42 -33.98
N PHE D 702 36.85 -25.60 -33.60
CA PHE D 702 36.91 -26.02 -32.17
C PHE D 702 37.82 -27.23 -31.93
N LYS D 703 38.59 -27.66 -32.92
CA LYS D 703 39.46 -28.85 -32.78
C LYS D 703 40.50 -28.65 -31.68
N ASN D 704 41.01 -27.43 -31.53
CA ASN D 704 42.09 -27.12 -30.56
C ASN D 704 41.55 -26.49 -29.29
N VAL D 705 40.25 -26.62 -29.04
CA VAL D 705 39.70 -26.02 -27.78
C VAL D 705 40.32 -26.73 -26.59
N LYS D 706 40.60 -25.99 -25.52
CA LYS D 706 41.16 -26.60 -24.29
C LYS D 706 40.10 -26.64 -23.20
N GLN D 707 39.58 -27.83 -22.92
CA GLN D 707 38.53 -28.00 -21.88
C GLN D 707 39.09 -27.55 -20.54
N GLN D 708 40.33 -27.93 -20.23
CA GLN D 708 40.98 -27.52 -18.97
C GLN D 708 41.78 -26.24 -19.19
N ALA D 709 41.14 -25.18 -19.66
CA ALA D 709 41.88 -23.92 -19.90
C ALA D 709 42.27 -23.29 -18.56
N LYS D 710 43.43 -22.63 -18.54
CA LYS D 710 43.91 -21.90 -17.36
C LYS D 710 44.34 -20.51 -17.83
N GLY D 711 44.12 -19.49 -16.99
CA GLY D 711 44.51 -18.11 -17.30
C GLY D 711 43.79 -17.53 -18.48
N ARG D 712 44.55 -16.95 -19.39
CA ARG D 712 44.02 -16.28 -20.60
C ARG D 712 43.55 -17.32 -21.60
N GLU D 713 43.78 -18.60 -21.26
CA GLU D 713 43.31 -19.74 -22.07
C GLU D 713 41.79 -19.75 -22.05
N ASN D 714 41.25 -19.30 -20.91
CA ASN D 714 39.80 -19.27 -20.64
C ASN D 714 39.12 -18.35 -21.66
N VAL D 715 39.80 -17.30 -22.08
CA VAL D 715 39.17 -16.32 -23.00
C VAL D 715 38.75 -17.03 -24.28
N ALA D 716 39.64 -17.80 -24.88
CA ALA D 716 39.28 -18.52 -26.11
C ALA D 716 38.19 -19.56 -25.82
N LYS D 717 38.27 -20.26 -24.70
CA LYS D 717 37.26 -21.30 -24.38
C LYS D 717 35.88 -20.66 -24.24
N GLU D 718 35.80 -19.57 -23.48
CA GLU D 718 34.52 -18.86 -23.28
C GLU D 718 33.99 -18.35 -24.63
N ARG D 719 34.87 -17.82 -25.48
CA ARG D 719 34.44 -17.33 -26.80
C ARG D 719 33.88 -18.48 -27.62
N ALA D 720 34.53 -19.65 -27.58
CA ALA D 720 34.03 -20.81 -28.34
C ALA D 720 32.65 -21.23 -27.84
N LYS D 721 32.44 -21.23 -26.53
CA LYS D 721 31.12 -21.61 -26.02
C LYS D 721 30.08 -20.59 -26.46
N ALA D 722 30.40 -19.31 -26.40
CA ALA D 722 29.45 -18.26 -26.78
C ALA D 722 29.08 -18.40 -28.26
N VAL D 723 30.04 -18.69 -29.12
CA VAL D 723 29.75 -18.81 -30.57
C VAL D 723 28.79 -19.95 -30.81
N ILE D 724 29.02 -21.10 -30.20
CA ILE D 724 28.12 -22.26 -30.39
C ILE D 724 26.74 -21.93 -29.82
N GLY D 725 26.68 -21.28 -28.67
CA GLY D 725 25.38 -20.91 -28.09
C GLY D 725 24.63 -20.02 -29.04
N LEU D 726 25.31 -19.02 -29.61
CA LEU D 726 24.64 -18.11 -30.55
C LEU D 726 24.18 -18.88 -31.80
N TYR D 727 25.03 -19.74 -32.35
CA TYR D 727 24.65 -20.46 -33.58
C TYR D 727 23.44 -21.36 -33.31
N LEU D 728 23.50 -22.15 -32.25
CA LEU D 728 22.37 -23.06 -31.93
C LEU D 728 21.11 -22.26 -31.64
N THR D 729 21.21 -21.12 -30.96
CA THR D 729 20.01 -20.32 -30.63
C THR D 729 19.34 -19.79 -31.89
N VAL D 730 20.12 -19.25 -32.83
CA VAL D 730 19.57 -18.68 -34.09
C VAL D 730 18.91 -19.78 -34.93
N MSE D 731 19.54 -20.93 -35.09
CA MSE D 731 18.93 -21.97 -35.86
C MSE D 731 17.68 -22.44 -35.15
O MSE D 731 16.67 -22.69 -35.77
CB MSE D 731 19.92 -23.04 -36.26
CG MSE D 731 21.12 -22.50 -37.06
SE MSE D 731 20.66 -21.15 -38.41
CE MSE D 731 19.86 -22.38 -39.66
N TYR D 732 17.76 -22.57 -33.83
CA TYR D 732 16.60 -23.03 -33.04
C TYR D 732 15.45 -22.02 -33.18
N LEU D 733 15.78 -20.74 -33.15
CA LEU D 733 14.72 -19.71 -33.28
C LEU D 733 14.01 -19.90 -34.62
N LEU D 734 14.75 -20.14 -35.69
CA LEU D 734 14.11 -20.29 -37.02
C LEU D 734 13.23 -21.54 -37.08
N VAL D 735 13.78 -22.70 -36.76
CA VAL D 735 13.02 -23.99 -36.82
C VAL D 735 11.84 -23.98 -35.84
N LYS D 736 12.01 -23.47 -34.64
CA LYS D 736 10.91 -23.44 -33.65
C LYS D 736 9.76 -22.58 -34.18
N ASN D 737 10.09 -21.41 -34.71
CA ASN D 737 9.04 -20.51 -35.22
C ASN D 737 8.29 -21.17 -36.37
N LEU D 738 8.98 -21.86 -37.27
CA LEU D 738 8.33 -22.55 -38.39
C LEU D 738 7.44 -23.69 -37.88
N VAL D 739 7.88 -24.44 -36.88
CA VAL D 739 7.05 -25.54 -36.31
C VAL D 739 5.80 -24.91 -35.67
N ASN D 740 5.98 -23.76 -35.00
CA ASN D 740 4.86 -23.07 -34.34
C ASN D 740 3.85 -22.54 -35.37
N VAL D 741 4.33 -22.03 -36.50
CA VAL D 741 3.39 -21.57 -37.57
C VAL D 741 2.65 -22.79 -38.11
N ASN D 742 3.36 -23.87 -38.32
CA ASN D 742 2.75 -25.11 -38.85
C ASN D 742 1.66 -25.62 -37.91
N ALA D 743 1.84 -25.46 -36.60
CA ALA D 743 0.88 -25.95 -35.58
C ALA D 743 -0.48 -25.30 -35.77
N ARG D 744 -0.51 -24.06 -36.23
CA ARG D 744 -1.79 -23.35 -36.45
C ARG D 744 -2.60 -24.07 -37.53
N TYR D 745 -1.91 -24.54 -38.56
CA TYR D 745 -2.48 -25.32 -39.68
C TYR D 745 -2.91 -26.69 -39.20
N VAL D 746 -2.16 -27.27 -38.27
CA VAL D 746 -2.52 -28.60 -37.74
C VAL D 746 -3.86 -28.45 -37.04
N ILE D 747 -4.03 -27.34 -36.33
CA ILE D 747 -5.29 -27.09 -35.59
C ILE D 747 -6.44 -26.98 -36.59
N ALA D 748 -6.25 -26.26 -37.68
CA ALA D 748 -7.31 -26.07 -38.69
C ALA D 748 -7.71 -27.43 -39.25
N ILE D 749 -6.74 -28.26 -39.60
CA ILE D 749 -7.06 -29.59 -40.17
C ILE D 749 -7.83 -30.37 -39.12
N HIS D 750 -7.37 -30.37 -37.87
CA HIS D 750 -8.03 -31.17 -36.81
C HIS D 750 -9.46 -30.67 -36.66
N CYS D 751 -9.65 -29.36 -36.67
CA CYS D 751 -11.00 -28.79 -36.51
C CYS D 751 -11.86 -29.15 -37.73
N LEU D 752 -11.30 -29.08 -38.92
CA LEU D 752 -12.07 -29.38 -40.15
C LEU D 752 -12.55 -30.82 -40.08
N GLU D 753 -11.66 -31.77 -39.82
CA GLU D 753 -12.09 -33.18 -39.74
C GLU D 753 -13.15 -33.31 -38.64
N ARG D 754 -12.93 -32.66 -37.50
CA ARG D 754 -13.86 -32.76 -36.36
C ARG D 754 -15.22 -32.18 -36.74
N ASP D 755 -15.22 -30.99 -37.33
CA ASP D 755 -16.44 -30.26 -37.74
C ASP D 755 -17.18 -31.03 -38.84
N PHE D 756 -16.44 -31.69 -39.72
CA PHE D 756 -17.10 -32.42 -40.82
C PHE D 756 -17.97 -33.51 -40.19
N GLY D 757 -17.40 -34.26 -39.26
CA GLY D 757 -18.19 -35.30 -38.62
C GLY D 757 -19.39 -34.71 -37.91
N LEU D 758 -19.24 -33.58 -37.23
CA LEU D 758 -20.42 -33.01 -36.55
C LEU D 758 -21.47 -32.50 -37.53
N TYR D 759 -21.07 -31.79 -38.58
CA TYR D 759 -22.08 -31.24 -39.51
C TYR D 759 -22.79 -32.39 -40.22
N LYS D 760 -22.06 -33.46 -40.52
CA LYS D 760 -22.60 -34.58 -41.32
C LYS D 760 -23.90 -35.05 -40.70
N GLU D 761 -23.95 -35.14 -39.38
CA GLU D 761 -25.19 -35.61 -38.74
C GLU D 761 -26.34 -34.63 -38.99
N ILE D 762 -26.06 -33.33 -39.08
CA ILE D 762 -27.18 -32.36 -39.22
C ILE D 762 -27.32 -31.83 -40.64
N ILE D 763 -26.44 -32.22 -41.56
CA ILE D 763 -26.54 -31.76 -42.96
C ILE D 763 -26.71 -32.98 -43.88
N PRO D 764 -27.94 -33.28 -44.33
CA PRO D 764 -28.21 -34.46 -45.16
C PRO D 764 -27.38 -34.53 -46.44
N GLU D 765 -27.08 -33.37 -47.02
CA GLU D 765 -26.32 -33.27 -48.28
C GLU D 765 -24.96 -33.95 -48.12
N LEU D 766 -24.37 -33.85 -46.93
CA LEU D 766 -23.02 -34.40 -46.64
C LEU D 766 -23.03 -35.92 -46.47
N ALA D 767 -24.20 -36.56 -46.48
CA ALA D 767 -24.30 -37.99 -46.09
C ALA D 767 -23.44 -38.91 -46.95
N SER D 768 -23.33 -38.67 -48.25
CA SER D 768 -22.52 -39.57 -49.10
C SER D 768 -21.06 -39.10 -49.17
N LYS D 769 -20.81 -37.84 -48.86
CA LYS D 769 -19.48 -37.21 -49.03
C LYS D 769 -18.39 -37.76 -48.10
N ASN D 770 -17.16 -37.78 -48.61
CA ASN D 770 -15.95 -38.17 -47.85
C ASN D 770 -14.97 -37.00 -47.89
N LEU D 771 -14.53 -36.56 -46.71
CA LEU D 771 -13.65 -35.37 -46.61
C LEU D 771 -12.35 -35.62 -47.36
N LYS D 772 -11.82 -36.83 -47.22
CA LYS D 772 -10.50 -37.12 -47.82
C LYS D 772 -10.56 -36.91 -49.32
N ASN D 773 -11.69 -37.23 -49.96
CA ASN D 773 -11.84 -37.00 -51.41
C ASN D 773 -11.82 -35.51 -51.73
N ASP D 774 -12.52 -34.70 -50.96
CA ASP D 774 -12.42 -33.23 -51.23
C ASP D 774 -12.56 -32.45 -49.93
N TYR D 775 -11.43 -31.90 -49.47
CA TYR D 775 -11.34 -31.12 -48.20
C TYR D 775 -12.19 -29.86 -48.31
N ARG D 776 -12.56 -29.44 -49.52
CA ARG D 776 -13.35 -28.19 -49.63
C ARG D 776 -14.84 -28.39 -49.39
N ILE D 777 -15.28 -29.63 -49.20
CA ILE D 777 -16.73 -29.97 -49.05
C ILE D 777 -17.43 -29.24 -47.90
N LEU D 778 -16.82 -29.07 -46.73
CA LEU D 778 -17.64 -28.46 -45.66
C LEU D 778 -17.92 -27.00 -45.98
N SER D 779 -16.90 -26.25 -46.34
CA SER D 779 -17.13 -24.81 -46.64
C SER D 779 -18.03 -24.63 -47.87
N GLN D 780 -17.81 -25.45 -48.91
CA GLN D 780 -18.62 -25.36 -50.16
C GLN D 780 -20.09 -25.61 -49.83
N THR D 781 -20.40 -26.76 -49.23
CA THR D 781 -21.80 -27.11 -48.85
C THR D 781 -22.42 -25.96 -48.08
N LEU D 782 -21.81 -25.59 -46.94
CA LEU D 782 -22.32 -24.47 -46.10
C LEU D 782 -22.46 -23.22 -46.96
N CYS D 783 -21.48 -22.87 -47.75
CA CYS D 783 -21.69 -21.58 -48.48
C CYS D 783 -22.98 -21.59 -49.31
N GLU D 784 -23.12 -22.53 -50.23
CA GLU D 784 -24.29 -22.59 -51.15
C GLU D 784 -25.61 -22.39 -50.39
N LEU D 785 -25.81 -23.15 -49.32
CA LEU D 785 -27.05 -23.07 -48.50
C LEU D 785 -27.37 -21.62 -48.16
N CYS D 786 -26.40 -20.89 -47.62
CA CYS D 786 -26.59 -19.46 -47.24
C CYS D 786 -27.23 -18.71 -48.42
N ASP D 787 -26.54 -18.70 -49.55
CA ASP D 787 -27.07 -18.04 -50.77
C ASP D 787 -28.39 -18.72 -51.11
N ASP D 788 -28.43 -20.05 -51.05
CA ASP D 788 -29.65 -20.83 -51.40
C ASP D 788 -30.86 -20.37 -50.59
N ARG D 789 -30.88 -20.54 -49.27
CA ARG D 789 -32.18 -20.24 -48.62
C ARG D 789 -32.15 -19.84 -47.13
N ASN D 790 -31.41 -18.81 -46.74
CA ASN D 790 -31.49 -18.50 -45.28
C ASN D 790 -31.32 -19.82 -44.51
N GLU D 791 -30.99 -20.89 -45.23
CA GLU D 791 -30.78 -22.24 -44.65
C GLU D 791 -29.30 -22.45 -44.41
N SER D 792 -28.92 -22.38 -43.14
CA SER D 792 -27.57 -22.61 -42.59
C SER D 792 -27.66 -22.46 -41.07
N SER D 793 -26.91 -23.27 -40.36
CA SER D 793 -26.88 -23.23 -38.88
C SER D 793 -25.59 -22.48 -38.47
N ASN D 794 -24.73 -22.23 -39.45
CA ASN D 794 -23.42 -21.56 -39.27
C ASN D 794 -23.63 -20.05 -39.29
N LEU D 795 -23.60 -19.43 -38.12
CA LEU D 795 -23.80 -17.98 -37.98
C LEU D 795 -22.70 -17.21 -38.70
N PHE D 796 -21.49 -17.75 -38.80
CA PHE D 796 -20.44 -16.94 -39.46
C PHE D 796 -20.81 -16.65 -40.91
N LEU D 797 -21.06 -17.69 -41.70
CA LEU D 797 -21.40 -17.45 -43.11
C LEU D 797 -22.75 -16.73 -43.25
N LYS D 798 -23.76 -17.19 -42.52
CA LYS D 798 -25.11 -16.60 -42.69
C LYS D 798 -25.12 -15.11 -42.34
N LYS D 799 -24.55 -14.73 -41.20
CA LYS D 799 -24.58 -13.31 -40.79
C LYS D 799 -23.81 -12.39 -41.76
N ASN D 800 -22.73 -12.89 -42.37
CA ASN D 800 -21.89 -12.01 -43.22
C ASN D 800 -21.93 -12.48 -44.67
N LYS D 801 -22.72 -11.82 -45.50
CA LYS D 801 -22.83 -12.17 -46.94
C LYS D 801 -21.52 -11.88 -47.67
N ARG D 802 -20.90 -10.73 -47.40
CA ARG D 802 -19.63 -10.33 -48.05
C ARG D 802 -18.54 -11.35 -47.67
N LEU D 803 -18.56 -11.84 -46.43
CA LEU D 803 -17.55 -12.82 -45.94
C LEU D 803 -17.91 -14.21 -46.50
N ARG D 804 -19.18 -14.43 -46.84
CA ARG D 804 -19.64 -15.73 -47.38
C ARG D 804 -19.20 -15.85 -48.85
N LYS D 805 -19.47 -14.81 -49.65
CA LYS D 805 -19.10 -14.81 -51.09
C LYS D 805 -17.57 -14.78 -51.22
N CYS D 806 -16.89 -14.08 -50.30
CA CYS D 806 -15.41 -13.98 -50.31
C CYS D 806 -14.80 -15.39 -50.25
N VAL D 807 -15.32 -16.24 -49.37
CA VAL D 807 -14.81 -17.64 -49.22
C VAL D 807 -15.13 -18.41 -50.50
N GLU D 808 -16.31 -18.19 -51.07
CA GLU D 808 -16.72 -18.89 -52.32
C GLU D 808 -15.66 -18.66 -53.41
N VAL D 809 -15.31 -17.40 -53.65
CA VAL D 809 -14.27 -17.06 -54.68
C VAL D 809 -13.00 -17.85 -54.39
N ASP D 810 -12.63 -17.94 -53.11
CA ASP D 810 -11.41 -18.70 -52.69
C ASP D 810 -11.63 -20.20 -52.87
N ILE D 811 -12.83 -20.72 -52.57
CA ILE D 811 -13.09 -22.18 -52.71
C ILE D 811 -12.95 -22.58 -54.18
N ASN D 812 -13.39 -21.71 -55.06
CA ASN D 812 -13.36 -21.97 -56.52
C ASN D 812 -11.92 -22.05 -57.04
N ASN D 813 -11.03 -21.22 -56.50
CA ASN D 813 -9.60 -21.21 -56.92
C ASN D 813 -8.90 -22.52 -56.57
N ALA D 814 -9.37 -23.16 -55.50
CA ALA D 814 -8.76 -24.40 -54.96
C ALA D 814 -9.11 -25.62 -55.79
N ASP D 815 -8.60 -26.79 -55.39
CA ASP D 815 -8.92 -28.05 -56.09
C ASP D 815 -8.74 -29.21 -55.12
N SER D 816 -9.39 -30.34 -55.36
CA SER D 816 -9.28 -31.46 -54.38
C SER D 816 -7.82 -31.90 -54.27
N SER D 817 -7.10 -31.95 -55.38
CA SER D 817 -5.71 -32.45 -55.32
C SER D 817 -4.81 -31.54 -54.46
N MSE D 818 -4.88 -30.24 -54.68
CA MSE D 818 -4.06 -29.28 -53.99
C MSE D 818 -4.33 -29.30 -52.52
O MSE D 818 -3.42 -29.44 -51.70
CB MSE D 818 -4.69 -28.00 -54.48
CG MSE D 818 -3.81 -26.88 -54.97
SE MSE D 818 -4.86 -25.24 -54.89
CE MSE D 818 -5.87 -25.63 -56.53
N THR D 819 -5.61 -29.22 -52.18
CA THR D 819 -5.99 -29.20 -50.76
C THR D 819 -5.50 -30.49 -50.12
N ARG D 820 -5.56 -31.61 -50.85
CA ARG D 820 -5.09 -32.88 -50.23
C ARG D 820 -3.59 -32.78 -49.96
N LYS D 821 -2.85 -32.22 -50.90
CA LYS D 821 -1.39 -32.10 -50.72
C LYS D 821 -1.11 -31.19 -49.52
N TYR D 822 -1.84 -30.09 -49.41
CA TYR D 822 -1.65 -29.14 -48.29
C TYR D 822 -1.92 -29.85 -46.95
N ALA D 823 -2.98 -30.63 -46.87
CA ALA D 823 -3.30 -31.34 -45.62
C ALA D 823 -2.17 -32.32 -45.28
N ASN D 824 -1.69 -33.03 -46.28
CA ASN D 824 -0.59 -34.01 -46.04
C ASN D 824 0.68 -33.27 -45.62
N CYS D 825 0.99 -32.16 -46.27
CA CYS D 825 2.20 -31.40 -45.94
C CYS D 825 2.13 -30.85 -44.50
N ILE D 826 0.95 -30.39 -44.09
CA ILE D 826 0.78 -29.81 -42.73
C ILE D 826 1.05 -30.88 -41.69
N ALA D 827 0.43 -32.03 -41.84
CA ALA D 827 0.57 -33.17 -40.92
C ALA D 827 2.00 -33.71 -40.96
N HIS D 828 2.68 -33.58 -42.08
CA HIS D 828 4.02 -34.21 -42.15
C HIS D 828 5.14 -33.20 -41.94
N LEU D 829 4.79 -31.95 -41.62
CA LEU D 829 5.81 -30.90 -41.37
C LEU D 829 6.78 -30.85 -42.55
N THR D 830 6.22 -30.95 -43.74
CA THR D 830 6.98 -30.92 -45.01
C THR D 830 7.71 -29.59 -45.14
N VAL D 831 7.10 -28.51 -44.65
CA VAL D 831 7.74 -27.19 -44.77
C VAL D 831 9.05 -27.21 -43.98
N VAL D 832 9.08 -27.81 -42.81
CA VAL D 832 10.40 -27.88 -42.12
C VAL D 832 11.33 -28.82 -42.88
N ARG D 833 10.81 -29.96 -43.33
CA ARG D 833 11.63 -30.98 -44.00
C ARG D 833 12.25 -30.42 -45.28
N GLU D 834 11.53 -29.55 -46.01
CA GLU D 834 12.02 -29.01 -47.30
C GLU D 834 12.46 -27.55 -47.16
N LEU D 835 12.80 -27.13 -45.96
CA LEU D 835 13.18 -25.71 -45.77
C LEU D 835 14.45 -25.36 -46.56
N LYS D 836 15.47 -26.19 -46.47
CA LYS D 836 16.73 -25.83 -47.18
C LYS D 836 16.48 -25.78 -48.68
N GLU D 837 15.65 -26.68 -49.20
CA GLU D 837 15.51 -26.73 -50.68
C GLU D 837 14.98 -25.42 -51.25
N TYR D 838 13.88 -24.88 -50.74
CA TYR D 838 13.36 -23.63 -51.36
C TYR D 838 13.69 -22.37 -50.57
N ILE D 839 14.24 -22.48 -49.38
CA ILE D 839 14.43 -21.25 -48.53
C ILE D 839 15.34 -20.24 -49.23
N GLY D 840 16.34 -20.71 -49.97
CA GLY D 840 17.34 -19.88 -50.66
C GLY D 840 16.73 -18.97 -51.69
N ASP D 841 15.68 -19.44 -52.36
CA ASP D 841 15.02 -18.63 -53.42
C ASP D 841 14.38 -17.34 -52.90
N ILE D 842 13.86 -17.36 -51.67
CA ILE D 842 13.05 -16.21 -51.18
C ILE D 842 13.84 -14.94 -51.37
N ARG D 843 13.25 -13.98 -52.07
CA ARG D 843 13.89 -12.67 -52.32
C ARG D 843 14.02 -11.87 -51.02
N THR D 844 12.94 -11.76 -50.27
CA THR D 844 12.98 -10.99 -49.00
C THR D 844 12.35 -11.80 -47.84
N VAL D 845 13.01 -11.82 -46.69
CA VAL D 845 12.50 -12.55 -45.50
C VAL D 845 12.02 -11.52 -44.50
N ASP D 846 10.71 -11.40 -44.29
CA ASP D 846 10.23 -10.38 -43.33
C ASP D 846 9.34 -10.99 -42.25
N SER D 847 8.92 -12.23 -42.42
CA SER D 847 8.08 -12.87 -41.37
C SER D 847 8.20 -14.39 -41.45
N TYR D 848 7.93 -15.06 -40.33
CA TYR D 848 7.90 -16.54 -40.33
C TYR D 848 6.73 -16.97 -41.20
N PHE D 849 5.64 -16.22 -41.11
CA PHE D 849 4.43 -16.54 -41.90
C PHE D 849 4.76 -16.51 -43.40
N SER D 850 5.43 -15.46 -43.85
CA SER D 850 5.79 -15.38 -45.29
C SER D 850 6.75 -16.52 -45.63
N ILE D 851 7.67 -16.85 -44.74
CA ILE D 851 8.64 -17.95 -45.00
C ILE D 851 7.88 -19.26 -45.12
N TYR D 852 6.94 -19.48 -44.21
CA TYR D 852 6.20 -20.76 -44.21
C TYR D 852 5.39 -20.91 -45.50
N HIS D 853 4.68 -19.86 -45.88
CA HIS D 853 3.81 -19.92 -47.08
C HIS D 853 4.62 -20.12 -48.37
N TYR D 854 5.76 -19.45 -48.50
CA TYR D 854 6.53 -19.63 -49.74
C TYR D 854 6.97 -21.08 -49.89
N VAL D 855 7.48 -21.67 -48.82
CA VAL D 855 7.99 -23.06 -48.89
C VAL D 855 6.85 -24.04 -49.17
N MSE D 856 5.71 -23.82 -48.52
CA MSE D 856 4.57 -24.68 -48.71
C MSE D 856 4.13 -24.53 -50.12
O MSE D 856 3.83 -25.53 -50.76
CB MSE D 856 3.45 -24.34 -47.73
CG MSE D 856 2.18 -25.07 -48.01
SE MSE D 856 2.42 -26.93 -47.56
CE MSE D 856 2.00 -26.66 -45.68
N GLN D 857 4.12 -23.30 -50.63
CA GLN D 857 3.65 -23.06 -52.02
C GLN D 857 4.58 -23.82 -52.98
N ARG D 858 5.89 -23.82 -52.74
CA ARG D 858 6.83 -24.58 -53.60
C ARG D 858 6.58 -26.09 -53.48
N CYS D 859 6.35 -26.59 -52.27
CA CYS D 859 6.12 -28.05 -52.12
C CYS D 859 4.83 -28.45 -52.85
N ILE D 860 3.80 -27.62 -52.74
CA ILE D 860 2.50 -27.98 -53.35
C ILE D 860 2.62 -28.00 -54.88
N THR D 861 3.24 -26.99 -55.46
CA THR D 861 3.36 -26.89 -56.94
C THR D 861 4.50 -27.75 -57.49
N LYS D 862 5.14 -28.57 -56.69
CA LYS D 862 6.26 -29.33 -57.30
C LYS D 862 5.73 -30.49 -58.14
N ARG D 863 6.58 -31.01 -59.02
CA ARG D 863 6.26 -32.11 -59.96
C ARG D 863 6.95 -33.39 -59.48
N LYS D 872 -1.18 -28.51 -63.92
CA LYS D 872 -0.39 -27.66 -62.99
C LYS D 872 -1.34 -26.76 -62.19
N ILE D 873 -0.77 -25.96 -61.29
CA ILE D 873 -1.54 -24.98 -60.49
C ILE D 873 -1.43 -23.64 -61.20
N LYS D 874 -2.51 -22.86 -61.14
CA LYS D 874 -2.64 -21.52 -61.78
C LYS D 874 -1.63 -20.56 -61.18
N TYR D 875 -1.34 -20.70 -59.89
CA TYR D 875 -0.47 -19.73 -59.19
C TYR D 875 1.01 -20.13 -59.31
N GLU D 876 1.27 -21.28 -59.92
CA GLU D 876 2.68 -21.70 -59.97
C GLU D 876 3.52 -20.68 -60.69
N ASP D 877 3.01 -20.12 -61.79
CA ASP D 877 3.83 -19.21 -62.63
C ASP D 877 4.22 -17.97 -61.85
N ASP D 878 3.29 -17.30 -61.20
CA ASP D 878 3.67 -16.09 -60.42
C ASP D 878 4.53 -16.46 -59.21
N LEU D 879 4.40 -17.70 -58.71
CA LEU D 879 5.16 -18.06 -57.49
C LEU D 879 6.65 -18.14 -57.78
N LEU D 880 7.03 -19.00 -58.73
CA LEU D 880 8.46 -19.17 -59.11
C LEU D 880 8.95 -17.84 -59.69
N LYS D 881 8.04 -17.08 -60.26
CA LYS D 881 8.42 -15.77 -60.83
C LYS D 881 8.73 -14.78 -59.69
N ASN D 882 7.74 -14.54 -58.85
CA ASN D 882 7.79 -13.53 -57.75
C ASN D 882 8.85 -13.84 -56.69
N HIS D 883 9.17 -15.12 -56.48
CA HIS D 883 10.12 -15.50 -55.43
C HIS D 883 9.55 -15.03 -54.08
N GLY D 884 8.22 -15.08 -53.98
CA GLY D 884 7.48 -14.67 -52.77
C GLY D 884 6.13 -15.36 -52.70
N TYR D 885 5.61 -15.55 -51.50
CA TYR D 885 4.30 -16.25 -51.36
C TYR D 885 3.19 -15.42 -52.04
N THR D 886 2.23 -16.12 -52.64
CA THR D 886 1.07 -15.46 -53.31
C THR D 886 -0.09 -15.41 -52.33
N LYS D 887 -0.58 -14.23 -52.00
CA LYS D 887 -1.67 -14.12 -50.99
C LYS D 887 -2.91 -14.91 -51.39
N ASP D 888 -3.30 -14.81 -52.64
CA ASP D 888 -4.52 -15.49 -53.17
C ASP D 888 -4.30 -17.00 -53.11
N PHE D 889 -3.07 -17.44 -53.32
CA PHE D 889 -2.76 -18.89 -53.25
C PHE D 889 -3.05 -19.34 -51.81
N VAL D 890 -2.71 -18.48 -50.85
CA VAL D 890 -2.91 -18.79 -49.41
C VAL D 890 -4.41 -18.90 -49.12
N LYS D 891 -5.18 -17.94 -49.58
CA LYS D 891 -6.64 -17.97 -49.33
C LYS D 891 -7.20 -19.23 -49.99
N ALA D 892 -6.67 -19.59 -51.16
CA ALA D 892 -7.19 -20.77 -51.88
C ALA D 892 -6.93 -22.04 -51.08
N LEU D 893 -5.70 -22.21 -50.60
CA LEU D 893 -5.31 -23.39 -49.82
C LEU D 893 -6.07 -23.45 -48.50
N ASN D 894 -6.40 -22.29 -47.96
CA ASN D 894 -7.13 -22.16 -46.67
C ASN D 894 -8.64 -22.22 -46.87
N SER D 895 -9.08 -22.44 -48.11
CA SER D 895 -10.52 -22.42 -48.46
C SER D 895 -11.27 -23.47 -47.65
N PRO D 896 -10.70 -24.67 -47.39
CA PRO D 896 -11.39 -25.68 -46.62
C PRO D 896 -11.72 -25.20 -45.20
N PHE D 897 -11.12 -24.11 -44.75
CA PHE D 897 -11.34 -23.59 -43.36
C PHE D 897 -12.24 -22.36 -43.43
N GLY D 898 -12.85 -22.15 -44.58
CA GLY D 898 -13.72 -20.99 -44.86
C GLY D 898 -14.89 -20.94 -43.91
N TYR D 899 -15.38 -22.10 -43.49
CA TYR D 899 -16.56 -22.17 -42.61
C TYR D 899 -16.27 -21.43 -41.30
N ASN D 900 -15.03 -21.52 -40.81
CA ASN D 900 -14.67 -20.78 -39.57
C ASN D 900 -14.04 -19.47 -40.02
N ILE D 901 -14.83 -18.41 -40.06
CA ILE D 901 -14.31 -17.13 -40.63
C ILE D 901 -13.13 -16.58 -39.83
N PRO D 902 -13.16 -16.51 -38.49
CA PRO D 902 -12.01 -15.99 -37.76
C PRO D 902 -10.76 -16.84 -38.04
N ARG D 903 -10.86 -18.15 -38.01
CA ARG D 903 -9.68 -19.01 -38.29
C ARG D 903 -9.21 -18.79 -39.71
N PHE D 904 -10.14 -18.70 -40.66
CA PHE D 904 -9.76 -18.55 -42.08
C PHE D 904 -9.04 -17.24 -42.33
N LYS D 905 -9.49 -16.15 -41.70
CA LYS D 905 -8.88 -14.80 -41.88
C LYS D 905 -7.56 -14.73 -41.11
N ASN D 906 -7.50 -15.37 -39.95
CA ASN D 906 -6.27 -15.35 -39.11
C ASN D 906 -5.16 -16.13 -39.82
N LEU D 907 -5.48 -17.23 -40.47
CA LEU D 907 -4.49 -18.08 -41.17
C LEU D 907 -4.23 -17.59 -42.58
N SER D 908 -5.10 -16.74 -43.12
CA SER D 908 -4.92 -16.33 -44.53
C SER D 908 -4.21 -14.99 -44.63
N ILE D 909 -4.46 -14.09 -43.69
CA ILE D 909 -3.87 -12.73 -43.75
C ILE D 909 -2.75 -12.59 -42.73
N GLU D 910 -1.57 -12.21 -43.21
CA GLU D 910 -0.35 -12.13 -42.37
C GLU D 910 -0.52 -11.15 -41.21
N GLN D 911 -1.15 -10.02 -41.45
CA GLN D 911 -1.33 -9.00 -40.39
C GLN D 911 -2.17 -9.56 -39.24
N LEU D 912 -3.01 -10.54 -39.51
CA LEU D 912 -3.89 -11.03 -38.43
C LEU D 912 -3.36 -12.32 -37.81
N PHE D 913 -2.35 -12.94 -38.44
CA PHE D 913 -1.89 -14.28 -38.03
C PHE D 913 -1.32 -14.41 -36.61
N ASP D 914 -0.36 -13.57 -36.24
CA ASP D 914 0.35 -13.71 -34.95
C ASP D 914 -0.17 -12.69 -33.95
N ARG D 915 -0.60 -13.17 -32.79
CA ARG D 915 -1.13 -12.32 -31.70
C ARG D 915 -0.03 -11.40 -31.17
N ASN D 916 1.25 -11.75 -31.37
CA ASN D 916 2.36 -10.93 -30.83
C ASN D 916 2.85 -9.88 -31.83
N GLU D 917 2.43 -9.96 -33.08
CA GLU D 917 2.91 -8.97 -34.08
C GLU D 917 2.02 -7.74 -34.12
N TYR D 918 2.58 -6.63 -34.60
CA TYR D 918 1.84 -5.37 -34.82
C TYR D 918 1.12 -4.89 -33.56
N LEU D 919 1.76 -4.94 -32.39
CA LEU D 919 1.09 -4.46 -31.17
C LEU D 919 0.65 -3.01 -31.35
N THR D 920 1.53 -2.15 -31.90
CA THR D 920 1.28 -0.71 -32.17
C THR D 920 0.31 -0.56 -33.35
N GLU D 921 -0.97 -0.87 -33.10
CA GLU D 921 -2.05 -0.79 -34.13
C GLU D 921 -3.34 -0.33 -33.47
N LYS D 922 -3.50 0.99 -33.32
CA LYS D 922 -4.70 1.63 -32.70
C LYS D 922 -4.81 1.26 -31.23
MG MG E . -18.95 30.31 24.40
MG MG F . -12.83 -20.65 -26.55
#